data_1E2O
# 
_entry.id   1E2O 
# 
_audit_conform.dict_name       mmcif_pdbx.dic 
_audit_conform.dict_version    5.392 
_audit_conform.dict_location   http://mmcif.pdb.org/dictionaries/ascii/mmcif_pdbx.dic 
# 
loop_
_database_2.database_id 
_database_2.database_code 
_database_2.pdbx_database_accession 
_database_2.pdbx_DOI 
PDB   1E2O         pdb_00001e2o 10.2210/pdb1e2o/pdb 
WWPDB D_1000172977 ?            ?                   
# 
loop_
_pdbx_audit_revision_history.ordinal 
_pdbx_audit_revision_history.data_content_type 
_pdbx_audit_revision_history.major_revision 
_pdbx_audit_revision_history.minor_revision 
_pdbx_audit_revision_history.revision_date 
1 'Structure model' 1 0 1998-12-02 
2 'Structure model' 1 1 2008-03-24 
3 'Structure model' 1 2 2011-07-13 
4 'Structure model' 1 3 2023-08-09 
5 'Structure model' 1 4 2024-05-22 
# 
_pdbx_audit_revision_details.ordinal             1 
_pdbx_audit_revision_details.revision_ordinal    1 
_pdbx_audit_revision_details.data_content_type   'Structure model' 
_pdbx_audit_revision_details.provider            repository 
_pdbx_audit_revision_details.type                'Initial release' 
_pdbx_audit_revision_details.description         ? 
_pdbx_audit_revision_details.details             ? 
# 
loop_
_pdbx_audit_revision_group.ordinal 
_pdbx_audit_revision_group.revision_ordinal 
_pdbx_audit_revision_group.data_content_type 
_pdbx_audit_revision_group.group 
1 2 'Structure model' 'Version format compliance' 
2 3 'Structure model' 'Derived calculations'      
3 3 'Structure model' 'Version format compliance' 
4 4 'Structure model' 'Database references'       
5 4 'Structure model' 'Derived calculations'      
6 4 'Structure model' Other                       
7 4 'Structure model' 'Refinement description'    
8 5 'Structure model' 'Data collection'           
# 
loop_
_pdbx_audit_revision_category.ordinal 
_pdbx_audit_revision_category.revision_ordinal 
_pdbx_audit_revision_category.data_content_type 
_pdbx_audit_revision_category.category 
1 4 'Structure model' database_2                    
2 4 'Structure model' pdbx_database_status          
3 4 'Structure model' pdbx_initial_refinement_model 
4 4 'Structure model' pdbx_struct_special_symmetry  
5 4 'Structure model' software                      
6 4 'Structure model' struct_site                   
7 5 'Structure model' chem_comp_atom                
8 5 'Structure model' chem_comp_bond                
# 
loop_
_pdbx_audit_revision_item.ordinal 
_pdbx_audit_revision_item.revision_ordinal 
_pdbx_audit_revision_item.data_content_type 
_pdbx_audit_revision_item.item 
1 4 'Structure model' '_database_2.pdbx_DOI'                
2 4 'Structure model' '_database_2.pdbx_database_accession' 
3 4 'Structure model' '_pdbx_database_status.process_site'  
4 4 'Structure model' '_software.name'                      
5 4 'Structure model' '_struct_site.pdbx_auth_asym_id'      
6 4 'Structure model' '_struct_site.pdbx_auth_comp_id'      
7 4 'Structure model' '_struct_site.pdbx_auth_seq_id'       
# 
_pdbx_database_status.status_code                     REL 
_pdbx_database_status.entry_id                        1E2O 
_pdbx_database_status.recvd_initial_deposition_date   1998-05-26 
_pdbx_database_status.deposit_site                    ? 
_pdbx_database_status.process_site                    BNL 
_pdbx_database_status.SG_entry                        . 
_pdbx_database_status.pdb_format_compatible           Y 
_pdbx_database_status.status_code_mr                  ? 
_pdbx_database_status.status_code_sf                  ? 
_pdbx_database_status.status_code_cs                  ? 
_pdbx_database_status.status_code_nmr_data            ? 
_pdbx_database_status.methods_development_category    ? 
# 
loop_
_audit_author.name 
_audit_author.pdbx_ordinal 
'Knapp, J.E.'    1 
'Mitchell, D.T.' 2 
'Yazdi, M.A.'    3 
'Ernst, S.R.'    4 
'Reed, L.J.'     5 
'Hackert, M.L.'  6 
# 
loop_
_citation.id 
_citation.title 
_citation.journal_abbrev 
_citation.journal_volume 
_citation.page_first 
_citation.page_last 
_citation.year 
_citation.journal_id_ASTM 
_citation.country 
_citation.journal_id_ISSN 
_citation.journal_id_CSD 
_citation.book_publisher 
_citation.pdbx_database_id_PubMed 
_citation.pdbx_database_id_DOI 
primary 
'Crystal structure of the truncated cubic core component of the Escherichia coli 2-oxoglutarate dehydrogenase multienzyme complex.' 
J.Mol.Biol.            280 655  668 1998 JMOBAK UK 0022-2836 0070 ? 9677295 10.1006/jmbi.1998.1924 
1       'Atomic Structure of the Cubic Core of the Pyruvate Dehydrogenase Multienzyme Complex' Science                255 1544 ?   
1992 SCIEAS US 0036-8075 0038 ? ?       ?                      
2       
;Nucleotide Sequence of the Sucb Gene Encoding the Dihydrolipoamide Succinyltransferase of Escherichia Coli K12 and Homology with the Corresponding Acetyltransferase
;
Eur.J.Biochem.         141 361  ?   1984 EJBCAI IX 0014-2956 0262 ? ?       ?                      
3       
;Crystallization and Preliminary Structural Analysis of Dihydrolipoyl Transsuccinylase, the Core of the 2-Oxoglutarate Dehydrogenase Complex
;
Proc.Natl.Acad.Sci.USA 68  1135 ?   1971 PNASA6 US 0027-8424 0040 ? ?       ?                      
# 
loop_
_citation_author.citation_id 
_citation_author.name 
_citation_author.ordinal 
_citation_author.identifier_ORCID 
primary 'Knapp, J.E.'       1  ? 
primary 'Mitchell, D.T.'    2  ? 
primary 'Yazdi, M.A.'       3  ? 
primary 'Ernst, S.R.'       4  ? 
primary 'Reed, L.J.'        5  ? 
primary 'Hackert, M.L.'     6  ? 
1       'Mattevi, A.'       7  ? 
1       'Obmolova, G.'      8  ? 
1       'Schulze, E.'       9  ? 
1       'Kalk, K.H.'        10 ? 
1       'Westphal, A.H.'    11 ? 
1       'De Kok, A.'        12 ? 
1       'Hol, W.G.'         13 ? 
2       'Spencer, M.E.'     14 ? 
2       'Darlison, M.G.'    15 ? 
2       'Stephens, P.E.'    16 ? 
2       'Duckenfield, I.K.' 17 ? 
2       'Guest, J.R.'       18 ? 
3       'Derosier, D.J.'    19 ? 
3       'Oliver, R.M.'      20 ? 
3       'Reed, L.J.'        21 ? 
# 
loop_
_entity.id 
_entity.type 
_entity.src_method 
_entity.pdbx_description 
_entity.formula_weight 
_entity.pdbx_number_of_molecules 
_entity.pdbx_ec 
_entity.pdbx_mutation 
_entity.pdbx_fragment 
_entity.details 
1 polymer     man 'DIHYDROLIPOAMIDE SUCCINYLTRANSFERASE' 26107.420 1  2.3.1.61 ? 'CATALYTIC DOMAIN, RESIDUES 172 - 404' ? 
2 non-polymer syn 'SULFATE ION'                          96.063    1  ?        ? ?                                      ? 
3 water       nat water                                  18.015    16 ?        ? ?                                      ? 
# 
_entity_name_com.entity_id   1 
_entity_name_com.name        E2O 
# 
_entity_poly.entity_id                      1 
_entity_poly.type                           'polypeptide(L)' 
_entity_poly.nstd_linkage                   no 
_entity_poly.nstd_monomer                   no 
_entity_poly.pdbx_seq_one_letter_code       
;ARSEKRVPMTRLRKRVAERLLEAKNSTAMLTTFNEVNMKPIMDLRKQYGEAFEKRHGIRLGFMSFYVKAVVEALKRYPEV
NASIDGDDVVYHNYFDVSMAVSTPRGLVTPVLRDVDTLGMADIEKKIKELAVKGRDGKLTVEDLTGGNFTITNGGVFGSL
MSTPIINPPQSAILGMHAIKDRPMAVNGQVEILPMMYLALSYDHRLIDGRESVGFLVTIKELLEDPTRLLLDV
;
_entity_poly.pdbx_seq_one_letter_code_can   
;ARSEKRVPMTRLRKRVAERLLEAKNSTAMLTTFNEVNMKPIMDLRKQYGEAFEKRHGIRLGFMSFYVKAVVEALKRYPEV
NASIDGDDVVYHNYFDVSMAVSTPRGLVTPVLRDVDTLGMADIEKKIKELAVKGRDGKLTVEDLTGGNFTITNGGVFGSL
MSTPIINPPQSAILGMHAIKDRPMAVNGQVEILPMMYLALSYDHRLIDGRESVGFLVTIKELLEDPTRLLLDV
;
_entity_poly.pdbx_strand_id                 A 
_entity_poly.pdbx_target_identifier         ? 
# 
loop_
_pdbx_entity_nonpoly.entity_id 
_pdbx_entity_nonpoly.name 
_pdbx_entity_nonpoly.comp_id 
2 'SULFATE ION' SO4 
3 water         HOH 
# 
loop_
_entity_poly_seq.entity_id 
_entity_poly_seq.num 
_entity_poly_seq.mon_id 
_entity_poly_seq.hetero 
1 1   ALA n 
1 2   ARG n 
1 3   SER n 
1 4   GLU n 
1 5   LYS n 
1 6   ARG n 
1 7   VAL n 
1 8   PRO n 
1 9   MET n 
1 10  THR n 
1 11  ARG n 
1 12  LEU n 
1 13  ARG n 
1 14  LYS n 
1 15  ARG n 
1 16  VAL n 
1 17  ALA n 
1 18  GLU n 
1 19  ARG n 
1 20  LEU n 
1 21  LEU n 
1 22  GLU n 
1 23  ALA n 
1 24  LYS n 
1 25  ASN n 
1 26  SER n 
1 27  THR n 
1 28  ALA n 
1 29  MET n 
1 30  LEU n 
1 31  THR n 
1 32  THR n 
1 33  PHE n 
1 34  ASN n 
1 35  GLU n 
1 36  VAL n 
1 37  ASN n 
1 38  MET n 
1 39  LYS n 
1 40  PRO n 
1 41  ILE n 
1 42  MET n 
1 43  ASP n 
1 44  LEU n 
1 45  ARG n 
1 46  LYS n 
1 47  GLN n 
1 48  TYR n 
1 49  GLY n 
1 50  GLU n 
1 51  ALA n 
1 52  PHE n 
1 53  GLU n 
1 54  LYS n 
1 55  ARG n 
1 56  HIS n 
1 57  GLY n 
1 58  ILE n 
1 59  ARG n 
1 60  LEU n 
1 61  GLY n 
1 62  PHE n 
1 63  MET n 
1 64  SER n 
1 65  PHE n 
1 66  TYR n 
1 67  VAL n 
1 68  LYS n 
1 69  ALA n 
1 70  VAL n 
1 71  VAL n 
1 72  GLU n 
1 73  ALA n 
1 74  LEU n 
1 75  LYS n 
1 76  ARG n 
1 77  TYR n 
1 78  PRO n 
1 79  GLU n 
1 80  VAL n 
1 81  ASN n 
1 82  ALA n 
1 83  SER n 
1 84  ILE n 
1 85  ASP n 
1 86  GLY n 
1 87  ASP n 
1 88  ASP n 
1 89  VAL n 
1 90  VAL n 
1 91  TYR n 
1 92  HIS n 
1 93  ASN n 
1 94  TYR n 
1 95  PHE n 
1 96  ASP n 
1 97  VAL n 
1 98  SER n 
1 99  MET n 
1 100 ALA n 
1 101 VAL n 
1 102 SER n 
1 103 THR n 
1 104 PRO n 
1 105 ARG n 
1 106 GLY n 
1 107 LEU n 
1 108 VAL n 
1 109 THR n 
1 110 PRO n 
1 111 VAL n 
1 112 LEU n 
1 113 ARG n 
1 114 ASP n 
1 115 VAL n 
1 116 ASP n 
1 117 THR n 
1 118 LEU n 
1 119 GLY n 
1 120 MET n 
1 121 ALA n 
1 122 ASP n 
1 123 ILE n 
1 124 GLU n 
1 125 LYS n 
1 126 LYS n 
1 127 ILE n 
1 128 LYS n 
1 129 GLU n 
1 130 LEU n 
1 131 ALA n 
1 132 VAL n 
1 133 LYS n 
1 134 GLY n 
1 135 ARG n 
1 136 ASP n 
1 137 GLY n 
1 138 LYS n 
1 139 LEU n 
1 140 THR n 
1 141 VAL n 
1 142 GLU n 
1 143 ASP n 
1 144 LEU n 
1 145 THR n 
1 146 GLY n 
1 147 GLY n 
1 148 ASN n 
1 149 PHE n 
1 150 THR n 
1 151 ILE n 
1 152 THR n 
1 153 ASN n 
1 154 GLY n 
1 155 GLY n 
1 156 VAL n 
1 157 PHE n 
1 158 GLY n 
1 159 SER n 
1 160 LEU n 
1 161 MET n 
1 162 SER n 
1 163 THR n 
1 164 PRO n 
1 165 ILE n 
1 166 ILE n 
1 167 ASN n 
1 168 PRO n 
1 169 PRO n 
1 170 GLN n 
1 171 SER n 
1 172 ALA n 
1 173 ILE n 
1 174 LEU n 
1 175 GLY n 
1 176 MET n 
1 177 HIS n 
1 178 ALA n 
1 179 ILE n 
1 180 LYS n 
1 181 ASP n 
1 182 ARG n 
1 183 PRO n 
1 184 MET n 
1 185 ALA n 
1 186 VAL n 
1 187 ASN n 
1 188 GLY n 
1 189 GLN n 
1 190 VAL n 
1 191 GLU n 
1 192 ILE n 
1 193 LEU n 
1 194 PRO n 
1 195 MET n 
1 196 MET n 
1 197 TYR n 
1 198 LEU n 
1 199 ALA n 
1 200 LEU n 
1 201 SER n 
1 202 TYR n 
1 203 ASP n 
1 204 HIS n 
1 205 ARG n 
1 206 LEU n 
1 207 ILE n 
1 208 ASP n 
1 209 GLY n 
1 210 ARG n 
1 211 GLU n 
1 212 SER n 
1 213 VAL n 
1 214 GLY n 
1 215 PHE n 
1 216 LEU n 
1 217 VAL n 
1 218 THR n 
1 219 ILE n 
1 220 LYS n 
1 221 GLU n 
1 222 LEU n 
1 223 LEU n 
1 224 GLU n 
1 225 ASP n 
1 226 PRO n 
1 227 THR n 
1 228 ARG n 
1 229 LEU n 
1 230 LEU n 
1 231 LEU n 
1 232 ASP n 
1 233 VAL n 
# 
_entity_src_gen.entity_id                          1 
_entity_src_gen.pdbx_src_id                        1 
_entity_src_gen.pdbx_alt_source_flag               sample 
_entity_src_gen.pdbx_seq_type                      ? 
_entity_src_gen.pdbx_beg_seq_num                   ? 
_entity_src_gen.pdbx_end_seq_num                   ? 
_entity_src_gen.gene_src_common_name               ? 
_entity_src_gen.gene_src_genus                     Escherichia 
_entity_src_gen.pdbx_gene_src_gene                 SUCB 
_entity_src_gen.gene_src_species                   ? 
_entity_src_gen.gene_src_strain                    ? 
_entity_src_gen.gene_src_tissue                    ? 
_entity_src_gen.gene_src_tissue_fraction           ? 
_entity_src_gen.gene_src_details                   ? 
_entity_src_gen.pdbx_gene_src_fragment             ? 
_entity_src_gen.pdbx_gene_src_scientific_name      'Escherichia coli' 
_entity_src_gen.pdbx_gene_src_ncbi_taxonomy_id     562 
_entity_src_gen.pdbx_gene_src_variant              ? 
_entity_src_gen.pdbx_gene_src_cell_line            ? 
_entity_src_gen.pdbx_gene_src_atcc                 ? 
_entity_src_gen.pdbx_gene_src_organ                ? 
_entity_src_gen.pdbx_gene_src_organelle            ? 
_entity_src_gen.pdbx_gene_src_cell                 ? 
_entity_src_gen.pdbx_gene_src_cellular_location    ? 
_entity_src_gen.host_org_common_name               ? 
_entity_src_gen.pdbx_host_org_scientific_name      'Escherichia coli' 
_entity_src_gen.pdbx_host_org_ncbi_taxonomy_id     562 
_entity_src_gen.host_org_genus                     Escherichia 
_entity_src_gen.pdbx_host_org_gene                 ? 
_entity_src_gen.pdbx_host_org_organ                ? 
_entity_src_gen.host_org_species                   ? 
_entity_src_gen.pdbx_host_org_tissue               ? 
_entity_src_gen.pdbx_host_org_tissue_fraction      ? 
_entity_src_gen.pdbx_host_org_strain               JM101 
_entity_src_gen.pdbx_host_org_variant              ? 
_entity_src_gen.pdbx_host_org_cell_line            ? 
_entity_src_gen.pdbx_host_org_atcc                 ? 
_entity_src_gen.pdbx_host_org_culture_collection   ? 
_entity_src_gen.pdbx_host_org_cell                 ? 
_entity_src_gen.pdbx_host_org_organelle            ? 
_entity_src_gen.pdbx_host_org_cellular_location    ? 
_entity_src_gen.pdbx_host_org_vector_type          BACTERIAL 
_entity_src_gen.pdbx_host_org_vector               ? 
_entity_src_gen.host_org_details                   ? 
_entity_src_gen.expression_system_id               ? 
_entity_src_gen.plasmid_name                       PGEX-2T 
_entity_src_gen.plasmid_details                    ? 
_entity_src_gen.pdbx_description                   ? 
# 
loop_
_chem_comp.id 
_chem_comp.type 
_chem_comp.mon_nstd_flag 
_chem_comp.name 
_chem_comp.pdbx_synonyms 
_chem_comp.formula 
_chem_comp.formula_weight 
ALA 'L-peptide linking' y ALANINE         ? 'C3 H7 N O2'     89.093  
ARG 'L-peptide linking' y ARGININE        ? 'C6 H15 N4 O2 1' 175.209 
ASN 'L-peptide linking' y ASPARAGINE      ? 'C4 H8 N2 O3'    132.118 
ASP 'L-peptide linking' y 'ASPARTIC ACID' ? 'C4 H7 N O4'     133.103 
GLN 'L-peptide linking' y GLUTAMINE       ? 'C5 H10 N2 O3'   146.144 
GLU 'L-peptide linking' y 'GLUTAMIC ACID' ? 'C5 H9 N O4'     147.129 
GLY 'peptide linking'   y GLYCINE         ? 'C2 H5 N O2'     75.067  
HIS 'L-peptide linking' y HISTIDINE       ? 'C6 H10 N3 O2 1' 156.162 
HOH non-polymer         . WATER           ? 'H2 O'           18.015  
ILE 'L-peptide linking' y ISOLEUCINE      ? 'C6 H13 N O2'    131.173 
LEU 'L-peptide linking' y LEUCINE         ? 'C6 H13 N O2'    131.173 
LYS 'L-peptide linking' y LYSINE          ? 'C6 H15 N2 O2 1' 147.195 
MET 'L-peptide linking' y METHIONINE      ? 'C5 H11 N O2 S'  149.211 
PHE 'L-peptide linking' y PHENYLALANINE   ? 'C9 H11 N O2'    165.189 
PRO 'L-peptide linking' y PROLINE         ? 'C5 H9 N O2'     115.130 
SER 'L-peptide linking' y SERINE          ? 'C3 H7 N O3'     105.093 
SO4 non-polymer         . 'SULFATE ION'   ? 'O4 S -2'        96.063  
THR 'L-peptide linking' y THREONINE       ? 'C4 H9 N O3'     119.119 
TYR 'L-peptide linking' y TYROSINE        ? 'C9 H11 N O3'    181.189 
VAL 'L-peptide linking' y VALINE          ? 'C5 H11 N O2'    117.146 
# 
loop_
_pdbx_poly_seq_scheme.asym_id 
_pdbx_poly_seq_scheme.entity_id 
_pdbx_poly_seq_scheme.seq_id 
_pdbx_poly_seq_scheme.mon_id 
_pdbx_poly_seq_scheme.ndb_seq_num 
_pdbx_poly_seq_scheme.pdb_seq_num 
_pdbx_poly_seq_scheme.auth_seq_num 
_pdbx_poly_seq_scheme.pdb_mon_id 
_pdbx_poly_seq_scheme.auth_mon_id 
_pdbx_poly_seq_scheme.pdb_strand_id 
_pdbx_poly_seq_scheme.pdb_ins_code 
_pdbx_poly_seq_scheme.hetero 
A 1 1   ALA 1   172 172 ALA ALA A . n 
A 1 2   ARG 2   173 173 ARG ARG A . n 
A 1 3   SER 3   174 174 SER SER A . n 
A 1 4   GLU 4   175 175 GLU GLU A . n 
A 1 5   LYS 5   176 176 LYS LYS A . n 
A 1 6   ARG 6   177 177 ARG ARG A . n 
A 1 7   VAL 7   178 178 VAL VAL A . n 
A 1 8   PRO 8   179 179 PRO PRO A . n 
A 1 9   MET 9   180 180 MET MET A . n 
A 1 10  THR 10  181 181 THR THR A . n 
A 1 11  ARG 11  182 182 ARG ARG A . n 
A 1 12  LEU 12  183 183 LEU LEU A . n 
A 1 13  ARG 13  184 184 ARG ARG A . n 
A 1 14  LYS 14  185 185 LYS LYS A . n 
A 1 15  ARG 15  186 186 ARG ARG A . n 
A 1 16  VAL 16  187 187 VAL VAL A . n 
A 1 17  ALA 17  188 188 ALA ALA A . n 
A 1 18  GLU 18  189 189 GLU GLU A . n 
A 1 19  ARG 19  190 190 ARG ARG A . n 
A 1 20  LEU 20  191 191 LEU LEU A . n 
A 1 21  LEU 21  192 192 LEU LEU A . n 
A 1 22  GLU 22  193 193 GLU GLU A . n 
A 1 23  ALA 23  194 194 ALA ALA A . n 
A 1 24  LYS 24  195 195 LYS LYS A . n 
A 1 25  ASN 25  196 196 ASN ASN A . n 
A 1 26  SER 26  197 197 SER SER A . n 
A 1 27  THR 27  198 198 THR THR A . n 
A 1 28  ALA 28  199 199 ALA ALA A . n 
A 1 29  MET 29  200 200 MET MET A . n 
A 1 30  LEU 30  201 201 LEU LEU A . n 
A 1 31  THR 31  202 202 THR THR A . n 
A 1 32  THR 32  203 203 THR THR A . n 
A 1 33  PHE 33  204 204 PHE PHE A . n 
A 1 34  ASN 34  205 205 ASN ASN A . n 
A 1 35  GLU 35  206 206 GLU GLU A . n 
A 1 36  VAL 36  207 207 VAL VAL A . n 
A 1 37  ASN 37  208 208 ASN ASN A . n 
A 1 38  MET 38  209 209 MET MET A . n 
A 1 39  LYS 39  210 210 LYS LYS A . n 
A 1 40  PRO 40  211 211 PRO PRO A . n 
A 1 41  ILE 41  212 212 ILE ILE A . n 
A 1 42  MET 42  213 213 MET MET A . n 
A 1 43  ASP 43  214 214 ASP ASP A . n 
A 1 44  LEU 44  215 215 LEU LEU A . n 
A 1 45  ARG 45  216 216 ARG ARG A . n 
A 1 46  LYS 46  217 217 LYS LYS A . n 
A 1 47  GLN 47  218 218 GLN GLN A . n 
A 1 48  TYR 48  219 219 TYR TYR A . n 
A 1 49  GLY 49  220 220 GLY GLY A . n 
A 1 50  GLU 50  221 221 GLU GLU A . n 
A 1 51  ALA 51  222 222 ALA ALA A . n 
A 1 52  PHE 52  223 223 PHE PHE A . n 
A 1 53  GLU 53  224 224 GLU GLU A . n 
A 1 54  LYS 54  225 225 LYS LYS A . n 
A 1 55  ARG 55  226 226 ARG ARG A . n 
A 1 56  HIS 56  227 227 HIS HIS A . n 
A 1 57  GLY 57  228 228 GLY GLY A . n 
A 1 58  ILE 58  229 229 ILE ILE A . n 
A 1 59  ARG 59  230 230 ARG ARG A . n 
A 1 60  LEU 60  231 231 LEU LEU A . n 
A 1 61  GLY 61  232 232 GLY GLY A . n 
A 1 62  PHE 62  233 233 PHE PHE A . n 
A 1 63  MET 63  234 234 MET MET A . n 
A 1 64  SER 64  235 235 SER SER A . n 
A 1 65  PHE 65  236 236 PHE PHE A . n 
A 1 66  TYR 66  237 237 TYR TYR A . n 
A 1 67  VAL 67  238 238 VAL VAL A . n 
A 1 68  LYS 68  239 239 LYS LYS A . n 
A 1 69  ALA 69  240 240 ALA ALA A . n 
A 1 70  VAL 70  241 241 VAL VAL A . n 
A 1 71  VAL 71  242 242 VAL VAL A . n 
A 1 72  GLU 72  243 243 GLU GLU A . n 
A 1 73  ALA 73  244 244 ALA ALA A . n 
A 1 74  LEU 74  245 245 LEU LEU A . n 
A 1 75  LYS 75  246 246 LYS LYS A . n 
A 1 76  ARG 76  247 247 ARG ARG A . n 
A 1 77  TYR 77  248 248 TYR TYR A . n 
A 1 78  PRO 78  249 249 PRO PRO A . n 
A 1 79  GLU 79  250 250 GLU GLU A . n 
A 1 80  VAL 80  251 251 VAL VAL A . n 
A 1 81  ASN 81  252 252 ASN ASN A . n 
A 1 82  ALA 82  253 253 ALA ALA A . n 
A 1 83  SER 83  254 254 SER SER A . n 
A 1 84  ILE 84  255 255 ILE ILE A . n 
A 1 85  ASP 85  256 256 ASP ASP A . n 
A 1 86  GLY 86  257 257 GLY GLY A . n 
A 1 87  ASP 87  258 258 ASP ASP A . n 
A 1 88  ASP 88  259 259 ASP ASP A . n 
A 1 89  VAL 89  260 260 VAL VAL A . n 
A 1 90  VAL 90  261 261 VAL VAL A . n 
A 1 91  TYR 91  262 262 TYR TYR A . n 
A 1 92  HIS 92  263 263 HIS HIS A . n 
A 1 93  ASN 93  264 264 ASN ASN A . n 
A 1 94  TYR 94  265 265 TYR TYR A . n 
A 1 95  PHE 95  266 266 PHE PHE A . n 
A 1 96  ASP 96  267 267 ASP ASP A . n 
A 1 97  VAL 97  268 268 VAL VAL A . n 
A 1 98  SER 98  269 269 SER SER A . n 
A 1 99  MET 99  270 270 MET MET A . n 
A 1 100 ALA 100 271 271 ALA ALA A . n 
A 1 101 VAL 101 272 272 VAL VAL A . n 
A 1 102 SER 102 273 273 SER SER A . n 
A 1 103 THR 103 274 274 THR THR A . n 
A 1 104 PRO 104 275 ?   ?   ?   A . n 
A 1 105 ARG 105 276 ?   ?   ?   A . n 
A 1 106 GLY 106 277 277 GLY GLY A . n 
A 1 107 LEU 107 278 278 LEU LEU A . n 
A 1 108 VAL 108 279 279 VAL VAL A . n 
A 1 109 THR 109 280 280 THR THR A . n 
A 1 110 PRO 110 281 281 PRO PRO A . n 
A 1 111 VAL 111 282 282 VAL VAL A . n 
A 1 112 LEU 112 283 283 LEU LEU A . n 
A 1 113 ARG 113 284 284 ARG ARG A . n 
A 1 114 ASP 114 285 285 ASP ASP A . n 
A 1 115 VAL 115 286 286 VAL VAL A . n 
A 1 116 ASP 116 287 287 ASP ASP A . n 
A 1 117 THR 117 288 288 THR THR A . n 
A 1 118 LEU 118 289 289 LEU LEU A . n 
A 1 119 GLY 119 290 290 GLY GLY A . n 
A 1 120 MET 120 291 291 MET MET A . n 
A 1 121 ALA 121 292 292 ALA ALA A . n 
A 1 122 ASP 122 293 293 ASP ASP A . n 
A 1 123 ILE 123 294 294 ILE ILE A . n 
A 1 124 GLU 124 295 295 GLU GLU A . n 
A 1 125 LYS 125 296 296 LYS LYS A . n 
A 1 126 LYS 126 297 297 LYS LYS A . n 
A 1 127 ILE 127 298 298 ILE ILE A . n 
A 1 128 LYS 128 299 299 LYS LYS A . n 
A 1 129 GLU 129 300 300 GLU GLU A . n 
A 1 130 LEU 130 301 301 LEU LEU A . n 
A 1 131 ALA 131 302 302 ALA ALA A . n 
A 1 132 VAL 132 303 303 VAL VAL A . n 
A 1 133 LYS 133 304 304 LYS LYS A . n 
A 1 134 GLY 134 305 305 GLY GLY A . n 
A 1 135 ARG 135 306 ?   ?   ?   A . n 
A 1 136 ASP 136 307 307 ASP ASP A . n 
A 1 137 GLY 137 308 308 GLY GLY A . n 
A 1 138 LYS 138 309 309 LYS LYS A . n 
A 1 139 LEU 139 310 310 LEU LEU A . n 
A 1 140 THR 140 311 311 THR THR A . n 
A 1 141 VAL 141 312 312 VAL VAL A . n 
A 1 142 GLU 142 313 313 GLU GLU A . n 
A 1 143 ASP 143 314 314 ASP ASP A . n 
A 1 144 LEU 144 315 315 LEU LEU A . n 
A 1 145 THR 145 316 316 THR THR A . n 
A 1 146 GLY 146 317 317 GLY GLY A . n 
A 1 147 GLY 147 318 318 GLY GLY A . n 
A 1 148 ASN 148 319 319 ASN ASN A . n 
A 1 149 PHE 149 320 320 PHE PHE A . n 
A 1 150 THR 150 321 321 THR THR A . n 
A 1 151 ILE 151 322 322 ILE ILE A . n 
A 1 152 THR 152 323 323 THR THR A . n 
A 1 153 ASN 153 324 324 ASN ASN A . n 
A 1 154 GLY 154 325 325 GLY GLY A . n 
A 1 155 GLY 155 326 326 GLY GLY A . n 
A 1 156 VAL 156 327 327 VAL VAL A . n 
A 1 157 PHE 157 328 328 PHE PHE A . n 
A 1 158 GLY 158 329 329 GLY GLY A . n 
A 1 159 SER 159 330 330 SER SER A . n 
A 1 160 LEU 160 331 331 LEU LEU A . n 
A 1 161 MET 161 332 332 MET MET A . n 
A 1 162 SER 162 333 333 SER SER A . n 
A 1 163 THR 163 334 334 THR THR A . n 
A 1 164 PRO 164 335 335 PRO PRO A . n 
A 1 165 ILE 165 336 336 ILE ILE A . n 
A 1 166 ILE 166 337 337 ILE ILE A . n 
A 1 167 ASN 167 338 338 ASN ASN A . n 
A 1 168 PRO 168 339 339 PRO PRO A . n 
A 1 169 PRO 169 340 340 PRO PRO A . n 
A 1 170 GLN 170 341 341 GLN GLN A . n 
A 1 171 SER 171 342 342 SER SER A . n 
A 1 172 ALA 172 343 343 ALA ALA A . n 
A 1 173 ILE 173 344 344 ILE ILE A . n 
A 1 174 LEU 174 345 345 LEU LEU A . n 
A 1 175 GLY 175 346 346 GLY GLY A . n 
A 1 176 MET 176 347 347 MET MET A . n 
A 1 177 HIS 177 348 348 HIS HIS A . n 
A 1 178 ALA 178 349 349 ALA ALA A . n 
A 1 179 ILE 179 350 350 ILE ILE A . n 
A 1 180 LYS 180 351 351 LYS LYS A . n 
A 1 181 ASP 181 352 352 ASP ASP A . n 
A 1 182 ARG 182 353 353 ARG ARG A . n 
A 1 183 PRO 183 354 354 PRO PRO A . n 
A 1 184 MET 184 355 355 MET MET A . n 
A 1 185 ALA 185 356 356 ALA ALA A . n 
A 1 186 VAL 186 357 357 VAL VAL A . n 
A 1 187 ASN 187 358 358 ASN ASN A . n 
A 1 188 GLY 188 359 359 GLY GLY A . n 
A 1 189 GLN 189 360 360 GLN GLN A . n 
A 1 190 VAL 190 361 361 VAL VAL A . n 
A 1 191 GLU 191 362 362 GLU GLU A . n 
A 1 192 ILE 192 363 363 ILE ILE A . n 
A 1 193 LEU 193 364 364 LEU LEU A . n 
A 1 194 PRO 194 365 365 PRO PRO A . n 
A 1 195 MET 195 366 366 MET MET A . n 
A 1 196 MET 196 367 367 MET MET A . n 
A 1 197 TYR 197 368 368 TYR TYR A . n 
A 1 198 LEU 198 369 369 LEU LEU A . n 
A 1 199 ALA 199 370 370 ALA ALA A . n 
A 1 200 LEU 200 371 371 LEU LEU A . n 
A 1 201 SER 201 372 372 SER SER A . n 
A 1 202 TYR 202 373 373 TYR TYR A . n 
A 1 203 ASP 203 374 374 ASP ASP A . n 
A 1 204 HIS 204 375 375 HIS HIS A . n 
A 1 205 ARG 205 376 376 ARG ARG A . n 
A 1 206 LEU 206 377 377 LEU LEU A . n 
A 1 207 ILE 207 378 378 ILE ILE A . n 
A 1 208 ASP 208 379 379 ASP ASP A . n 
A 1 209 GLY 209 380 380 GLY GLY A . n 
A 1 210 ARG 210 381 381 ARG ARG A . n 
A 1 211 GLU 211 382 382 GLU GLU A . n 
A 1 212 SER 212 383 383 SER SER A . n 
A 1 213 VAL 213 384 384 VAL VAL A . n 
A 1 214 GLY 214 385 385 GLY GLY A . n 
A 1 215 PHE 215 386 386 PHE PHE A . n 
A 1 216 LEU 216 387 387 LEU LEU A . n 
A 1 217 VAL 217 388 388 VAL VAL A . n 
A 1 218 THR 218 389 389 THR THR A . n 
A 1 219 ILE 219 390 390 ILE ILE A . n 
A 1 220 LYS 220 391 391 LYS LYS A . n 
A 1 221 GLU 221 392 392 GLU GLU A . n 
A 1 222 LEU 222 393 393 LEU LEU A . n 
A 1 223 LEU 223 394 394 LEU LEU A . n 
A 1 224 GLU 224 395 395 GLU GLU A . n 
A 1 225 ASP 225 396 396 ASP ASP A . n 
A 1 226 PRO 226 397 397 PRO PRO A . n 
A 1 227 THR 227 398 398 THR THR A . n 
A 1 228 ARG 228 399 399 ARG ARG A . n 
A 1 229 LEU 229 400 400 LEU LEU A . n 
A 1 230 LEU 230 401 401 LEU LEU A . n 
A 1 231 LEU 231 402 402 LEU LEU A . n 
A 1 232 ASP 232 403 403 ASP ASP A . n 
A 1 233 VAL 233 404 404 VAL VAL A . n 
# 
loop_
_pdbx_nonpoly_scheme.asym_id 
_pdbx_nonpoly_scheme.entity_id 
_pdbx_nonpoly_scheme.mon_id 
_pdbx_nonpoly_scheme.ndb_seq_num 
_pdbx_nonpoly_scheme.pdb_seq_num 
_pdbx_nonpoly_scheme.auth_seq_num 
_pdbx_nonpoly_scheme.pdb_mon_id 
_pdbx_nonpoly_scheme.auth_mon_id 
_pdbx_nonpoly_scheme.pdb_strand_id 
_pdbx_nonpoly_scheme.pdb_ins_code 
B 2 SO4 1  421 421 SO4 SO4 A . 
C 3 HOH 1  405 405 HOH HOH A . 
C 3 HOH 2  406 406 HOH HOH A . 
C 3 HOH 3  407 407 HOH HOH A . 
C 3 HOH 4  408 408 HOH HOH A . 
C 3 HOH 5  409 409 HOH HOH A . 
C 3 HOH 6  410 410 HOH HOH A . 
C 3 HOH 7  411 411 HOH HOH A . 
C 3 HOH 8  412 412 HOH HOH A . 
C 3 HOH 9  413 413 HOH HOH A . 
C 3 HOH 10 414 414 HOH HOH A . 
C 3 HOH 11 415 415 HOH HOH A . 
C 3 HOH 12 416 416 HOH HOH A . 
C 3 HOH 13 417 417 HOH HOH A . 
C 3 HOH 14 418 418 HOH HOH A . 
C 3 HOH 15 419 419 HOH HOH A . 
C 3 HOH 16 420 420 HOH HOH A . 
# 
loop_
_pdbx_unobs_or_zero_occ_atoms.id 
_pdbx_unobs_or_zero_occ_atoms.PDB_model_num 
_pdbx_unobs_or_zero_occ_atoms.polymer_flag 
_pdbx_unobs_or_zero_occ_atoms.occupancy_flag 
_pdbx_unobs_or_zero_occ_atoms.auth_asym_id 
_pdbx_unobs_or_zero_occ_atoms.auth_comp_id 
_pdbx_unobs_or_zero_occ_atoms.auth_seq_id 
_pdbx_unobs_or_zero_occ_atoms.PDB_ins_code 
_pdbx_unobs_or_zero_occ_atoms.auth_atom_id 
_pdbx_unobs_or_zero_occ_atoms.label_alt_id 
_pdbx_unobs_or_zero_occ_atoms.label_asym_id 
_pdbx_unobs_or_zero_occ_atoms.label_comp_id 
_pdbx_unobs_or_zero_occ_atoms.label_seq_id 
_pdbx_unobs_or_zero_occ_atoms.label_atom_id 
1  1 Y 1 A LYS 176 ? CE  ? A LYS 5   CE  
2  1 Y 1 A LYS 176 ? NZ  ? A LYS 5   NZ  
3  1 Y 1 A THR 181 ? OG1 ? A THR 10  OG1 
4  1 Y 1 A THR 181 ? CG2 ? A THR 10  CG2 
5  1 Y 1 A ARG 182 ? CD  ? A ARG 11  CD  
6  1 Y 1 A ARG 182 ? NE  ? A ARG 11  NE  
7  1 Y 1 A ARG 182 ? CZ  ? A ARG 11  CZ  
8  1 Y 1 A ARG 182 ? NH1 ? A ARG 11  NH1 
9  1 Y 1 A ARG 182 ? NH2 ? A ARG 11  NH2 
10 1 Y 1 A LEU 183 ? CB  ? A LEU 12  CB  
11 1 Y 1 A LEU 183 ? CG  ? A LEU 12  CG  
12 1 Y 1 A LEU 183 ? CD1 ? A LEU 12  CD1 
13 1 Y 1 A LEU 183 ? CD2 ? A LEU 12  CD2 
14 1 Y 1 A ARG 184 ? CG  ? A ARG 13  CG  
15 1 Y 1 A ARG 184 ? CD  ? A ARG 13  CD  
16 1 Y 1 A ARG 184 ? NE  ? A ARG 13  NE  
17 1 Y 1 A ARG 184 ? CZ  ? A ARG 13  CZ  
18 1 Y 1 A ARG 184 ? NH1 ? A ARG 13  NH1 
19 1 Y 1 A ARG 184 ? NH2 ? A ARG 13  NH2 
20 1 Y 1 A ARG 186 ? CG  ? A ARG 15  CG  
21 1 Y 1 A ARG 186 ? CD  ? A ARG 15  CD  
22 1 Y 1 A ARG 186 ? NE  ? A ARG 15  NE  
23 1 Y 1 A ARG 186 ? CZ  ? A ARG 15  CZ  
24 1 Y 1 A ARG 186 ? NH1 ? A ARG 15  NH1 
25 1 Y 1 A ARG 186 ? NH2 ? A ARG 15  NH2 
26 1 Y 1 A GLU 189 ? CG  ? A GLU 18  CG  
27 1 Y 1 A GLU 189 ? CD  ? A GLU 18  CD  
28 1 Y 1 A GLU 189 ? OE1 ? A GLU 18  OE1 
29 1 Y 1 A GLU 189 ? OE2 ? A GLU 18  OE2 
30 1 Y 1 A ARG 190 ? CG  ? A ARG 19  CG  
31 1 Y 1 A ARG 190 ? CD  ? A ARG 19  CD  
32 1 Y 1 A ARG 190 ? NE  ? A ARG 19  NE  
33 1 Y 1 A ARG 190 ? CZ  ? A ARG 19  CZ  
34 1 Y 1 A ARG 190 ? NH1 ? A ARG 19  NH1 
35 1 Y 1 A ARG 190 ? NH2 ? A ARG 19  NH2 
36 1 Y 1 A LYS 217 ? CD  ? A LYS 46  CD  
37 1 Y 1 A LYS 217 ? CE  ? A LYS 46  CE  
38 1 Y 1 A LYS 217 ? NZ  ? A LYS 46  NZ  
39 1 Y 1 A LYS 225 ? CD  ? A LYS 54  CD  
40 1 Y 1 A LYS 225 ? CE  ? A LYS 54  CE  
41 1 Y 1 A LYS 225 ? NZ  ? A LYS 54  NZ  
42 1 Y 1 A GLU 250 ? OE1 ? A GLU 79  OE1 
43 1 Y 1 A GLU 250 ? OE2 ? A GLU 79  OE2 
44 1 Y 1 A ASP 258 ? CB  ? A ASP 87  CB  
45 1 Y 1 A ASP 258 ? CG  ? A ASP 87  CG  
46 1 Y 1 A ASP 258 ? OD1 ? A ASP 87  OD1 
47 1 Y 1 A ASP 258 ? OD2 ? A ASP 87  OD2 
48 1 Y 1 A THR 274 ? OG1 ? A THR 103 OG1 
49 1 Y 1 A THR 274 ? CG2 ? A THR 103 CG2 
50 1 Y 1 A LYS 297 ? CG  ? A LYS 126 CG  
51 1 Y 1 A LYS 297 ? CD  ? A LYS 126 CD  
52 1 Y 1 A LYS 297 ? CE  ? A LYS 126 CE  
53 1 Y 1 A LYS 297 ? NZ  ? A LYS 126 NZ  
54 1 Y 1 A LYS 299 ? CE  ? A LYS 128 CE  
55 1 Y 1 A LYS 299 ? NZ  ? A LYS 128 NZ  
56 1 Y 1 A ASP 307 ? CG  ? A ASP 136 CG  
57 1 Y 1 A ASP 307 ? OD1 ? A ASP 136 OD1 
58 1 Y 1 A ASP 307 ? OD2 ? A ASP 136 OD2 
59 1 Y 1 A GLU 313 ? CB  ? A GLU 142 CB  
60 1 Y 1 A GLU 313 ? CG  ? A GLU 142 CG  
61 1 Y 1 A GLU 313 ? CD  ? A GLU 142 CD  
62 1 Y 1 A GLU 313 ? OE1 ? A GLU 142 OE1 
63 1 Y 1 A GLU 313 ? OE2 ? A GLU 142 OE2 
64 1 Y 1 A ARG 381 ? CD  ? A ARG 210 CD  
65 1 Y 1 A ARG 381 ? NE  ? A ARG 210 NE  
66 1 Y 1 A ARG 381 ? CZ  ? A ARG 210 CZ  
67 1 Y 1 A ARG 381 ? NH1 ? A ARG 210 NH1 
68 1 Y 1 A ARG 381 ? NH2 ? A ARG 210 NH2 
69 1 Y 1 A GLU 382 ? CG  ? A GLU 211 CG  
70 1 Y 1 A GLU 382 ? CD  ? A GLU 211 CD  
71 1 Y 1 A GLU 382 ? OE1 ? A GLU 211 OE1 
72 1 Y 1 A GLU 382 ? OE2 ? A GLU 211 OE2 
# 
loop_
_software.name 
_software.classification 
_software.version 
_software.citation_id 
_software.pdbx_ordinal 
X-PLOR   'model building' 3.851       ? 1 
X-PLOR   refinement       3.851       ? 2 
MOSFLM   'data reduction' .           ? 3 
CCP4     'data scaling'   '(ROTAVATA' ? 4 
Agrovata 'data scaling'   .           ? 5 
X-PLOR   phasing          3.851       ? 6 
# 
_cell.entry_id           1E2O 
_cell.length_a           222.800 
_cell.length_b           222.800 
_cell.length_c           222.800 
_cell.angle_alpha        90.00 
_cell.angle_beta         90.00 
_cell.angle_gamma        90.00 
_cell.Z_PDB              96 
_cell.pdbx_unique_axis   ? 
# 
_symmetry.entry_id                         1E2O 
_symmetry.space_group_name_H-M             'F 4 3 2' 
_symmetry.pdbx_full_space_group_name_H-M   ? 
_symmetry.cell_setting                     ? 
_symmetry.Int_Tables_number                209 
# 
_exptl.entry_id          1E2O 
_exptl.method            'X-RAY DIFFRACTION' 
_exptl.crystals_number   1 
# 
_exptl_crystal.id                    1 
_exptl_crystal.density_meas          ? 
_exptl_crystal.density_Matthews      4.4 
_exptl_crystal.density_percent_sol   72.0 
_exptl_crystal.description           ? 
# 
_exptl_crystal_grow.crystal_id      1 
_exptl_crystal_grow.method          ? 
_exptl_crystal_grow.temp            ? 
_exptl_crystal_grow.temp_details    ? 
_exptl_crystal_grow.pH              7.0 
_exptl_crystal_grow.pdbx_pH_range   ? 
_exptl_crystal_grow.pdbx_details    
'PROTEIN WAS CRYSTALLIZED FROM 1.2M AMMONIUM SULFATE, 1% ETHANOL, 50 MM POTASSIUM PHOSPHATE, PH 7.0' 
# 
_diffrn.id                     1 
_diffrn.ambient_temp           298 
_diffrn.ambient_temp_details   ? 
_diffrn.crystal_id             1 
# 
_diffrn_detector.diffrn_id              1 
_diffrn_detector.detector               'IMAGE PLATE' 
_diffrn_detector.type                   MARRESEARCH 
_diffrn_detector.pdbx_collection_date   1994-03 
_diffrn_detector.details                MIRRORS 
# 
_diffrn_radiation.diffrn_id                        1 
_diffrn_radiation.wavelength_id                    1 
_diffrn_radiation.pdbx_monochromatic_or_laue_m_l   M 
_diffrn_radiation.monochromator                    'SI(111)' 
_diffrn_radiation.pdbx_diffrn_protocol             ? 
_diffrn_radiation.pdbx_scattering_type             x-ray 
# 
_diffrn_radiation_wavelength.id           1 
_diffrn_radiation_wavelength.wavelength   1.08 
_diffrn_radiation_wavelength.wt           1.0 
# 
_diffrn_source.diffrn_id                   1 
_diffrn_source.source                      SYNCHROTRON 
_diffrn_source.type                        'SSRL BEAMLINE BL7-1' 
_diffrn_source.pdbx_synchrotron_site       SSRL 
_diffrn_source.pdbx_synchrotron_beamline   BL7-1 
_diffrn_source.pdbx_wavelength             1.08 
_diffrn_source.pdbx_wavelength_list        ? 
# 
_reflns.entry_id                     1E2O 
_reflns.observed_criterion_sigma_I   3.0 
_reflns.observed_criterion_sigma_F   ? 
_reflns.d_resolution_low             20.0 
_reflns.d_resolution_high            3.0 
_reflns.number_obs                   9906 
_reflns.number_all                   ? 
_reflns.percent_possible_obs         98.5 
_reflns.pdbx_Rmerge_I_obs            ? 
_reflns.pdbx_Rsym_value              0.0460000 
_reflns.pdbx_netI_over_sigmaI        13.0 
_reflns.B_iso_Wilson_estimate        ? 
_reflns.pdbx_redundancy              4.1 
_reflns.pdbx_ordinal                 1 
_reflns.pdbx_diffrn_id               1 
# 
_reflns_shell.d_res_high             3.0 
_reflns_shell.d_res_low              3.16 
_reflns_shell.percent_possible_all   100. 
_reflns_shell.Rmerge_I_obs           ? 
_reflns_shell.pdbx_Rsym_value        0.1450000 
_reflns_shell.meanI_over_sigI_obs    4.9 
_reflns_shell.pdbx_redundancy        4.5 
_reflns_shell.pdbx_ordinal           1 
_reflns_shell.pdbx_diffrn_id         1 
# 
_refine.entry_id                                 1E2O 
_refine.ls_number_reflns_obs                     9696 
_refine.ls_number_reflns_all                     ? 
_refine.pdbx_ls_sigma_I                          ? 
_refine.pdbx_ls_sigma_F                          0.0 
_refine.pdbx_data_cutoff_high_absF               10000000.00 
_refine.pdbx_data_cutoff_low_absF                0.00100 
_refine.pdbx_data_cutoff_high_rms_absF           ? 
_refine.ls_d_res_low                             20.00 
_refine.ls_d_res_high                            3.00 
_refine.ls_percent_reflns_obs                    97.4 
_refine.ls_R_factor_obs                          0.2050000 
_refine.ls_R_factor_all                          ? 
_refine.ls_R_factor_R_work                       0.2050000 
_refine.ls_R_factor_R_free                       0.2490000 
_refine.ls_R_factor_R_free_error                 0.008 
_refine.ls_R_factor_R_free_error_details         ? 
_refine.ls_percent_reflns_R_free                 10.3 
_refine.ls_number_reflns_R_free                  1001 
_refine.ls_number_parameters                     ? 
_refine.ls_number_restraints                     ? 
_refine.occupancy_min                            ? 
_refine.occupancy_max                            ? 
_refine.B_iso_mean                               33.6 
_refine.aniso_B[1][1]                            0.00 
_refine.aniso_B[2][2]                            0.00 
_refine.aniso_B[3][3]                            0.00 
_refine.aniso_B[1][2]                            0.00 
_refine.aniso_B[1][3]                            0.00 
_refine.aniso_B[2][3]                            0.00 
_refine.solvent_model_details                    ? 
_refine.solvent_model_param_ksol                 ? 
_refine.solvent_model_param_bsol                 ? 
_refine.pdbx_ls_cross_valid_method               THROUGHOUT 
_refine.details                                  'BULK SOLVENT MODEL AND RESOLUTION-DEPENDENT WEIGHTING SCHEME USED.' 
_refine.pdbx_starting_model                      'PDB ENTRY 1EAA' 
_refine.pdbx_method_to_determine_struct          'MOLECULAR REPLACEMENT' 
_refine.pdbx_isotropic_thermal_model             GROUP 
_refine.pdbx_stereochemistry_target_values       ? 
_refine.pdbx_stereochem_target_val_spec_case     ? 
_refine.pdbx_R_Free_selection_details            RANDOM 
_refine.pdbx_overall_ESU_R                       ? 
_refine.pdbx_overall_ESU_R_Free                  ? 
_refine.overall_SU_ML                            ? 
_refine.overall_SU_B                             ? 
_refine.pdbx_refine_id                           'X-RAY DIFFRACTION' 
_refine.pdbx_diffrn_id                           1 
_refine.pdbx_TLS_residual_ADP_flag               ? 
_refine.correlation_coeff_Fo_to_Fc               ? 
_refine.correlation_coeff_Fo_to_Fc_free          ? 
_refine.pdbx_solvent_vdw_probe_radii             ? 
_refine.pdbx_solvent_ion_probe_radii             ? 
_refine.pdbx_solvent_shrinkage_radii             ? 
_refine.pdbx_overall_phase_error                 ? 
_refine.overall_SU_R_Cruickshank_DPI             ? 
_refine.pdbx_overall_SU_R_free_Cruickshank_DPI   ? 
_refine.pdbx_overall_SU_R_Blow_DPI               ? 
_refine.pdbx_overall_SU_R_free_Blow_DPI          ? 
# 
_refine_analyze.entry_id                        1E2O 
_refine_analyze.Luzzati_coordinate_error_obs    0.30 
_refine_analyze.Luzzati_sigma_a_obs             0.40 
_refine_analyze.Luzzati_d_res_low_obs           5.00 
_refine_analyze.Luzzati_coordinate_error_free   0.37 
_refine_analyze.Luzzati_sigma_a_free            0.51 
_refine_analyze.Luzzati_d_res_low_free          ? 
_refine_analyze.number_disordered_residues      ? 
_refine_analyze.occupancy_sum_hydrogen          ? 
_refine_analyze.occupancy_sum_non_hydrogen      ? 
_refine_analyze.pdbx_refine_id                  'X-RAY DIFFRACTION' 
# 
_refine_hist.pdbx_refine_id                   'X-RAY DIFFRACTION' 
_refine_hist.cycle_id                         LAST 
_refine_hist.pdbx_number_atoms_protein        1726 
_refine_hist.pdbx_number_atoms_nucleic_acid   0 
_refine_hist.pdbx_number_atoms_ligand         5 
_refine_hist.number_atoms_solvent             16 
_refine_hist.number_atoms_total               1747 
_refine_hist.d_res_high                       3.00 
_refine_hist.d_res_low                        20.00 
# 
loop_
_refine_ls_restr.type 
_refine_ls_restr.dev_ideal 
_refine_ls_restr.dev_ideal_target 
_refine_ls_restr.weight 
_refine_ls_restr.number 
_refine_ls_restr.pdbx_refine_id 
_refine_ls_restr.pdbx_restraint_function 
x_bond_d                0.010 ? ? ? 'X-RAY DIFFRACTION' ? 
x_bond_d_na             ?     ? ? ? 'X-RAY DIFFRACTION' ? 
x_bond_d_prot           ?     ? ? ? 'X-RAY DIFFRACTION' ? 
x_angle_d               ?     ? ? ? 'X-RAY DIFFRACTION' ? 
x_angle_d_na            ?     ? ? ? 'X-RAY DIFFRACTION' ? 
x_angle_d_prot          ?     ? ? ? 'X-RAY DIFFRACTION' ? 
x_angle_deg             1.5   ? ? ? 'X-RAY DIFFRACTION' ? 
x_angle_deg_na          ?     ? ? ? 'X-RAY DIFFRACTION' ? 
x_angle_deg_prot        ?     ? ? ? 'X-RAY DIFFRACTION' ? 
x_dihedral_angle_d      24.7  ? ? ? 'X-RAY DIFFRACTION' ? 
x_dihedral_angle_d_na   ?     ? ? ? 'X-RAY DIFFRACTION' ? 
x_dihedral_angle_d_prot ?     ? ? ? 'X-RAY DIFFRACTION' ? 
x_improper_angle_d      1.37  ? ? ? 'X-RAY DIFFRACTION' ? 
x_improper_angle_d_na   ?     ? ? ? 'X-RAY DIFFRACTION' ? 
x_improper_angle_d_prot ?     ? ? ? 'X-RAY DIFFRACTION' ? 
x_mcbond_it             ?     ? ? ? 'X-RAY DIFFRACTION' ? 
x_mcangle_it            ?     ? ? ? 'X-RAY DIFFRACTION' ? 
x_scbond_it             ?     ? ? ? 'X-RAY DIFFRACTION' ? 
x_scangle_it            ?     ? ? ? 'X-RAY DIFFRACTION' ? 
# 
_refine_ls_shell.pdbx_total_number_of_bins_used   6 
_refine_ls_shell.d_res_high                       3.00 
_refine_ls_shell.d_res_low                        3.19 
_refine_ls_shell.number_reflns_R_work             1397 
_refine_ls_shell.R_factor_R_work                  0.2610000 
_refine_ls_shell.percent_reflns_obs               96.1 
_refine_ls_shell.R_factor_R_free                  0.3410000 
_refine_ls_shell.R_factor_R_free_error            0.028 
_refine_ls_shell.percent_reflns_R_free            9.4 
_refine_ls_shell.number_reflns_R_free             145 
_refine_ls_shell.pdbx_refine_id                   'X-RAY DIFFRACTION' 
_refine_ls_shell.number_reflns_all                ? 
_refine_ls_shell.R_factor_all                     ? 
# 
loop_
_pdbx_xplor_file.serial_no 
_pdbx_xplor_file.param_file 
_pdbx_xplor_file.topol_file 
_pdbx_xplor_file.pdbx_refine_id 
1 PARHCSDX.PRO TOPHCSDX.PRO 'X-RAY DIFFRACTION' 
2 PARAM19.SOL  TOPH19.SOL   'X-RAY DIFFRACTION' 
3 SO4.PAR      SO4.TOP      'X-RAY DIFFRACTION' 
# 
_struct.entry_id                  1E2O 
_struct.title                     'CATALYTIC DOMAIN FROM DIHYDROLIPOAMIDE SUCCINYLTRANSFERASE' 
_struct.pdbx_model_details        ? 
_struct.pdbx_CASP_flag            ? 
_struct.pdbx_model_type_details   ? 
# 
_struct_keywords.entry_id        1E2O 
_struct_keywords.pdbx_keywords   TRANSFERASE 
_struct_keywords.text            'TRANSFERASE, ACYLTRANSFERASE, KETOGLUTARATE DEHYDROGENASE MULTIENZYME COMPLEX' 
# 
loop_
_struct_asym.id 
_struct_asym.pdbx_blank_PDB_chainid_flag 
_struct_asym.pdbx_modified 
_struct_asym.entity_id 
_struct_asym.details 
A N N 1 ? 
B N N 2 ? 
C N N 3 ? 
# 
_struct_ref.id                         1 
_struct_ref.db_name                    UNP 
_struct_ref.db_code                    ODO2_ECOLI 
_struct_ref.entity_id                  1 
_struct_ref.pdbx_db_accession          P07016 
_struct_ref.pdbx_align_begin           1 
_struct_ref.pdbx_seq_one_letter_code   
;SSVDILVPDLPESVADATVATWHKKPGDAVVRDEVLVEIETDKVVLEVPASADGILDAVLEDEGTTVTSRQILGRLREGN
SAGKETSAKSEEKASTPAQRQQASLEEQNNDALSPAIRRLLAEHNLDASAIKGTGVGGRLTREDVEKHLAKAPAKESAPA
AAAPAAQPALAARSEKRVPMTRLRKRVAERLLEAKNSTAMLTTFNEVNMKPIMDLRKQYGEAFEKRHGIRLGFMSFYVKA
VVEALKRYPEVNASIDGDDVVYHNYFDVSMAVSTPRGLVTPVLRDVDTLGMADIEKKIKELAVKGRDGKLTVEDLTGGNF
TITNGGVFGSLMSTPIINPPQSAILGMHAIKDRPMAVNGQVEILPMMYLALSYDHRLIDGRESVGFLVTIKELLEDPTRL
LLDV
;
_struct_ref.pdbx_db_isoform            ? 
# 
_struct_ref_seq.align_id                      1 
_struct_ref_seq.ref_id                        1 
_struct_ref_seq.pdbx_PDB_id_code              1E2O 
_struct_ref_seq.pdbx_strand_id                A 
_struct_ref_seq.seq_align_beg                 1 
_struct_ref_seq.pdbx_seq_align_beg_ins_code   ? 
_struct_ref_seq.seq_align_end                 233 
_struct_ref_seq.pdbx_seq_align_end_ins_code   ? 
_struct_ref_seq.pdbx_db_accession             P07016 
_struct_ref_seq.db_align_beg                  172 
_struct_ref_seq.pdbx_db_align_beg_ins_code    ? 
_struct_ref_seq.db_align_end                  404 
_struct_ref_seq.pdbx_db_align_end_ins_code    ? 
_struct_ref_seq.pdbx_auth_seq_align_beg       172 
_struct_ref_seq.pdbx_auth_seq_align_end       404 
# 
_pdbx_struct_assembly.id                   1 
_pdbx_struct_assembly.details              author_and_software_defined_assembly 
_pdbx_struct_assembly.method_details       PISA,PQS 
_pdbx_struct_assembly.oligomeric_details   24-meric 
_pdbx_struct_assembly.oligomeric_count     24 
# 
loop_
_pdbx_struct_assembly_prop.biol_id 
_pdbx_struct_assembly_prop.type 
_pdbx_struct_assembly_prop.value 
_pdbx_struct_assembly_prop.details 
1 'ABSA (A^2)' 86500  ? 
1 MORE         -561   ? 
1 'SSA (A^2)'  219200 ? 
# 
_pdbx_struct_assembly_gen.assembly_id       1 
_pdbx_struct_assembly_gen.oper_expression   1,2,3,4,5,6,7,8,9,10,11,12,13,14,15,16,17,18,19,20,21,22,23,24 
_pdbx_struct_assembly_gen.asym_id_list      A,B,C 
# 
loop_
_pdbx_struct_oper_list.id 
_pdbx_struct_oper_list.type 
_pdbx_struct_oper_list.name 
_pdbx_struct_oper_list.symmetry_operation 
_pdbx_struct_oper_list.matrix[1][1] 
_pdbx_struct_oper_list.matrix[1][2] 
_pdbx_struct_oper_list.matrix[1][3] 
_pdbx_struct_oper_list.vector[1] 
_pdbx_struct_oper_list.matrix[2][1] 
_pdbx_struct_oper_list.matrix[2][2] 
_pdbx_struct_oper_list.matrix[2][3] 
_pdbx_struct_oper_list.vector[2] 
_pdbx_struct_oper_list.matrix[3][1] 
_pdbx_struct_oper_list.matrix[3][2] 
_pdbx_struct_oper_list.matrix[3][3] 
_pdbx_struct_oper_list.vector[3] 
1  'identity operation'         1_555  x,y,z    1.0000000000  0.0000000000  0.0000000000  0.0000000000   0.0000000000  1.0000000000  0.0000000000  0.0000000000    0.0000000000  0.0000000000  1.0000000000  0.0000000000   
2  'crystal symmetry operation' 2_555  -x,-y,z  -0.6796302448 -0.7105515202 -0.1822615359 -42.2390770739 -0.7105515202 0.5759398466  0.4042398177  -34.2424386354  -0.1822615359 0.4042398177  -0.8963096018 59.2494405889  
3  'crystal symmetry operation' 3_555  -x,y,-z  -0.6744226272 -0.0422854257 0.7371336803  -22.6391004472 -0.0422854257 -0.9945080421 -0.0957376467 -110.4648806585 0.7371336803  -0.0957376467 0.6689306693  3.6624623325   
4  'crystal symmetry operation' 4_555  x,-y,-z  0.3540528720  0.7528369460  -0.5548721444 50.9706031789  0.7528369460  -0.5814318045 -0.3085021710 -80.2968047101  -0.5548721444 -0.3085021710 -0.7726210675 15.4386744358  
5  'crystal symmetry operation' 5_555  z,x,y    -0.4998173212 0.5248436701  0.6890005569  10.8123944779  -0.4981303487 0.4765793996  -0.7243881774 -16.9858366499  -0.7085540214 -0.7052738460 0.0232379216  -23.0034797085 
6  'crystal symmetry operation' 6_555  z,-x,-y  -0.1588157991 0.9359457998  -0.3142976326 54.7751872227  0.1319383357  0.3356017980  0.9327184509  -55.1841055886  0.9784527671  0.1066625196  -0.1767859989 32.4523184556  
7  'crystal symmetry operation' 7_555  -z,-x,y  0.8227803891  -0.5667895545 0.0422141243  -33.3255457816 -0.2181729076 -0.3835471723 -0.8973807157 -61.0069445669  0.5248171241  0.7291372762  -0.4392332168 71.0306451914  
8  'crystal symmetry operation' 8_555  -z,x,-y  -0.1641472688 -0.8939999154 -0.4169170486 -46.1696102612 0.5843649206  -0.4286340253 0.6890504422  -91.8272371985  -0.7947158698 -0.1305259498 0.5927812941  -2.1289065814  
9  'crystal symmetry operation' 9_555  y,z,x    -0.4998173212 -0.4981303487 -0.7085540214 -19.3561467424 0.5248436701  0.4765793996  -0.7052738460 -13.8034695727  0.6890005569  -0.7243881774 0.0232379216  -19.2195320126 
10 'crystal symmetry operation' 10_555 -y,z,-x  0.8227803891  -0.2181729076 0.5248171241  -23.1685558880 -0.5667895545 -0.3835471723 0.7291372762  -94.0787034880  0.0422141243  -0.8973807157 -0.4392332168 -22.1406280719 
11 'crystal symmetry operation' 11_555 y,-z,-x  -0.1641472688 0.5843649206  -0.7947158698 44.3901248997  -0.8939999154 -0.4286340253 -0.1305259498 -80.9137835368  -0.4169170486 0.6890504422  0.5927812941  45.2866767556  
12 'crystal symmetry operation' 12_555 -y,-z,x  -0.1588157991 0.1319383357  0.9784527671  -15.7729966114 0.9359457998  0.3356017980  0.1066625196  -36.2081674065  -0.3142976326 0.9327184509  -0.1767859989 74.4240606860  
13 'crystal symmetry operation' 13_555 y,x,-z   -0.8241494676 0.2138149234  -0.5244624235 15.9579197239  0.2138149234  -0.7400245490 -0.6376886743 -84.6439441612  -0.5244624235 -0.6376886743 0.5641740166  -29.1573410679 
14 'crystal symmetry operation' 14_555 -y,-x,-z 0.5037797123  0.4967365968  0.7067239594  12.3735830078  0.4967365968  -0.8359152976 0.2334488567  -106.1177412073 0.7067239594  0.2334488567  -0.6678644147 48.2584778361  
15 'crystal symmetry operation' 15_555 y,-x,z   0.1601848776  -0.1275803515 -0.9788074677 9.0760584333   -0.5829711687 0.7879699233  -0.1981111215 -10.0733089482  0.7965459318  0.6023509391  0.0518451991  55.2244858109  
16 'crystal symmetry operation' 16_555 -y,x,z   0.1601848776  -0.5829711687 0.7965459318  -51.3151355072 -0.1275803515 0.7879699233  0.6023509391  -24.1691296872  -0.9788074677 -0.1981111215 0.0518451991  4.0249547780   
17 'crystal symmetry operation' 17_555 x,z,-y   0.6770264360  0.0392397870  -0.7349118614 15.4795259261  0.7135971590  0.2092840977  0.6685650762  -55.0930982770  0.1800397171  -0.9770672472 0.1136894663  -36.9743255658 
18 'crystal symmetry operation' 18_555 -x,z,y   -0.3540633681 -0.7555430433 0.5511749642  -58.0042285565 -0.7555430433 -0.1162518704 -0.6447016460 -52.7890747837  0.5511749642  -0.6447016460 -0.5296847615 -4.3858345187  
19 'crystal symmetry operation' 19_555 -x,-z,-y -0.9999895039 0.0027060973  0.0036971802  -6.8739489646  0.0027060973  -0.3023163250 0.9532038169  -91.9182445102  0.0036971802  0.9532038169  0.3023058289  67.2977374400  
20 'crystal symmetry operation' 20_555 x,-z,y   0.6770264360  0.7135971590  0.1800397171  35.4910772528  0.0392397870  0.2092840977  -0.9770672472 -25.2037064331  -0.7349118614 0.6685650762  0.1136894663  52.4130000016  
21 'crystal symmetry operation' 21_555 z,y,-x   0.1627886864  0.8923480285  0.4209689294  39.0388123036  -0.9346334543 0.0027459790  0.3556019766  -66.3115929589  0.3161647509  -0.4513396233 0.8344653346  -21.0466137969 
22 'crystal symmetry operation' 22_555 z,-y,x   -0.8214218067 0.5684414413  -0.0462660052 26.5487693970  0.5684414413  0.8094352187  -0.1472717031 -5.8583492796   -0.0462660052 -0.1472717031 -0.9880134120 30.4954525440  
23 'crystal symmetry operation' 23_555 -z,y,x   0.1627886864  -0.9346334543 0.3161647509  -61.6779127508 0.8923480285  0.0027459790  -0.4513396233 -44.1532876996  0.4209689294  0.3556019766  0.8344653346  24.7090761294  
24 'crystal symmetry operation' 24_555 -z,-y,-x 0.4958444339  -0.5261560156 -0.6908676752 -17.8172432920 -0.5261560156 -0.8149271766 0.2430093498  -108.6808940659 -0.6908676752 0.2430093498  -0.6809172573 44.1926624806 
# 
_struct_biol.id   1 
# 
loop_
_struct_conf.conf_type_id 
_struct_conf.id 
_struct_conf.pdbx_PDB_helix_id 
_struct_conf.beg_label_comp_id 
_struct_conf.beg_label_asym_id 
_struct_conf.beg_label_seq_id 
_struct_conf.pdbx_beg_PDB_ins_code 
_struct_conf.end_label_comp_id 
_struct_conf.end_label_asym_id 
_struct_conf.end_label_seq_id 
_struct_conf.pdbx_end_PDB_ins_code 
_struct_conf.beg_auth_comp_id 
_struct_conf.beg_auth_asym_id 
_struct_conf.beg_auth_seq_id 
_struct_conf.end_auth_comp_id 
_struct_conf.end_auth_asym_id 
_struct_conf.end_auth_seq_id 
_struct_conf.pdbx_PDB_helix_class 
_struct_conf.details 
_struct_conf.pdbx_PDB_helix_length 
HELX_P HELX_P1 1 ARG A 11  ? SER A 26  ? ARG A 182 SER A 197 1 ? 16 
HELX_P HELX_P2 2 LYS A 39  ? HIS A 56  ? LYS A 210 HIS A 227 1 ? 18 
HELX_P HELX_P3 3 MET A 63  ? ARG A 76  ? MET A 234 ARG A 247 1 ? 14 
HELX_P HELX_P4 4 MET A 120 ? ASP A 136 ? MET A 291 ASP A 307 1 ? 16 
HELX_P HELX_P5 5 GLY A 155 ? PHE A 157 ? GLY A 326 PHE A 328 5 ? 3  
HELX_P HELX_P6 6 GLY A 209 ? GLU A 224 ? GLY A 380 GLU A 395 1 ? 16 
HELX_P HELX_P7 7 PRO A 226 ? LEU A 231 ? PRO A 397 LEU A 402 5 ? 6  
# 
_struct_conf_type.id          HELX_P 
_struct_conf_type.criteria    ? 
_struct_conf_type.reference   ? 
# 
_struct_mon_prot_cis.pdbx_id                1 
_struct_mon_prot_cis.label_comp_id          PRO 
_struct_mon_prot_cis.label_seq_id           168 
_struct_mon_prot_cis.label_asym_id          A 
_struct_mon_prot_cis.label_alt_id           . 
_struct_mon_prot_cis.pdbx_PDB_ins_code      ? 
_struct_mon_prot_cis.auth_comp_id           PRO 
_struct_mon_prot_cis.auth_seq_id            339 
_struct_mon_prot_cis.auth_asym_id           A 
_struct_mon_prot_cis.pdbx_label_comp_id_2   PRO 
_struct_mon_prot_cis.pdbx_label_seq_id_2    169 
_struct_mon_prot_cis.pdbx_label_asym_id_2   A 
_struct_mon_prot_cis.pdbx_PDB_ins_code_2    ? 
_struct_mon_prot_cis.pdbx_auth_comp_id_2    PRO 
_struct_mon_prot_cis.pdbx_auth_seq_id_2     340 
_struct_mon_prot_cis.pdbx_auth_asym_id_2    A 
_struct_mon_prot_cis.pdbx_PDB_model_num     1 
_struct_mon_prot_cis.pdbx_omega_angle       -0.24 
# 
loop_
_struct_sheet.id 
_struct_sheet.type 
_struct_sheet.number_strands 
_struct_sheet.details 
A ? 6 ? 
B ? 2 ? 
C ? 2 ? 
# 
loop_
_struct_sheet_order.sheet_id 
_struct_sheet_order.range_id_1 
_struct_sheet_order.range_id_2 
_struct_sheet_order.offset 
_struct_sheet_order.sense 
A 1 2 ? anti-parallel 
A 2 3 ? anti-parallel 
A 3 4 ? parallel      
A 4 5 ? parallel      
A 5 6 ? anti-parallel 
B 1 2 ? anti-parallel 
C 1 2 ? anti-parallel 
# 
loop_
_struct_sheet_range.sheet_id 
_struct_sheet_range.id 
_struct_sheet_range.beg_label_comp_id 
_struct_sheet_range.beg_label_asym_id 
_struct_sheet_range.beg_label_seq_id 
_struct_sheet_range.pdbx_beg_PDB_ins_code 
_struct_sheet_range.end_label_comp_id 
_struct_sheet_range.end_label_asym_id 
_struct_sheet_range.end_label_seq_id 
_struct_sheet_range.pdbx_end_PDB_ins_code 
_struct_sheet_range.beg_auth_comp_id 
_struct_sheet_range.beg_auth_asym_id 
_struct_sheet_range.beg_auth_seq_id 
_struct_sheet_range.end_auth_comp_id 
_struct_sheet_range.end_auth_asym_id 
_struct_sheet_range.end_auth_seq_id 
A 1 MET A 29  ? ASN A 37  ? MET A 200 ASN A 208 
A 2 MET A 195 ? ASP A 203 ? MET A 366 ASP A 374 
A 3 ALA A 172 ? GLY A 175 ? ALA A 343 GLY A 346 
A 4 PHE A 149 ? THR A 152 ? PHE A 320 THR A 323 
A 5 VAL A 97  ? VAL A 101 ? VAL A 268 VAL A 272 
A 6 VAL A 108 ? LEU A 112 ? VAL A 279 LEU A 283 
B 1 ALA A 82  ? ASP A 85  ? ALA A 253 ASP A 256 
B 2 ASP A 88  ? TYR A 91  ? ASP A 259 TYR A 262 
C 1 LYS A 180 ? VAL A 186 ? LYS A 351 VAL A 357 
C 2 GLN A 189 ? MET A 195 ? GLN A 360 MET A 366 
# 
loop_
_pdbx_struct_sheet_hbond.sheet_id 
_pdbx_struct_sheet_hbond.range_id_1 
_pdbx_struct_sheet_hbond.range_id_2 
_pdbx_struct_sheet_hbond.range_1_label_atom_id 
_pdbx_struct_sheet_hbond.range_1_label_comp_id 
_pdbx_struct_sheet_hbond.range_1_label_asym_id 
_pdbx_struct_sheet_hbond.range_1_label_seq_id 
_pdbx_struct_sheet_hbond.range_1_PDB_ins_code 
_pdbx_struct_sheet_hbond.range_1_auth_atom_id 
_pdbx_struct_sheet_hbond.range_1_auth_comp_id 
_pdbx_struct_sheet_hbond.range_1_auth_asym_id 
_pdbx_struct_sheet_hbond.range_1_auth_seq_id 
_pdbx_struct_sheet_hbond.range_2_label_atom_id 
_pdbx_struct_sheet_hbond.range_2_label_comp_id 
_pdbx_struct_sheet_hbond.range_2_label_asym_id 
_pdbx_struct_sheet_hbond.range_2_label_seq_id 
_pdbx_struct_sheet_hbond.range_2_PDB_ins_code 
_pdbx_struct_sheet_hbond.range_2_auth_atom_id 
_pdbx_struct_sheet_hbond.range_2_auth_comp_id 
_pdbx_struct_sheet_hbond.range_2_auth_asym_id 
_pdbx_struct_sheet_hbond.range_2_auth_seq_id 
A 1 2 O LEU A 30  ? O LEU A 201 N TYR A 202 ? N TYR A 373 
A 2 3 O ALA A 199 ? O ALA A 370 N GLY A 175 ? N GLY A 346 
A 3 4 O LEU A 174 ? O LEU A 345 N THR A 150 ? N THR A 321 
A 4 5 O PHE A 149 ? O PHE A 320 N SER A 98  ? N SER A 269 
A 5 6 O VAL A 97  ? O VAL A 268 N LEU A 112 ? N LEU A 283 
B 1 2 O SER A 83  ? O SER A 254 N VAL A 90  ? N VAL A 261 
C 1 2 O LYS A 180 ? O LYS A 351 N MET A 195 ? N MET A 366 
# 
_struct_site.id                   AC1 
_struct_site.pdbx_evidence_code   Software 
_struct_site.pdbx_auth_asym_id    A 
_struct_site.pdbx_auth_comp_id    SO4 
_struct_site.pdbx_auth_seq_id     421 
_struct_site.pdbx_auth_ins_code   ? 
_struct_site.pdbx_num_residues    6 
_struct_site.details              'BINDING SITE FOR RESIDUE SO4 A 421' 
# 
loop_
_struct_site_gen.id 
_struct_site_gen.site_id 
_struct_site_gen.pdbx_num_res 
_struct_site_gen.label_comp_id 
_struct_site_gen.label_asym_id 
_struct_site_gen.label_seq_id 
_struct_site_gen.pdbx_auth_ins_code 
_struct_site_gen.auth_comp_id 
_struct_site_gen.auth_asym_id 
_struct_site_gen.auth_seq_id 
_struct_site_gen.label_atom_id 
_struct_site_gen.label_alt_id 
_struct_site_gen.symmetry 
_struct_site_gen.details 
1 AC1 6 LYS A 24 ? LYS A 195 . ? 1_555 ? 
2 AC1 6 LYS A 24 ? LYS A 195 . ? 9_555 ? 
3 AC1 6 LYS A 24 ? LYS A 195 . ? 5_555 ? 
4 AC1 6 ASN A 25 ? ASN A 196 . ? 1_555 ? 
5 AC1 6 ASN A 25 ? ASN A 196 . ? 5_555 ? 
6 AC1 6 HOH C .  ? HOH A 417 . ? 1_555 ? 
# 
loop_
_pdbx_validate_torsion.id 
_pdbx_validate_torsion.PDB_model_num 
_pdbx_validate_torsion.auth_comp_id 
_pdbx_validate_torsion.auth_asym_id 
_pdbx_validate_torsion.auth_seq_id 
_pdbx_validate_torsion.PDB_ins_code 
_pdbx_validate_torsion.label_alt_id 
_pdbx_validate_torsion.phi 
_pdbx_validate_torsion.psi 
1 1 ALA A 199 ? ? -107.34 64.17 
2 1 THR A 280 ? ? -103.61 76.41 
3 1 ASP A 396 ? ? -162.62 82.94 
# 
_pdbx_struct_special_symmetry.id              1 
_pdbx_struct_special_symmetry.PDB_model_num   1 
_pdbx_struct_special_symmetry.auth_asym_id    A 
_pdbx_struct_special_symmetry.auth_comp_id    SO4 
_pdbx_struct_special_symmetry.auth_seq_id     421 
_pdbx_struct_special_symmetry.PDB_ins_code    ? 
_pdbx_struct_special_symmetry.label_asym_id   B 
_pdbx_struct_special_symmetry.label_comp_id   SO4 
_pdbx_struct_special_symmetry.label_seq_id    . 
# 
loop_
_pdbx_unobs_or_zero_occ_residues.id 
_pdbx_unobs_or_zero_occ_residues.PDB_model_num 
_pdbx_unobs_or_zero_occ_residues.polymer_flag 
_pdbx_unobs_or_zero_occ_residues.occupancy_flag 
_pdbx_unobs_or_zero_occ_residues.auth_asym_id 
_pdbx_unobs_or_zero_occ_residues.auth_comp_id 
_pdbx_unobs_or_zero_occ_residues.auth_seq_id 
_pdbx_unobs_or_zero_occ_residues.PDB_ins_code 
_pdbx_unobs_or_zero_occ_residues.label_asym_id 
_pdbx_unobs_or_zero_occ_residues.label_comp_id 
_pdbx_unobs_or_zero_occ_residues.label_seq_id 
1 1 Y 1 A PRO 275 ? A PRO 104 
2 1 Y 1 A ARG 276 ? A ARG 105 
3 1 Y 1 A ARG 306 ? A ARG 135 
# 
loop_
_chem_comp_atom.comp_id 
_chem_comp_atom.atom_id 
_chem_comp_atom.type_symbol 
_chem_comp_atom.pdbx_aromatic_flag 
_chem_comp_atom.pdbx_stereo_config 
_chem_comp_atom.pdbx_ordinal 
ALA N    N N N 1   
ALA CA   C N S 2   
ALA C    C N N 3   
ALA O    O N N 4   
ALA CB   C N N 5   
ALA OXT  O N N 6   
ALA H    H N N 7   
ALA H2   H N N 8   
ALA HA   H N N 9   
ALA HB1  H N N 10  
ALA HB2  H N N 11  
ALA HB3  H N N 12  
ALA HXT  H N N 13  
ARG N    N N N 14  
ARG CA   C N S 15  
ARG C    C N N 16  
ARG O    O N N 17  
ARG CB   C N N 18  
ARG CG   C N N 19  
ARG CD   C N N 20  
ARG NE   N N N 21  
ARG CZ   C N N 22  
ARG NH1  N N N 23  
ARG NH2  N N N 24  
ARG OXT  O N N 25  
ARG H    H N N 26  
ARG H2   H N N 27  
ARG HA   H N N 28  
ARG HB2  H N N 29  
ARG HB3  H N N 30  
ARG HG2  H N N 31  
ARG HG3  H N N 32  
ARG HD2  H N N 33  
ARG HD3  H N N 34  
ARG HE   H N N 35  
ARG HH11 H N N 36  
ARG HH12 H N N 37  
ARG HH21 H N N 38  
ARG HH22 H N N 39  
ARG HXT  H N N 40  
ASN N    N N N 41  
ASN CA   C N S 42  
ASN C    C N N 43  
ASN O    O N N 44  
ASN CB   C N N 45  
ASN CG   C N N 46  
ASN OD1  O N N 47  
ASN ND2  N N N 48  
ASN OXT  O N N 49  
ASN H    H N N 50  
ASN H2   H N N 51  
ASN HA   H N N 52  
ASN HB2  H N N 53  
ASN HB3  H N N 54  
ASN HD21 H N N 55  
ASN HD22 H N N 56  
ASN HXT  H N N 57  
ASP N    N N N 58  
ASP CA   C N S 59  
ASP C    C N N 60  
ASP O    O N N 61  
ASP CB   C N N 62  
ASP CG   C N N 63  
ASP OD1  O N N 64  
ASP OD2  O N N 65  
ASP OXT  O N N 66  
ASP H    H N N 67  
ASP H2   H N N 68  
ASP HA   H N N 69  
ASP HB2  H N N 70  
ASP HB3  H N N 71  
ASP HD2  H N N 72  
ASP HXT  H N N 73  
GLN N    N N N 74  
GLN CA   C N S 75  
GLN C    C N N 76  
GLN O    O N N 77  
GLN CB   C N N 78  
GLN CG   C N N 79  
GLN CD   C N N 80  
GLN OE1  O N N 81  
GLN NE2  N N N 82  
GLN OXT  O N N 83  
GLN H    H N N 84  
GLN H2   H N N 85  
GLN HA   H N N 86  
GLN HB2  H N N 87  
GLN HB3  H N N 88  
GLN HG2  H N N 89  
GLN HG3  H N N 90  
GLN HE21 H N N 91  
GLN HE22 H N N 92  
GLN HXT  H N N 93  
GLU N    N N N 94  
GLU CA   C N S 95  
GLU C    C N N 96  
GLU O    O N N 97  
GLU CB   C N N 98  
GLU CG   C N N 99  
GLU CD   C N N 100 
GLU OE1  O N N 101 
GLU OE2  O N N 102 
GLU OXT  O N N 103 
GLU H    H N N 104 
GLU H2   H N N 105 
GLU HA   H N N 106 
GLU HB2  H N N 107 
GLU HB3  H N N 108 
GLU HG2  H N N 109 
GLU HG3  H N N 110 
GLU HE2  H N N 111 
GLU HXT  H N N 112 
GLY N    N N N 113 
GLY CA   C N N 114 
GLY C    C N N 115 
GLY O    O N N 116 
GLY OXT  O N N 117 
GLY H    H N N 118 
GLY H2   H N N 119 
GLY HA2  H N N 120 
GLY HA3  H N N 121 
GLY HXT  H N N 122 
HIS N    N N N 123 
HIS CA   C N S 124 
HIS C    C N N 125 
HIS O    O N N 126 
HIS CB   C N N 127 
HIS CG   C Y N 128 
HIS ND1  N Y N 129 
HIS CD2  C Y N 130 
HIS CE1  C Y N 131 
HIS NE2  N Y N 132 
HIS OXT  O N N 133 
HIS H    H N N 134 
HIS H2   H N N 135 
HIS HA   H N N 136 
HIS HB2  H N N 137 
HIS HB3  H N N 138 
HIS HD1  H N N 139 
HIS HD2  H N N 140 
HIS HE1  H N N 141 
HIS HE2  H N N 142 
HIS HXT  H N N 143 
HOH O    O N N 144 
HOH H1   H N N 145 
HOH H2   H N N 146 
ILE N    N N N 147 
ILE CA   C N S 148 
ILE C    C N N 149 
ILE O    O N N 150 
ILE CB   C N S 151 
ILE CG1  C N N 152 
ILE CG2  C N N 153 
ILE CD1  C N N 154 
ILE OXT  O N N 155 
ILE H    H N N 156 
ILE H2   H N N 157 
ILE HA   H N N 158 
ILE HB   H N N 159 
ILE HG12 H N N 160 
ILE HG13 H N N 161 
ILE HG21 H N N 162 
ILE HG22 H N N 163 
ILE HG23 H N N 164 
ILE HD11 H N N 165 
ILE HD12 H N N 166 
ILE HD13 H N N 167 
ILE HXT  H N N 168 
LEU N    N N N 169 
LEU CA   C N S 170 
LEU C    C N N 171 
LEU O    O N N 172 
LEU CB   C N N 173 
LEU CG   C N N 174 
LEU CD1  C N N 175 
LEU CD2  C N N 176 
LEU OXT  O N N 177 
LEU H    H N N 178 
LEU H2   H N N 179 
LEU HA   H N N 180 
LEU HB2  H N N 181 
LEU HB3  H N N 182 
LEU HG   H N N 183 
LEU HD11 H N N 184 
LEU HD12 H N N 185 
LEU HD13 H N N 186 
LEU HD21 H N N 187 
LEU HD22 H N N 188 
LEU HD23 H N N 189 
LEU HXT  H N N 190 
LYS N    N N N 191 
LYS CA   C N S 192 
LYS C    C N N 193 
LYS O    O N N 194 
LYS CB   C N N 195 
LYS CG   C N N 196 
LYS CD   C N N 197 
LYS CE   C N N 198 
LYS NZ   N N N 199 
LYS OXT  O N N 200 
LYS H    H N N 201 
LYS H2   H N N 202 
LYS HA   H N N 203 
LYS HB2  H N N 204 
LYS HB3  H N N 205 
LYS HG2  H N N 206 
LYS HG3  H N N 207 
LYS HD2  H N N 208 
LYS HD3  H N N 209 
LYS HE2  H N N 210 
LYS HE3  H N N 211 
LYS HZ1  H N N 212 
LYS HZ2  H N N 213 
LYS HZ3  H N N 214 
LYS HXT  H N N 215 
MET N    N N N 216 
MET CA   C N S 217 
MET C    C N N 218 
MET O    O N N 219 
MET CB   C N N 220 
MET CG   C N N 221 
MET SD   S N N 222 
MET CE   C N N 223 
MET OXT  O N N 224 
MET H    H N N 225 
MET H2   H N N 226 
MET HA   H N N 227 
MET HB2  H N N 228 
MET HB3  H N N 229 
MET HG2  H N N 230 
MET HG3  H N N 231 
MET HE1  H N N 232 
MET HE2  H N N 233 
MET HE3  H N N 234 
MET HXT  H N N 235 
PHE N    N N N 236 
PHE CA   C N S 237 
PHE C    C N N 238 
PHE O    O N N 239 
PHE CB   C N N 240 
PHE CG   C Y N 241 
PHE CD1  C Y N 242 
PHE CD2  C Y N 243 
PHE CE1  C Y N 244 
PHE CE2  C Y N 245 
PHE CZ   C Y N 246 
PHE OXT  O N N 247 
PHE H    H N N 248 
PHE H2   H N N 249 
PHE HA   H N N 250 
PHE HB2  H N N 251 
PHE HB3  H N N 252 
PHE HD1  H N N 253 
PHE HD2  H N N 254 
PHE HE1  H N N 255 
PHE HE2  H N N 256 
PHE HZ   H N N 257 
PHE HXT  H N N 258 
PRO N    N N N 259 
PRO CA   C N S 260 
PRO C    C N N 261 
PRO O    O N N 262 
PRO CB   C N N 263 
PRO CG   C N N 264 
PRO CD   C N N 265 
PRO OXT  O N N 266 
PRO H    H N N 267 
PRO HA   H N N 268 
PRO HB2  H N N 269 
PRO HB3  H N N 270 
PRO HG2  H N N 271 
PRO HG3  H N N 272 
PRO HD2  H N N 273 
PRO HD3  H N N 274 
PRO HXT  H N N 275 
SER N    N N N 276 
SER CA   C N S 277 
SER C    C N N 278 
SER O    O N N 279 
SER CB   C N N 280 
SER OG   O N N 281 
SER OXT  O N N 282 
SER H    H N N 283 
SER H2   H N N 284 
SER HA   H N N 285 
SER HB2  H N N 286 
SER HB3  H N N 287 
SER HG   H N N 288 
SER HXT  H N N 289 
SO4 S    S N N 290 
SO4 O1   O N N 291 
SO4 O2   O N N 292 
SO4 O3   O N N 293 
SO4 O4   O N N 294 
THR N    N N N 295 
THR CA   C N S 296 
THR C    C N N 297 
THR O    O N N 298 
THR CB   C N R 299 
THR OG1  O N N 300 
THR CG2  C N N 301 
THR OXT  O N N 302 
THR H    H N N 303 
THR H2   H N N 304 
THR HA   H N N 305 
THR HB   H N N 306 
THR HG1  H N N 307 
THR HG21 H N N 308 
THR HG22 H N N 309 
THR HG23 H N N 310 
THR HXT  H N N 311 
TYR N    N N N 312 
TYR CA   C N S 313 
TYR C    C N N 314 
TYR O    O N N 315 
TYR CB   C N N 316 
TYR CG   C Y N 317 
TYR CD1  C Y N 318 
TYR CD2  C Y N 319 
TYR CE1  C Y N 320 
TYR CE2  C Y N 321 
TYR CZ   C Y N 322 
TYR OH   O N N 323 
TYR OXT  O N N 324 
TYR H    H N N 325 
TYR H2   H N N 326 
TYR HA   H N N 327 
TYR HB2  H N N 328 
TYR HB3  H N N 329 
TYR HD1  H N N 330 
TYR HD2  H N N 331 
TYR HE1  H N N 332 
TYR HE2  H N N 333 
TYR HH   H N N 334 
TYR HXT  H N N 335 
VAL N    N N N 336 
VAL CA   C N S 337 
VAL C    C N N 338 
VAL O    O N N 339 
VAL CB   C N N 340 
VAL CG1  C N N 341 
VAL CG2  C N N 342 
VAL OXT  O N N 343 
VAL H    H N N 344 
VAL H2   H N N 345 
VAL HA   H N N 346 
VAL HB   H N N 347 
VAL HG11 H N N 348 
VAL HG12 H N N 349 
VAL HG13 H N N 350 
VAL HG21 H N N 351 
VAL HG22 H N N 352 
VAL HG23 H N N 353 
VAL HXT  H N N 354 
# 
loop_
_chem_comp_bond.comp_id 
_chem_comp_bond.atom_id_1 
_chem_comp_bond.atom_id_2 
_chem_comp_bond.value_order 
_chem_comp_bond.pdbx_aromatic_flag 
_chem_comp_bond.pdbx_stereo_config 
_chem_comp_bond.pdbx_ordinal 
ALA N   CA   sing N N 1   
ALA N   H    sing N N 2   
ALA N   H2   sing N N 3   
ALA CA  C    sing N N 4   
ALA CA  CB   sing N N 5   
ALA CA  HA   sing N N 6   
ALA C   O    doub N N 7   
ALA C   OXT  sing N N 8   
ALA CB  HB1  sing N N 9   
ALA CB  HB2  sing N N 10  
ALA CB  HB3  sing N N 11  
ALA OXT HXT  sing N N 12  
ARG N   CA   sing N N 13  
ARG N   H    sing N N 14  
ARG N   H2   sing N N 15  
ARG CA  C    sing N N 16  
ARG CA  CB   sing N N 17  
ARG CA  HA   sing N N 18  
ARG C   O    doub N N 19  
ARG C   OXT  sing N N 20  
ARG CB  CG   sing N N 21  
ARG CB  HB2  sing N N 22  
ARG CB  HB3  sing N N 23  
ARG CG  CD   sing N N 24  
ARG CG  HG2  sing N N 25  
ARG CG  HG3  sing N N 26  
ARG CD  NE   sing N N 27  
ARG CD  HD2  sing N N 28  
ARG CD  HD3  sing N N 29  
ARG NE  CZ   sing N N 30  
ARG NE  HE   sing N N 31  
ARG CZ  NH1  sing N N 32  
ARG CZ  NH2  doub N N 33  
ARG NH1 HH11 sing N N 34  
ARG NH1 HH12 sing N N 35  
ARG NH2 HH21 sing N N 36  
ARG NH2 HH22 sing N N 37  
ARG OXT HXT  sing N N 38  
ASN N   CA   sing N N 39  
ASN N   H    sing N N 40  
ASN N   H2   sing N N 41  
ASN CA  C    sing N N 42  
ASN CA  CB   sing N N 43  
ASN CA  HA   sing N N 44  
ASN C   O    doub N N 45  
ASN C   OXT  sing N N 46  
ASN CB  CG   sing N N 47  
ASN CB  HB2  sing N N 48  
ASN CB  HB3  sing N N 49  
ASN CG  OD1  doub N N 50  
ASN CG  ND2  sing N N 51  
ASN ND2 HD21 sing N N 52  
ASN ND2 HD22 sing N N 53  
ASN OXT HXT  sing N N 54  
ASP N   CA   sing N N 55  
ASP N   H    sing N N 56  
ASP N   H2   sing N N 57  
ASP CA  C    sing N N 58  
ASP CA  CB   sing N N 59  
ASP CA  HA   sing N N 60  
ASP C   O    doub N N 61  
ASP C   OXT  sing N N 62  
ASP CB  CG   sing N N 63  
ASP CB  HB2  sing N N 64  
ASP CB  HB3  sing N N 65  
ASP CG  OD1  doub N N 66  
ASP CG  OD2  sing N N 67  
ASP OD2 HD2  sing N N 68  
ASP OXT HXT  sing N N 69  
GLN N   CA   sing N N 70  
GLN N   H    sing N N 71  
GLN N   H2   sing N N 72  
GLN CA  C    sing N N 73  
GLN CA  CB   sing N N 74  
GLN CA  HA   sing N N 75  
GLN C   O    doub N N 76  
GLN C   OXT  sing N N 77  
GLN CB  CG   sing N N 78  
GLN CB  HB2  sing N N 79  
GLN CB  HB3  sing N N 80  
GLN CG  CD   sing N N 81  
GLN CG  HG2  sing N N 82  
GLN CG  HG3  sing N N 83  
GLN CD  OE1  doub N N 84  
GLN CD  NE2  sing N N 85  
GLN NE2 HE21 sing N N 86  
GLN NE2 HE22 sing N N 87  
GLN OXT HXT  sing N N 88  
GLU N   CA   sing N N 89  
GLU N   H    sing N N 90  
GLU N   H2   sing N N 91  
GLU CA  C    sing N N 92  
GLU CA  CB   sing N N 93  
GLU CA  HA   sing N N 94  
GLU C   O    doub N N 95  
GLU C   OXT  sing N N 96  
GLU CB  CG   sing N N 97  
GLU CB  HB2  sing N N 98  
GLU CB  HB3  sing N N 99  
GLU CG  CD   sing N N 100 
GLU CG  HG2  sing N N 101 
GLU CG  HG3  sing N N 102 
GLU CD  OE1  doub N N 103 
GLU CD  OE2  sing N N 104 
GLU OE2 HE2  sing N N 105 
GLU OXT HXT  sing N N 106 
GLY N   CA   sing N N 107 
GLY N   H    sing N N 108 
GLY N   H2   sing N N 109 
GLY CA  C    sing N N 110 
GLY CA  HA2  sing N N 111 
GLY CA  HA3  sing N N 112 
GLY C   O    doub N N 113 
GLY C   OXT  sing N N 114 
GLY OXT HXT  sing N N 115 
HIS N   CA   sing N N 116 
HIS N   H    sing N N 117 
HIS N   H2   sing N N 118 
HIS CA  C    sing N N 119 
HIS CA  CB   sing N N 120 
HIS CA  HA   sing N N 121 
HIS C   O    doub N N 122 
HIS C   OXT  sing N N 123 
HIS CB  CG   sing N N 124 
HIS CB  HB2  sing N N 125 
HIS CB  HB3  sing N N 126 
HIS CG  ND1  sing Y N 127 
HIS CG  CD2  doub Y N 128 
HIS ND1 CE1  doub Y N 129 
HIS ND1 HD1  sing N N 130 
HIS CD2 NE2  sing Y N 131 
HIS CD2 HD2  sing N N 132 
HIS CE1 NE2  sing Y N 133 
HIS CE1 HE1  sing N N 134 
HIS NE2 HE2  sing N N 135 
HIS OXT HXT  sing N N 136 
HOH O   H1   sing N N 137 
HOH O   H2   sing N N 138 
ILE N   CA   sing N N 139 
ILE N   H    sing N N 140 
ILE N   H2   sing N N 141 
ILE CA  C    sing N N 142 
ILE CA  CB   sing N N 143 
ILE CA  HA   sing N N 144 
ILE C   O    doub N N 145 
ILE C   OXT  sing N N 146 
ILE CB  CG1  sing N N 147 
ILE CB  CG2  sing N N 148 
ILE CB  HB   sing N N 149 
ILE CG1 CD1  sing N N 150 
ILE CG1 HG12 sing N N 151 
ILE CG1 HG13 sing N N 152 
ILE CG2 HG21 sing N N 153 
ILE CG2 HG22 sing N N 154 
ILE CG2 HG23 sing N N 155 
ILE CD1 HD11 sing N N 156 
ILE CD1 HD12 sing N N 157 
ILE CD1 HD13 sing N N 158 
ILE OXT HXT  sing N N 159 
LEU N   CA   sing N N 160 
LEU N   H    sing N N 161 
LEU N   H2   sing N N 162 
LEU CA  C    sing N N 163 
LEU CA  CB   sing N N 164 
LEU CA  HA   sing N N 165 
LEU C   O    doub N N 166 
LEU C   OXT  sing N N 167 
LEU CB  CG   sing N N 168 
LEU CB  HB2  sing N N 169 
LEU CB  HB3  sing N N 170 
LEU CG  CD1  sing N N 171 
LEU CG  CD2  sing N N 172 
LEU CG  HG   sing N N 173 
LEU CD1 HD11 sing N N 174 
LEU CD1 HD12 sing N N 175 
LEU CD1 HD13 sing N N 176 
LEU CD2 HD21 sing N N 177 
LEU CD2 HD22 sing N N 178 
LEU CD2 HD23 sing N N 179 
LEU OXT HXT  sing N N 180 
LYS N   CA   sing N N 181 
LYS N   H    sing N N 182 
LYS N   H2   sing N N 183 
LYS CA  C    sing N N 184 
LYS CA  CB   sing N N 185 
LYS CA  HA   sing N N 186 
LYS C   O    doub N N 187 
LYS C   OXT  sing N N 188 
LYS CB  CG   sing N N 189 
LYS CB  HB2  sing N N 190 
LYS CB  HB3  sing N N 191 
LYS CG  CD   sing N N 192 
LYS CG  HG2  sing N N 193 
LYS CG  HG3  sing N N 194 
LYS CD  CE   sing N N 195 
LYS CD  HD2  sing N N 196 
LYS CD  HD3  sing N N 197 
LYS CE  NZ   sing N N 198 
LYS CE  HE2  sing N N 199 
LYS CE  HE3  sing N N 200 
LYS NZ  HZ1  sing N N 201 
LYS NZ  HZ2  sing N N 202 
LYS NZ  HZ3  sing N N 203 
LYS OXT HXT  sing N N 204 
MET N   CA   sing N N 205 
MET N   H    sing N N 206 
MET N   H2   sing N N 207 
MET CA  C    sing N N 208 
MET CA  CB   sing N N 209 
MET CA  HA   sing N N 210 
MET C   O    doub N N 211 
MET C   OXT  sing N N 212 
MET CB  CG   sing N N 213 
MET CB  HB2  sing N N 214 
MET CB  HB3  sing N N 215 
MET CG  SD   sing N N 216 
MET CG  HG2  sing N N 217 
MET CG  HG3  sing N N 218 
MET SD  CE   sing N N 219 
MET CE  HE1  sing N N 220 
MET CE  HE2  sing N N 221 
MET CE  HE3  sing N N 222 
MET OXT HXT  sing N N 223 
PHE N   CA   sing N N 224 
PHE N   H    sing N N 225 
PHE N   H2   sing N N 226 
PHE CA  C    sing N N 227 
PHE CA  CB   sing N N 228 
PHE CA  HA   sing N N 229 
PHE C   O    doub N N 230 
PHE C   OXT  sing N N 231 
PHE CB  CG   sing N N 232 
PHE CB  HB2  sing N N 233 
PHE CB  HB3  sing N N 234 
PHE CG  CD1  doub Y N 235 
PHE CG  CD2  sing Y N 236 
PHE CD1 CE1  sing Y N 237 
PHE CD1 HD1  sing N N 238 
PHE CD2 CE2  doub Y N 239 
PHE CD2 HD2  sing N N 240 
PHE CE1 CZ   doub Y N 241 
PHE CE1 HE1  sing N N 242 
PHE CE2 CZ   sing Y N 243 
PHE CE2 HE2  sing N N 244 
PHE CZ  HZ   sing N N 245 
PHE OXT HXT  sing N N 246 
PRO N   CA   sing N N 247 
PRO N   CD   sing N N 248 
PRO N   H    sing N N 249 
PRO CA  C    sing N N 250 
PRO CA  CB   sing N N 251 
PRO CA  HA   sing N N 252 
PRO C   O    doub N N 253 
PRO C   OXT  sing N N 254 
PRO CB  CG   sing N N 255 
PRO CB  HB2  sing N N 256 
PRO CB  HB3  sing N N 257 
PRO CG  CD   sing N N 258 
PRO CG  HG2  sing N N 259 
PRO CG  HG3  sing N N 260 
PRO CD  HD2  sing N N 261 
PRO CD  HD3  sing N N 262 
PRO OXT HXT  sing N N 263 
SER N   CA   sing N N 264 
SER N   H    sing N N 265 
SER N   H2   sing N N 266 
SER CA  C    sing N N 267 
SER CA  CB   sing N N 268 
SER CA  HA   sing N N 269 
SER C   O    doub N N 270 
SER C   OXT  sing N N 271 
SER CB  OG   sing N N 272 
SER CB  HB2  sing N N 273 
SER CB  HB3  sing N N 274 
SER OG  HG   sing N N 275 
SER OXT HXT  sing N N 276 
SO4 S   O1   doub N N 277 
SO4 S   O2   doub N N 278 
SO4 S   O3   sing N N 279 
SO4 S   O4   sing N N 280 
THR N   CA   sing N N 281 
THR N   H    sing N N 282 
THR N   H2   sing N N 283 
THR CA  C    sing N N 284 
THR CA  CB   sing N N 285 
THR CA  HA   sing N N 286 
THR C   O    doub N N 287 
THR C   OXT  sing N N 288 
THR CB  OG1  sing N N 289 
THR CB  CG2  sing N N 290 
THR CB  HB   sing N N 291 
THR OG1 HG1  sing N N 292 
THR CG2 HG21 sing N N 293 
THR CG2 HG22 sing N N 294 
THR CG2 HG23 sing N N 295 
THR OXT HXT  sing N N 296 
TYR N   CA   sing N N 297 
TYR N   H    sing N N 298 
TYR N   H2   sing N N 299 
TYR CA  C    sing N N 300 
TYR CA  CB   sing N N 301 
TYR CA  HA   sing N N 302 
TYR C   O    doub N N 303 
TYR C   OXT  sing N N 304 
TYR CB  CG   sing N N 305 
TYR CB  HB2  sing N N 306 
TYR CB  HB3  sing N N 307 
TYR CG  CD1  doub Y N 308 
TYR CG  CD2  sing Y N 309 
TYR CD1 CE1  sing Y N 310 
TYR CD1 HD1  sing N N 311 
TYR CD2 CE2  doub Y N 312 
TYR CD2 HD2  sing N N 313 
TYR CE1 CZ   doub Y N 314 
TYR CE1 HE1  sing N N 315 
TYR CE2 CZ   sing Y N 316 
TYR CE2 HE2  sing N N 317 
TYR CZ  OH   sing N N 318 
TYR OH  HH   sing N N 319 
TYR OXT HXT  sing N N 320 
VAL N   CA   sing N N 321 
VAL N   H    sing N N 322 
VAL N   H2   sing N N 323 
VAL CA  C    sing N N 324 
VAL CA  CB   sing N N 325 
VAL CA  HA   sing N N 326 
VAL C   O    doub N N 327 
VAL C   OXT  sing N N 328 
VAL CB  CG1  sing N N 329 
VAL CB  CG2  sing N N 330 
VAL CB  HB   sing N N 331 
VAL CG1 HG11 sing N N 332 
VAL CG1 HG12 sing N N 333 
VAL CG1 HG13 sing N N 334 
VAL CG2 HG21 sing N N 335 
VAL CG2 HG22 sing N N 336 
VAL CG2 HG23 sing N N 337 
VAL OXT HXT  sing N N 338 
# 
_pdbx_initial_refinement_model.id               1 
_pdbx_initial_refinement_model.entity_id_list   ? 
_pdbx_initial_refinement_model.type             'experimental model' 
_pdbx_initial_refinement_model.source_name      PDB 
_pdbx_initial_refinement_model.accession_code   1EAA 
_pdbx_initial_refinement_model.details          'PDB ENTRY 1EAA' 
# 
_atom_sites.entry_id                    1E2O 
_atom_sites.fract_transf_matrix[1][1]   0.00369280 
_atom_sites.fract_transf_matrix[1][2]   0.00205315 
_atom_sites.fract_transf_matrix[1][3]   -0.00151326 
_atom_sites.fract_transf_matrix[2][1]   -0.00181078 
_atom_sites.fract_transf_matrix[2][2]   0.00023518 
_atom_sites.fract_transf_matrix[2][3]   -0.00409975 
_atom_sites.fract_transf_matrix[3][1]   -0.00179624 
_atom_sites.fract_transf_matrix[3][2]   0.00398389 
_atom_sites.fract_transf_matrix[3][3]   0.00102190 
_atom_sites.fract_transf_vector[1]      0.157973 
_atom_sites.fract_transf_vector[2]      0.087238 
_atom_sites.fract_transf_vector[3]      0.197836 
# 
loop_
_atom_type.symbol 
C 
N 
O 
S 
# 
loop_
_atom_site.group_PDB 
_atom_site.id 
_atom_site.type_symbol 
_atom_site.label_atom_id 
_atom_site.label_alt_id 
_atom_site.label_comp_id 
_atom_site.label_asym_id 
_atom_site.label_entity_id 
_atom_site.label_seq_id 
_atom_site.pdbx_PDB_ins_code 
_atom_site.Cartn_x 
_atom_site.Cartn_y 
_atom_site.Cartn_z 
_atom_site.occupancy 
_atom_site.B_iso_or_equiv 
_atom_site.pdbx_formal_charge 
_atom_site.auth_seq_id 
_atom_site.auth_comp_id 
_atom_site.auth_asym_id 
_atom_site.auth_atom_id 
_atom_site.pdbx_PDB_model_num 
ATOM   1    N N   . ALA A 1 1   ? -38.654 4.844   -16.134 1.00 65.00 ? 172 ALA A N   1 
ATOM   2    C CA  . ALA A 1 1   ? -39.441 3.657   -16.579 1.00 65.00 ? 172 ALA A CA  1 
ATOM   3    C C   . ALA A 1 1   ? -39.012 3.281   -17.985 1.00 65.00 ? 172 ALA A C   1 
ATOM   4    O O   . ALA A 1 1   ? -39.444 2.266   -18.521 1.00 65.00 ? 172 ALA A O   1 
ATOM   5    C CB  . ALA A 1 1   ? -40.939 3.971   -16.564 1.00 65.00 ? 172 ALA A CB  1 
ATOM   6    N N   . ARG A 1 2   ? -38.150 4.107   -18.572 1.00 45.61 ? 173 ARG A N   1 
ATOM   7    C CA  . ARG A 1 2   ? -37.671 3.874   -19.918 1.00 45.61 ? 173 ARG A CA  1 
ATOM   8    C C   . ARG A 1 2   ? -36.420 3.018   -19.895 1.00 45.61 ? 173 ARG A C   1 
ATOM   9    O O   . ARG A 1 2   ? -35.779 2.885   -18.859 1.00 60.18 ? 173 ARG A O   1 
ATOM   10   C CB  . ARG A 1 2   ? -37.449 5.217   -20.612 1.00 60.18 ? 173 ARG A CB  1 
ATOM   11   C CG  . ARG A 1 2   ? -38.743 6.035   -20.666 1.00 60.18 ? 173 ARG A CG  1 
ATOM   12   C CD  . ARG A 1 2   ? -38.670 7.194   -21.637 1.00 60.18 ? 173 ARG A CD  1 
ATOM   13   N NE  . ARG A 1 2   ? -39.968 7.842   -21.800 1.00 60.18 ? 173 ARG A NE  1 
ATOM   14   C CZ  . ARG A 1 2   ? -40.125 9.148   -21.961 1.00 60.18 ? 173 ARG A CZ  1 
ATOM   15   N NH1 . ARG A 1 2   ? -39.076 9.954   -21.981 1.00 60.18 ? 173 ARG A NH1 1 
ATOM   16   N NH2 . ARG A 1 2   ? -41.332 9.648   -22.126 1.00 60.18 ? 173 ARG A NH2 1 
ATOM   17   N N   . SER A 1 3   ? -36.090 2.430   -21.034 1.00 40.73 ? 174 SER A N   1 
ATOM   18   C CA  . SER A 1 3   ? -34.934 1.560   -21.141 1.00 40.73 ? 174 SER A CA  1 
ATOM   19   C C   . SER A 1 3   ? -33.575 2.198   -20.855 1.00 40.73 ? 174 SER A C   1 
ATOM   20   O O   . SER A 1 3   ? -32.627 1.494   -20.496 1.00 65.00 ? 174 SER A O   1 
ATOM   21   C CB  . SER A 1 3   ? -34.929 0.853   -22.500 1.00 65.00 ? 174 SER A CB  1 
ATOM   22   O OG  . SER A 1 3   ? -35.265 1.739   -23.552 1.00 65.00 ? 174 SER A OG  1 
ATOM   23   N N   . GLU A 1 4   ? -33.460 3.513   -21.011 1.00 37.14 ? 175 GLU A N   1 
ATOM   24   C CA  . GLU A 1 4   ? -32.183 4.168   -20.742 1.00 37.14 ? 175 GLU A CA  1 
ATOM   25   C C   . GLU A 1 4   ? -32.266 5.455   -19.942 1.00 37.14 ? 175 GLU A C   1 
ATOM   26   O O   . GLU A 1 4   ? -33.169 6.265   -20.145 1.00 65.00 ? 175 GLU A O   1 
ATOM   27   C CB  . GLU A 1 4   ? -31.410 4.376   -22.038 1.00 65.00 ? 175 GLU A CB  1 
ATOM   28   C CG  . GLU A 1 4   ? -30.777 3.086   -22.533 1.00 65.00 ? 175 GLU A CG  1 
ATOM   29   C CD  . GLU A 1 4   ? -30.544 3.064   -24.027 1.00 65.00 ? 175 GLU A CD  1 
ATOM   30   O OE1 . GLU A 1 4   ? -29.530 2.462   -24.457 1.00 65.00 ? 175 GLU A OE1 1 
ATOM   31   O OE2 . GLU A 1 4   ? -31.382 3.631   -24.772 1.00 65.00 ? 175 GLU A OE2 1 
ATOM   32   N N   . LYS A 1 5   ? -31.359 5.599   -18.983 1.00 34.67 ? 176 LYS A N   1 
ATOM   33   C CA  . LYS A 1 5   ? -31.314 6.786   -18.145 1.00 34.67 ? 176 LYS A CA  1 
ATOM   34   C C   . LYS A 1 5   ? -29.956 7.486   -18.269 1.00 34.67 ? 176 LYS A C   1 
ATOM   35   O O   . LYS A 1 5   ? -28.913 6.941   -17.885 1.00 44.08 ? 176 LYS A O   1 
ATOM   36   C CB  . LYS A 1 5   ? -31.595 6.433   -16.683 1.00 44.08 ? 176 LYS A CB  1 
ATOM   37   C CG  . LYS A 1 5   ? -32.038 7.630   -15.837 1.00 44.08 ? 176 LYS A CG  1 
ATOM   38   C CD  . LYS A 1 5   ? -31.135 7.896   -14.632 1.00 44.08 ? 176 LYS A CD  1 
ATOM   39   N N   . ARG A 1 6   ? -29.982 8.687   -18.840 1.00 19.53 ? 177 ARG A N   1 
ATOM   40   C CA  . ARG A 1 6   ? -28.785 9.490   -19.027 1.00 19.53 ? 177 ARG A CA  1 
ATOM   41   C C   . ARG A 1 6   ? -28.604 10.460  -17.871 1.00 19.53 ? 177 ARG A C   1 
ATOM   42   O O   . ARG A 1 6   ? -29.471 11.303  -17.636 1.00 56.94 ? 177 ARG A O   1 
ATOM   43   C CB  . ARG A 1 6   ? -28.895 10.309  -20.306 1.00 56.94 ? 177 ARG A CB  1 
ATOM   44   C CG  . ARG A 1 6   ? -28.389 9.647   -21.523 1.00 56.94 ? 177 ARG A CG  1 
ATOM   45   C CD  . ARG A 1 6   ? -28.069 10.706  -22.540 1.00 56.94 ? 177 ARG A CD  1 
ATOM   46   N NE  . ARG A 1 6   ? -27.224 10.179  -23.598 1.00 56.94 ? 177 ARG A NE  1 
ATOM   47   C CZ  . ARG A 1 6   ? -27.584 9.180   -24.400 1.00 56.94 ? 177 ARG A CZ  1 
ATOM   48   N NH1 . ARG A 1 6   ? -28.782 8.594   -24.268 1.00 56.94 ? 177 ARG A NH1 1 
ATOM   49   N NH2 . ARG A 1 6   ? -26.749 8.772   -25.350 1.00 56.94 ? 177 ARG A NH2 1 
ATOM   50   N N   . VAL A 1 7   ? -27.526 10.320  -17.108 1.00 47.16 ? 178 VAL A N   1 
ATOM   51   C CA  . VAL A 1 7   ? -27.281 11.276  -16.036 1.00 47.16 ? 178 VAL A CA  1 
ATOM   52   C C   . VAL A 1 7   ? -25.953 11.957  -16.362 1.00 47.16 ? 178 VAL A C   1 
ATOM   53   O O   . VAL A 1 7   ? -24.973 11.290  -16.716 1.00 48.05 ? 178 VAL A O   1 
ATOM   54   C CB  . VAL A 1 7   ? -27.284 10.641  -14.621 1.00 48.05 ? 178 VAL A CB  1 
ATOM   55   C CG1 . VAL A 1 7   ? -28.146 9.399   -14.604 1.00 48.05 ? 178 VAL A CG1 1 
ATOM   56   C CG2 . VAL A 1 7   ? -25.872 10.360  -14.129 1.00 48.05 ? 178 VAL A CG2 1 
ATOM   57   N N   . PRO A 1 8   ? -25.949 13.302  -16.383 1.00 51.75 ? 179 PRO A N   1 
ATOM   58   C CA  . PRO A 1 8   ? -24.768 14.115  -16.676 1.00 51.75 ? 179 PRO A CA  1 
ATOM   59   C C   . PRO A 1 8   ? -23.596 13.805  -15.762 1.00 51.75 ? 179 PRO A C   1 
ATOM   60   O O   . PRO A 1 8   ? -23.748 13.647  -14.545 1.00 65.00 ? 179 PRO A O   1 
ATOM   61   C CB  . PRO A 1 8   ? -25.282 15.535  -16.458 1.00 65.00 ? 179 PRO A CB  1 
ATOM   62   C CG  . PRO A 1 8   ? -26.686 15.434  -16.929 1.00 65.00 ? 179 PRO A CG  1 
ATOM   63   C CD  . PRO A 1 8   ? -27.134 14.161  -16.239 1.00 65.00 ? 179 PRO A CD  1 
ATOM   64   N N   . MET A 1 9   ? -22.426 13.703  -16.375 1.00 57.23 ? 180 MET A N   1 
ATOM   65   C CA  . MET A 1 9   ? -21.202 13.425  -15.653 1.00 57.23 ? 180 MET A CA  1 
ATOM   66   C C   . MET A 1 9   ? -20.861 14.640  -14.788 1.00 57.23 ? 180 MET A C   1 
ATOM   67   O O   . MET A 1 9   ? -20.683 15.754  -15.295 1.00 65.00 ? 180 MET A O   1 
ATOM   68   C CB  . MET A 1 9   ? -20.067 13.163  -16.650 1.00 65.00 ? 180 MET A CB  1 
ATOM   69   C CG  . MET A 1 9   ? -18.830 12.514  -16.066 1.00 65.00 ? 180 MET A CG  1 
ATOM   70   S SD  . MET A 1 9   ? -18.598 10.861  -16.707 1.00 65.00 ? 180 MET A SD  1 
ATOM   71   C CE  . MET A 1 9   ? -17.740 11.203  -18.242 1.00 65.00 ? 180 MET A CE  1 
ATOM   72   N N   . THR A 1 10  ? -20.820 14.434  -13.479 1.00 62.21 ? 181 THR A N   1 
ATOM   73   C CA  . THR A 1 10  ? -20.468 15.511  -12.566 1.00 62.21 ? 181 THR A CA  1 
ATOM   74   C C   . THR A 1 10  ? -19.009 15.886  -12.829 1.00 62.21 ? 181 THR A C   1 
ATOM   75   O O   . THR A 1 10  ? -18.165 15.008  -13.057 1.00 56.25 ? 181 THR A O   1 
ATOM   76   C CB  . THR A 1 10  ? -20.636 15.058  -11.120 1.00 56.25 ? 181 THR A CB  1 
ATOM   77   N N   . ARG A 1 11  ? -18.716 17.183  -12.773 1.00 65.00 ? 182 ARG A N   1 
ATOM   78   C CA  . ARG A 1 11  ? -17.365 17.704  -12.994 1.00 65.00 ? 182 ARG A CA  1 
ATOM   79   C C   . ARG A 1 11  ? -16.266 16.936  -12.250 1.00 65.00 ? 182 ARG A C   1 
ATOM   80   O O   . ARG A 1 11  ? -15.202 16.667  -12.808 1.00 62.43 ? 182 ARG A O   1 
ATOM   81   C CB  . ARG A 1 11  ? -17.321 19.196  -12.635 1.00 62.43 ? 182 ARG A CB  1 
ATOM   82   C CG  . ARG A 1 11  ? -17.463 20.134  -13.842 1.00 62.43 ? 182 ARG A CG  1 
ATOM   83   N N   . LEU A 1 12  ? -16.537 16.563  -11.006 1.00 65.00 ? 183 LEU A N   1 
ATOM   84   C CA  . LEU A 1 12  ? -15.568 15.823  -10.210 1.00 65.00 ? 183 LEU A CA  1 
ATOM   85   C C   . LEU A 1 12  ? -15.285 14.476  -10.862 1.00 65.00 ? 183 LEU A C   1 
ATOM   86   O O   . LEU A 1 12  ? -14.134 14.145  -11.145 1.00 48.21 ? 183 LEU A O   1 
ATOM   87   N N   . ARG A 1 13  ? -16.349 13.730  -11.145 1.00 65.00 ? 184 ARG A N   1 
ATOM   88   C CA  . ARG A 1 13  ? -16.228 12.416  -11.762 1.00 65.00 ? 184 ARG A CA  1 
ATOM   89   C C   . ARG A 1 13  ? -15.526 12.545  -13.103 1.00 65.00 ? 184 ARG A C   1 
ATOM   90   O O   . ARG A 1 13  ? -14.668 11.725  -13.450 1.00 51.81 ? 184 ARG A O   1 
ATOM   91   C CB  . ARG A 1 13  ? -17.609 11.772  -11.954 1.00 51.81 ? 184 ARG A CB  1 
ATOM   92   N N   . LYS A 1 14  ? -15.854 13.613  -13.825 1.00 40.22 ? 185 LYS A N   1 
ATOM   93   C CA  . LYS A 1 14  ? -15.278 13.880  -15.137 1.00 40.22 ? 185 LYS A CA  1 
ATOM   94   C C   . LYS A 1 14  ? -13.775 14.138  -15.030 1.00 40.22 ? 185 LYS A C   1 
ATOM   95   O O   . LYS A 1 14  ? -13.003 13.666  -15.864 1.00 65.00 ? 185 LYS A O   1 
ATOM   96   C CB  . LYS A 1 14  ? -15.984 15.066  -15.784 1.00 65.00 ? 185 LYS A CB  1 
ATOM   97   C CG  . LYS A 1 14  ? -15.568 15.337  -17.207 1.00 65.00 ? 185 LYS A CG  1 
ATOM   98   C CD  . LYS A 1 14  ? -16.394 16.471  -17.776 1.00 65.00 ? 185 LYS A CD  1 
ATOM   99   C CE  . LYS A 1 14  ? -15.931 16.872  -19.175 1.00 65.00 ? 185 LYS A CE  1 
ATOM   100  N NZ  . LYS A 1 14  ? -16.837 17.910  -19.767 1.00 65.00 ? 185 LYS A NZ  1 
ATOM   101  N N   . ARG A 1 15  ? -13.367 14.877  -14.001 1.00 65.00 ? 186 ARG A N   1 
ATOM   102  C CA  . ARG A 1 15  ? -11.949 15.180  -13.806 1.00 65.00 ? 186 ARG A CA  1 
ATOM   103  C C   . ARG A 1 15  ? -11.216 13.884  -13.495 1.00 65.00 ? 186 ARG A C   1 
ATOM   104  O O   . ARG A 1 15  ? -10.211 13.554  -14.135 1.00 56.32 ? 186 ARG A O   1 
ATOM   105  C CB  . ARG A 1 15  ? -11.763 16.181  -12.663 1.00 56.32 ? 186 ARG A CB  1 
ATOM   106  N N   . VAL A 1 16  ? -11.746 13.132  -12.536 1.00 33.89 ? 187 VAL A N   1 
ATOM   107  C CA  . VAL A 1 16  ? -11.151 11.863  -12.140 1.00 33.89 ? 187 VAL A CA  1 
ATOM   108  C C   . VAL A 1 16  ? -10.939 10.975  -13.368 1.00 33.89 ? 187 VAL A C   1 
ATOM   109  O O   . VAL A 1 16  ? -9.820  10.539  -13.654 1.00 65.00 ? 187 VAL A O   1 
ATOM   110  C CB  . VAL A 1 16  ? -12.060 11.118  -11.130 1.00 65.00 ? 187 VAL A CB  1 
ATOM   111  C CG1 . VAL A 1 16  ? -11.473 9.756   -10.768 1.00 65.00 ? 187 VAL A CG1 1 
ATOM   112  C CG2 . VAL A 1 16  ? -12.243 11.959  -9.875  1.00 65.00 ? 187 VAL A CG2 1 
ATOM   113  N N   . ALA A 1 17  ? -12.022 10.752  -14.108 1.00 49.42 ? 188 ALA A N   1 
ATOM   114  C CA  . ALA A 1 17  ? -11.999 9.920   -15.300 1.00 49.42 ? 188 ALA A CA  1 
ATOM   115  C C   . ALA A 1 17  ? -10.842 10.264  -16.239 1.00 49.42 ? 188 ALA A C   1 
ATOM   116  O O   . ALA A 1 17  ? -10.061 9.391   -16.613 1.00 37.86 ? 188 ALA A O   1 
ATOM   117  C CB  . ALA A 1 17  ? -13.326 10.031  -16.015 1.00 37.86 ? 188 ALA A CB  1 
ATOM   118  N N   . GLU A 1 18  ? -10.713 11.537  -16.594 1.00 44.79 ? 189 GLU A N   1 
ATOM   119  C CA  . GLU A 1 18  ? -9.639  11.974  -17.479 1.00 44.79 ? 189 GLU A CA  1 
ATOM   120  C C   . GLU A 1 18  ? -8.286  11.603  -16.865 1.00 44.79 ? 189 GLU A C   1 
ATOM   121  O O   . GLU A 1 18  ? -7.398  11.096  -17.557 1.00 34.68 ? 189 GLU A O   1 
ATOM   122  C CB  . GLU A 1 18  ? -9.726  13.482  -17.720 1.00 34.68 ? 189 GLU A CB  1 
ATOM   123  N N   . ARG A 1 19  ? -8.153  11.806  -15.557 1.00 45.94 ? 190 ARG A N   1 
ATOM   124  C CA  . ARG A 1 19  ? -6.916  11.487  -14.852 1.00 45.94 ? 190 ARG A CA  1 
ATOM   125  C C   . ARG A 1 19  ? -6.548  10.022  -15.060 1.00 45.94 ? 190 ARG A C   1 
ATOM   126  O O   . ARG A 1 19  ? -5.480  9.719   -15.586 1.00 38.37 ? 190 ARG A O   1 
ATOM   127  C CB  . ARG A 1 19  ? -7.066  11.786  -13.359 1.00 38.37 ? 190 ARG A CB  1 
ATOM   128  N N   . LEU A 1 20  ? -7.463  9.130   -14.686 1.00 47.53 ? 191 LEU A N   1 
ATOM   129  C CA  . LEU A 1 20  ? -7.274  7.688   -14.809 1.00 47.53 ? 191 LEU A CA  1 
ATOM   130  C C   . LEU A 1 20  ? -6.879  7.317   -16.227 1.00 47.53 ? 191 LEU A C   1 
ATOM   131  O O   . LEU A 1 20  ? -5.924  6.567   -16.445 1.00 46.68 ? 191 LEU A O   1 
ATOM   132  C CB  . LEU A 1 20  ? -8.552  6.964   -14.390 1.00 46.68 ? 191 LEU A CB  1 
ATOM   133  C CG  . LEU A 1 20  ? -8.851  7.243   -12.908 1.00 46.68 ? 191 LEU A CG  1 
ATOM   134  C CD1 . LEU A 1 20  ? -10.270 6.917   -12.530 1.00 46.68 ? 191 LEU A CD1 1 
ATOM   135  C CD2 . LEU A 1 20  ? -7.879  6.465   -12.065 1.00 46.68 ? 191 LEU A CD2 1 
ATOM   136  N N   . LEU A 1 21  ? -7.544  7.925   -17.204 1.00 19.93 ? 192 LEU A N   1 
ATOM   137  C CA  . LEU A 1 21  ? -7.246  7.642   -18.610 1.00 19.93 ? 192 LEU A CA  1 
ATOM   138  C C   . LEU A 1 21  ? -5.848  8.106   -18.985 1.00 19.93 ? 192 LEU A C   1 
ATOM   139  O O   . LEU A 1 21  ? -5.135  7.425   -19.721 1.00 40.52 ? 192 LEU A O   1 
ATOM   140  C CB  . LEU A 1 21  ? -8.295  8.291   -19.514 1.00 40.52 ? 192 LEU A CB  1 
ATOM   141  C CG  . LEU A 1 21  ? -8.179  8.044   -21.019 1.00 40.52 ? 192 LEU A CG  1 
ATOM   142  C CD1 . LEU A 1 21  ? -8.024  6.569   -21.316 1.00 40.52 ? 192 LEU A CD1 1 
ATOM   143  C CD2 . LEU A 1 21  ? -9.415  8.597   -21.699 1.00 40.52 ? 192 LEU A CD2 1 
ATOM   144  N N   . GLU A 1 22  ? -5.412  9.230   -18.432 1.00 42.89 ? 193 GLU A N   1 
ATOM   145  C CA  . GLU A 1 22  ? -4.074  9.724   -18.753 1.00 42.89 ? 193 GLU A CA  1 
ATOM   146  C C   . GLU A 1 22  ? -3.013  9.048   -17.918 1.00 42.89 ? 193 GLU A C   1 
ATOM   147  O O   . GLU A 1 22  ? -1.829  9.104   -18.233 1.00 65.00 ? 193 GLU A O   1 
ATOM   148  C CB  . GLU A 1 22  ? -3.973  11.232  -18.571 1.00 65.00 ? 193 GLU A CB  1 
ATOM   149  C CG  . GLU A 1 22  ? -3.959  11.700  -17.094 1.00 65.00 ? 193 GLU A CG  1 
ATOM   150  C CD  . GLU A 1 22  ? -3.298  13.099  -16.904 1.00 65.00 ? 193 GLU A CD  1 
ATOM   151  O OE1 . GLU A 1 22  ? -2.914  13.744  -17.944 1.00 65.00 ? 193 GLU A OE1 1 
ATOM   152  O OE2 . GLU A 1 22  ? -3.159  13.534  -15.712 1.00 65.00 ? 193 GLU A OE2 1 
ATOM   153  N N   . ALA A 1 23  ? -3.437  8.458   -16.803 1.00 56.66 ? 194 ALA A N   1 
ATOM   154  C CA  . ALA A 1 23  ? -2.532  7.726   -15.926 1.00 56.66 ? 194 ALA A CA  1 
ATOM   155  C C   . ALA A 1 23  ? -2.101  6.480   -16.669 1.00 56.66 ? 194 ALA A C   1 
ATOM   156  O O   . ALA A 1 23  ? -0.919  6.170   -16.719 1.00 56.67 ? 194 ALA A O   1 
ATOM   157  C CB  . ALA A 1 23  ? -3.205  7.357   -14.588 1.00 56.67 ? 194 ALA A CB  1 
ATOM   158  N N   . LYS A 1 24  ? -3.047  5.856   -17.369 1.00 39.39 ? 195 LYS A N   1 
ATOM   159  C CA  . LYS A 1 24  ? -2.774  4.637   -18.115 1.00 39.39 ? 195 LYS A CA  1 
ATOM   160  C C   . LYS A 1 24  ? -2.148  4.824   -19.497 1.00 39.39 ? 195 LYS A C   1 
ATOM   161  O O   . LYS A 1 24  ? -1.622  3.874   -20.069 1.00 65.00 ? 195 LYS A O   1 
ATOM   162  C CB  . LYS A 1 24  ? -4.052  3.809   -18.251 1.00 65.00 ? 195 LYS A CB  1 
ATOM   163  C CG  . LYS A 1 24  ? -3.791  2.326   -18.111 1.00 65.00 ? 195 LYS A CG  1 
ATOM   164  C CD  . LYS A 1 24  ? -5.057  1.512   -18.265 1.00 65.00 ? 195 LYS A CD  1 
ATOM   165  C CE  . LYS A 1 24  ? -4.727  0.032   -18.189 1.00 65.00 ? 195 LYS A CE  1 
ATOM   166  N NZ  . LYS A 1 24  ? -3.685  -0.330  -19.179 1.00 65.00 ? 195 LYS A NZ  1 
ATOM   167  N N   . ASN A 1 25  ? -2.202  6.037   -20.042 1.00 40.27 ? 196 ASN A N   1 
ATOM   168  C CA  . ASN A 1 25  ? -1.628  6.242   -21.366 1.00 40.27 ? 196 ASN A CA  1 
ATOM   169  C C   . ASN A 1 25  ? -0.272  6.913   -21.321 1.00 40.27 ? 196 ASN A C   1 
ATOM   170  O O   . ASN A 1 25  ? 0.497   6.849   -22.275 1.00 51.84 ? 196 ASN A O   1 
ATOM   171  C CB  . ASN A 1 25  ? -2.593  7.042   -22.232 1.00 51.84 ? 196 ASN A CB  1 
ATOM   172  C CG  . ASN A 1 25  ? -3.890  6.308   -22.489 1.00 51.84 ? 196 ASN A CG  1 
ATOM   173  O OD1 . ASN A 1 25  ? -4.087  5.167   -22.050 1.00 51.84 ? 196 ASN A OD1 1 
ATOM   174  N ND2 . ASN A 1 25  ? -4.787  6.949   -23.218 1.00 51.84 ? 196 ASN A ND2 1 
ATOM   175  N N   . SER A 1 26  ? 0.026   7.536   -20.190 1.00 48.72 ? 197 SER A N   1 
ATOM   176  C CA  . SER A 1 26  ? 1.282   8.241   -20.002 1.00 48.72 ? 197 SER A CA  1 
ATOM   177  C C   . SER A 1 26  ? 2.409   7.314   -19.550 1.00 48.72 ? 197 SER A C   1 
ATOM   178  O O   . SER A 1 26  ? 3.580   7.543   -19.867 1.00 64.54 ? 197 SER A O   1 
ATOM   179  C CB  . SER A 1 26  ? 1.089   9.335   -18.957 1.00 64.54 ? 197 SER A CB  1 
ATOM   180  O OG  . SER A 1 26  ? 2.333   9.872   -18.541 1.00 64.54 ? 197 SER A OG  1 
ATOM   181  N N   . THR A 1 27  ? 2.048   6.256   -18.832 1.00 46.67 ? 198 THR A N   1 
ATOM   182  C CA  . THR A 1 27  ? 3.023   5.319   -18.291 1.00 46.67 ? 198 THR A CA  1 
ATOM   183  C C   . THR A 1 27  ? 3.026   3.949   -18.977 1.00 46.67 ? 198 THR A C   1 
ATOM   184  O O   . THR A 1 27  ? 2.136   3.630   -19.758 1.00 39.80 ? 198 THR A O   1 
ATOM   185  C CB  . THR A 1 27  ? 2.740   5.111   -16.796 1.00 39.80 ? 198 THR A CB  1 
ATOM   186  O OG1 . THR A 1 27  ? 1.433   4.553   -16.641 1.00 39.80 ? 198 THR A OG1 1 
ATOM   187  C CG2 . THR A 1 27  ? 2.785   6.426   -16.053 1.00 39.80 ? 198 THR A CG2 1 
ATOM   188  N N   . ALA A 1 28  ? 4.073   3.172   -18.726 1.00 46.72 ? 199 ALA A N   1 
ATOM   189  C CA  . ALA A 1 28  ? 4.183   1.811   -19.250 1.00 46.72 ? 199 ALA A CA  1 
ATOM   190  C C   . ALA A 1 28  ? 3.957   0.883   -18.032 1.00 46.72 ? 199 ALA A C   1 
ATOM   191  O O   . ALA A 1 28  ? 4.863   0.156   -17.572 1.00 19.18 ? 199 ALA A O   1 
ATOM   192  C CB  . ALA A 1 28  ? 5.557   1.594   -19.845 1.00 19.18 ? 199 ALA A CB  1 
ATOM   193  N N   . MET A 1 29  ? 2.744   0.962   -17.489 1.00 23.37 ? 200 MET A N   1 
ATOM   194  C CA  . MET A 1 29  ? 2.363   0.204   -16.304 1.00 23.37 ? 200 MET A CA  1 
ATOM   195  C C   . MET A 1 29  ? 2.369   -1.295  -16.484 1.00 23.37 ? 200 MET A C   1 
ATOM   196  O O   . MET A 1 29  ? 1.857   -1.822  -17.455 1.00 29.18 ? 200 MET A O   1 
ATOM   197  C CB  . MET A 1 29  ? 0.988   0.657   -15.824 1.00 29.18 ? 200 MET A CB  1 
ATOM   198  C CG  . MET A 1 29  ? 0.575   0.096   -14.495 1.00 29.18 ? 200 MET A CG  1 
ATOM   199  S SD  . MET A 1 29  ? -0.958  0.848   -13.936 1.00 29.18 ? 200 MET A SD  1 
ATOM   200  C CE  . MET A 1 29  ? -2.146  -0.409  -14.399 1.00 29.18 ? 200 MET A CE  1 
ATOM   201  N N   . LEU A 1 30  ? 2.961   -1.973  -15.522 1.00 18.82 ? 201 LEU A N   1 
ATOM   202  C CA  . LEU A 1 30  ? 3.026   -3.417  -15.522 1.00 18.82 ? 201 LEU A CA  1 
ATOM   203  C C   . LEU A 1 30  ? 2.728   -3.841  -14.089 1.00 18.82 ? 201 LEU A C   1 
ATOM   204  O O   . LEU A 1 30  ? 2.778   -3.012  -13.165 1.00 13.80 ? 201 LEU A O   1 
ATOM   205  C CB  . LEU A 1 30  ? 4.413   -3.884  -15.960 1.00 13.80 ? 201 LEU A CB  1 
ATOM   206  C CG  . LEU A 1 30  ? 4.737   -3.613  -17.435 1.00 13.80 ? 201 LEU A CG  1 
ATOM   207  C CD1 . LEU A 1 30  ? 6.179   -3.985  -17.726 1.00 13.80 ? 201 LEU A CD1 1 
ATOM   208  C CD2 . LEU A 1 30  ? 3.794   -4.391  -18.336 1.00 13.80 ? 201 LEU A CD2 1 
ATOM   209  N N   . THR A 1 31  ? 2.431   -5.120  -13.889 1.00 12.14 ? 202 THR A N   1 
ATOM   210  C CA  . THR A 1 31  ? 2.110   -5.609  -12.556 1.00 12.14 ? 202 THR A CA  1 
ATOM   211  C C   . THR A 1 31  ? 2.849   -6.899  -12.267 1.00 12.14 ? 202 THR A C   1 
ATOM   212  O O   . THR A 1 31  ? 2.945   -7.776  -13.126 1.00 14.80 ? 202 THR A O   1 
ATOM   213  C CB  . THR A 1 31  ? 0.599   -5.836  -12.424 1.00 14.80 ? 202 THR A CB  1 
ATOM   214  O OG1 . THR A 1 31  ? -0.088  -4.652  -12.845 1.00 14.80 ? 202 THR A OG1 1 
ATOM   215  C CG2 . THR A 1 31  ? 0.218   -6.156  -11.002 1.00 14.80 ? 202 THR A CG2 1 
ATOM   216  N N   . THR A 1 32  ? 3.405   -6.989  -11.069 1.00 6.64  ? 203 THR A N   1 
ATOM   217  C CA  . THR A 1 32  ? 4.119   -8.170  -10.651 1.00 6.64  ? 203 THR A CA  1 
ATOM   218  C C   . THR A 1 32  ? 3.414   -8.584  -9.378  1.00 6.64  ? 203 THR A C   1 
ATOM   219  O O   . THR A 1 32  ? 2.944   -7.722  -8.629  1.00 11.82 ? 203 THR A O   1 
ATOM   220  C CB  . THR A 1 32  ? 5.574   -7.873  -10.411 1.00 11.82 ? 203 THR A CB  1 
ATOM   221  O OG1 . THR A 1 32  ? 6.274   -9.098  -10.249 1.00 11.82 ? 203 THR A OG1 1 
ATOM   222  C CG2 . THR A 1 32  ? 5.748   -7.049  -9.176  1.00 11.82 ? 203 THR A CG2 1 
ATOM   223  N N   . PHE A 1 33  ? 3.311   -9.892  -9.155  1.00 7.51  ? 204 PHE A N   1 
ATOM   224  C CA  . PHE A 1 33  ? 2.586   -10.451 -8.018  1.00 7.51  ? 204 PHE A CA  1 
ATOM   225  C C   . PHE A 1 33  ? 3.436   -11.355 -7.168  1.00 7.51  ? 204 PHE A C   1 
ATOM   226  O O   . PHE A 1 33  ? 4.453   -11.856 -7.619  1.00 13.97 ? 204 PHE A O   1 
ATOM   227  C CB  . PHE A 1 33  ? 1.422   -11.326 -8.501  1.00 13.97 ? 204 PHE A CB  1 
ATOM   228  C CG  . PHE A 1 33  ? 0.491   -10.662 -9.487  1.00 13.97 ? 204 PHE A CG  1 
ATOM   229  C CD1 . PHE A 1 33  ? -0.513  -9.809  -9.053  1.00 13.97 ? 204 PHE A CD1 1 
ATOM   230  C CD2 . PHE A 1 33  ? 0.582   -10.952 -10.847 1.00 13.97 ? 204 PHE A CD2 1 
ATOM   231  C CE1 . PHE A 1 33  ? -1.412  -9.258  -9.958  1.00 13.97 ? 204 PHE A CE1 1 
ATOM   232  C CE2 . PHE A 1 33  ? -0.306  -10.410 -11.748 1.00 13.97 ? 204 PHE A CE2 1 
ATOM   233  C CZ  . PHE A 1 33  ? -1.307  -9.562  -11.308 1.00 13.97 ? 204 PHE A CZ  1 
ATOM   234  N N   . ASN A 1 34  ? 2.952   -11.626 -5.959  1.00 5.60  ? 205 ASN A N   1 
ATOM   235  C CA  . ASN A 1 34  ? 3.612   -12.518 -5.013  1.00 5.60  ? 205 ASN A CA  1 
ATOM   236  C C   . ASN A 1 34  ? 2.607   -12.790 -3.896  1.00 5.60  ? 205 ASN A C   1 
ATOM   237  O O   . ASN A 1 34  ? 1.475   -12.312 -3.953  1.00 12.39 ? 205 ASN A O   1 
ATOM   238  C CB  . ASN A 1 34  ? 4.889   -11.900 -4.484  1.00 12.39 ? 205 ASN A CB  1 
ATOM   239  C CG  . ASN A 1 34  ? 5.858   -12.934 -3.977  1.00 12.39 ? 205 ASN A CG  1 
ATOM   240  O OD1 . ASN A 1 34  ? 6.867   -13.225 -4.601  1.00 12.39 ? 205 ASN A OD1 1 
ATOM   241  N ND2 . ASN A 1 34  ? 5.574   -13.472 -2.818  1.00 12.39 ? 205 ASN A ND2 1 
ATOM   242  N N   . GLU A 1 35  ? 2.966   -13.636 -2.944  1.00 3.63  ? 206 GLU A N   1 
ATOM   243  C CA  . GLU A 1 35  ? 2.077   -13.963 -1.844  1.00 3.63  ? 206 GLU A CA  1 
ATOM   244  C C   . GLU A 1 35  ? 2.840   -13.940 -0.536  1.00 3.63  ? 206 GLU A C   1 
ATOM   245  O O   . GLU A 1 35  ? 4.046   -14.202 -0.498  1.00 10.42 ? 206 GLU A O   1 
ATOM   246  C CB  . GLU A 1 35  ? 1.482   -15.343 -2.060  1.00 10.42 ? 206 GLU A CB  1 
ATOM   247  C CG  . GLU A 1 35  ? 2.488   -16.470 -1.975  1.00 10.42 ? 206 GLU A CG  1 
ATOM   248  C CD  . GLU A 1 35  ? 2.040   -17.708 -2.717  1.00 10.42 ? 206 GLU A CD  1 
ATOM   249  O OE1 . GLU A 1 35  ? 2.916   -18.463 -3.169  1.00 10.42 ? 206 GLU A OE1 1 
ATOM   250  O OE2 . GLU A 1 35  ? 0.819   -17.926 -2.862  1.00 10.42 ? 206 GLU A OE2 1 
ATOM   251  N N   . VAL A 1 36  ? 2.124   -13.685 0.547   1.00 10.82 ? 207 VAL A N   1 
ATOM   252  C CA  . VAL A 1 36  ? 2.744   -13.617 1.851   1.00 10.82 ? 207 VAL A CA  1 
ATOM   253  C C   . VAL A 1 36  ? 1.936   -14.431 2.853   1.00 10.82 ? 207 VAL A C   1 
ATOM   254  O O   . VAL A 1 36  ? 0.712   -14.580 2.714   1.00 20.36 ? 207 VAL A O   1 
ATOM   255  C CB  . VAL A 1 36  ? 2.830   -12.154 2.306   1.00 20.36 ? 207 VAL A CB  1 
ATOM   256  C CG1 . VAL A 1 36  ? 1.469   -11.553 2.381   1.00 20.36 ? 207 VAL A CG1 1 
ATOM   257  C CG2 . VAL A 1 36  ? 3.476   -12.053 3.637   1.00 20.36 ? 207 VAL A CG2 1 
ATOM   258  N N   . ASN A 1 37  ? 2.645   -14.980 3.838   1.00 9.68  ? 208 ASN A N   1 
ATOM   259  C CA  . ASN A 1 37  ? 2.070   -15.773 4.927   1.00 9.68  ? 208 ASN A CA  1 
ATOM   260  C C   . ASN A 1 37  ? 1.802   -14.815 6.092   1.00 9.68  ? 208 ASN A C   1 
ATOM   261  O O   . ASN A 1 37  ? 2.734   -14.369 6.751   1.00 14.82 ? 208 ASN A O   1 
ATOM   262  C CB  . ASN A 1 37  ? 3.080   -16.849 5.366   1.00 14.82 ? 208 ASN A CB  1 
ATOM   263  C CG  . ASN A 1 37  ? 2.682   -17.544 6.648   1.00 14.82 ? 208 ASN A CG  1 
ATOM   264  O OD1 . ASN A 1 37  ? 1.546   -17.456 7.066   1.00 14.82 ? 208 ASN A OD1 1 
ATOM   265  N ND2 . ASN A 1 37  ? 3.615   -18.238 7.273   1.00 14.82 ? 208 ASN A ND2 1 
ATOM   266  N N   . MET A 1 38  ? 0.541   -14.476 6.321   1.00 15.16 ? 209 MET A N   1 
ATOM   267  C CA  . MET A 1 38  ? 0.171   -13.561 7.408   1.00 15.16 ? 209 MET A CA  1 
ATOM   268  C C   . MET A 1 38  ? 0.113   -14.209 8.798   1.00 15.16 ? 209 MET A C   1 
ATOM   269  O O   . MET A 1 38  ? -0.369  -13.603 9.769   1.00 15.13 ? 209 MET A O   1 
ATOM   270  C CB  . MET A 1 38  ? -1.187  -12.904 7.122   1.00 15.13 ? 209 MET A CB  1 
ATOM   271  C CG  . MET A 1 38  ? -1.213  -12.061 5.883   1.00 15.13 ? 209 MET A CG  1 
ATOM   272  S SD  . MET A 1 38  ? 0.097   -10.881 5.965   1.00 15.13 ? 209 MET A SD  1 
ATOM   273  C CE  . MET A 1 38  ? -0.590  -9.754  7.217   1.00 15.13 ? 209 MET A CE  1 
ATOM   274  N N   . LYS A 1 39  ? 0.546   -15.457 8.894   1.00 18.61 ? 210 LYS A N   1 
ATOM   275  C CA  . LYS A 1 39  ? 0.517   -16.142 10.175  1.00 18.61 ? 210 LYS A CA  1 
ATOM   276  C C   . LYS A 1 39  ? 1.352   -15.368 11.207  1.00 18.61 ? 210 LYS A C   1 
ATOM   277  O O   . LYS A 1 39  ? 0.798   -14.848 12.165  1.00 32.82 ? 210 LYS A O   1 
ATOM   278  C CB  . LYS A 1 39  ? 0.975   -17.588 9.992   1.00 32.82 ? 210 LYS A CB  1 
ATOM   279  C CG  . LYS A 1 39  ? 0.977   -18.424 11.219  1.00 32.82 ? 210 LYS A CG  1 
ATOM   280  C CD  . LYS A 1 39  ? -0.345  -18.389 11.909  1.00 32.82 ? 210 LYS A CD  1 
ATOM   281  C CE  . LYS A 1 39  ? -0.519  -19.658 12.714  1.00 32.82 ? 210 LYS A CE  1 
ATOM   282  N NZ  . LYS A 1 39  ? 0.722   -19.991 13.479  1.00 32.82 ? 210 LYS A NZ  1 
ATOM   283  N N   . PRO A 1 40  ? 2.669   -15.188 10.969  1.00 10.73 ? 211 PRO A N   1 
ATOM   284  C CA  . PRO A 1 40  ? 3.539   -14.467 11.899  1.00 10.73 ? 211 PRO A CA  1 
ATOM   285  C C   . PRO A 1 40  ? 2.958   -13.193 12.492  1.00 10.73 ? 211 PRO A C   1 
ATOM   286  O O   . PRO A 1 40  ? 2.909   -13.033 13.709  1.00 3.04  ? 211 PRO A O   1 
ATOM   287  C CB  . PRO A 1 40  ? 4.760   -14.177 11.046  1.00 3.04  ? 211 PRO A CB  1 
ATOM   288  C CG  . PRO A 1 40  ? 4.880   -15.399 10.288  1.00 3.04  ? 211 PRO A CG  1 
ATOM   289  C CD  . PRO A 1 40  ? 3.467   -15.681 9.833   1.00 3.04  ? 211 PRO A CD  1 
ATOM   290  N N   . ILE A 1 41  ? 2.517   -12.284 11.629  1.00 12.66 ? 212 ILE A N   1 
ATOM   291  C CA  . ILE A 1 41  ? 1.956   -11.018 12.083  1.00 12.66 ? 212 ILE A CA  1 
ATOM   292  C C   . ILE A 1 41  ? 0.706   -11.267 12.875  1.00 12.66 ? 212 ILE A C   1 
ATOM   293  O O   . ILE A 1 41  ? 0.564   -10.757 13.977  1.00 15.08 ? 212 ILE A O   1 
ATOM   294  C CB  . ILE A 1 41  ? 1.667   -10.072 10.905  1.00 15.08 ? 212 ILE A CB  1 
ATOM   295  C CG1 . ILE A 1 41  ? 2.989   -9.524  10.361  1.00 15.08 ? 212 ILE A CG1 1 
ATOM   296  C CG2 . ILE A 1 41  ? 0.713   -8.974  11.312  1.00 15.08 ? 212 ILE A CG2 1 
ATOM   297  C CD1 . ILE A 1 41  ? 2.830   -8.606  9.198   1.00 15.08 ? 212 ILE A CD1 1 
ATOM   298  N N   . MET A 1 42  ? -0.182  -12.089 12.342  1.00 6.05  ? 213 MET A N   1 
ATOM   299  C CA  . MET A 1 42  ? -1.407  -12.380 13.060  1.00 6.05  ? 213 MET A CA  1 
ATOM   300  C C   . MET A 1 42  ? -1.082  -12.861 14.461  1.00 6.05  ? 213 MET A C   1 
ATOM   301  O O   . MET A 1 42  ? -1.766  -12.474 15.399  1.00 17.95 ? 213 MET A O   1 
ATOM   302  C CB  . MET A 1 42  ? -2.290  -13.388 12.318  1.00 17.95 ? 213 MET A CB  1 
ATOM   303  C CG  . MET A 1 42  ? -3.048  -12.768 11.172  1.00 17.95 ? 213 MET A CG  1 
ATOM   304  S SD  . MET A 1 42  ? -3.779  -13.943 10.030  1.00 17.95 ? 213 MET A SD  1 
ATOM   305  C CE  . MET A 1 42  ? -4.558  -15.111 11.157  1.00 17.95 ? 213 MET A CE  1 
ATOM   306  N N   . ASP A 1 43  ? -0.007  -13.619 14.642  1.00 3.53  ? 214 ASP A N   1 
ATOM   307  C CA  . ASP A 1 43  ? 0.327   -14.080 15.982  1.00 3.53  ? 214 ASP A CA  1 
ATOM   308  C C   . ASP A 1 43  ? 0.821   -12.925 16.846  1.00 3.53  ? 214 ASP A C   1 
ATOM   309  O O   . ASP A 1 43  ? 0.409   -12.794 18.001  1.00 25.33 ? 214 ASP A O   1 
ATOM   310  C CB  . ASP A 1 43  ? 1.364   -15.194 15.944  1.00 25.33 ? 214 ASP A CB  1 
ATOM   311  C CG  . ASP A 1 43  ? 0.799   -16.496 15.411  1.00 25.33 ? 214 ASP A CG  1 
ATOM   312  O OD1 . ASP A 1 43  ? -0.451  -16.618 15.359  1.00 25.33 ? 214 ASP A OD1 1 
ATOM   313  O OD2 . ASP A 1 43  ? 1.599   -17.391 15.049  1.00 25.33 ? 214 ASP A OD2 1 
ATOM   314  N N   . LEU A 1 44  ? 1.658   -12.060 16.275  1.00 16.60 ? 215 LEU A N   1 
ATOM   315  C CA  . LEU A 1 44  ? 2.188   -10.922 17.018  1.00 16.60 ? 215 LEU A CA  1 
ATOM   316  C C   . LEU A 1 44  ? 1.035   -10.133 17.572  1.00 16.60 ? 215 LEU A C   1 
ATOM   317  O O   . LEU A 1 44  ? 1.030   -9.737  18.744  1.00 8.58  ? 215 LEU A O   1 
ATOM   318  C CB  . LEU A 1 44  ? 3.024   -10.016 16.124  1.00 8.58  ? 215 LEU A CB  1 
ATOM   319  C CG  . LEU A 1 44  ? 4.476   -10.442 15.982  1.00 8.58  ? 215 LEU A CG  1 
ATOM   320  C CD1 . LEU A 1 44  ? 5.190   -9.512  15.033  1.00 8.58  ? 215 LEU A CD1 1 
ATOM   321  C CD2 . LEU A 1 44  ? 5.126   -10.404 17.344  1.00 8.58  ? 215 LEU A CD2 1 
ATOM   322  N N   . ARG A 1 45  ? 0.015   -9.973  16.747  1.00 4.65  ? 216 ARG A N   1 
ATOM   323  C CA  . ARG A 1 45  ? -1.140  -9.227  17.171  1.00 4.65  ? 216 ARG A CA  1 
ATOM   324  C C   . ARG A 1 45  ? -1.902  -9.919  18.297  1.00 4.65  ? 216 ARG A C   1 
ATOM   325  O O   . ARG A 1 45  ? -2.385  -9.251  19.204  1.00 37.43 ? 216 ARG A O   1 
ATOM   326  C CB  . ARG A 1 45  ? -2.064  -8.945  15.987  1.00 37.43 ? 216 ARG A CB  1 
ATOM   327  C CG  . ARG A 1 45  ? -1.467  -8.018  14.955  1.00 37.43 ? 216 ARG A CG  1 
ATOM   328  C CD  . ARG A 1 45  ? -2.507  -7.037  14.479  1.00 37.43 ? 216 ARG A CD  1 
ATOM   329  N NE  . ARG A 1 45  ? -3.664  -7.718  13.919  1.00 37.43 ? 216 ARG A NE  1 
ATOM   330  C CZ  . ARG A 1 45  ? -4.933  -7.422  14.197  1.00 37.43 ? 216 ARG A CZ  1 
ATOM   331  N NH1 . ARG A 1 45  ? -5.239  -6.446  15.043  1.00 37.43 ? 216 ARG A NH1 1 
ATOM   332  N NH2 . ARG A 1 45  ? -5.904  -8.101  13.609  1.00 37.43 ? 216 ARG A NH2 1 
ATOM   333  N N   . LYS A 1 46  ? -1.981  -11.247 18.269  1.00 23.59 ? 217 LYS A N   1 
ATOM   334  C CA  . LYS A 1 46  ? -2.718  -11.970 19.310  1.00 23.59 ? 217 LYS A CA  1 
ATOM   335  C C   . LYS A 1 46  ? -1.986  -11.932 20.642  1.00 23.59 ? 217 LYS A C   1 
ATOM   336  O O   . LYS A 1 46  ? -2.595  -11.758 21.698  1.00 45.66 ? 217 LYS A O   1 
ATOM   337  C CB  . LYS A 1 46  ? -2.965  -13.421 18.902  1.00 45.66 ? 217 LYS A CB  1 
ATOM   338  C CG  . LYS A 1 46  ? -4.242  -13.984 19.502  1.00 45.66 ? 217 LYS A CG  1 
ATOM   339  N N   . GLN A 1 47  ? -0.663  -12.045 20.568  1.00 16.94 ? 218 GLN A N   1 
ATOM   340  C CA  . GLN A 1 47  ? 0.197   -12.045 21.732  1.00 16.94 ? 218 GLN A CA  1 
ATOM   341  C C   . GLN A 1 47  ? 0.343   -10.669 22.388  1.00 16.94 ? 218 GLN A C   1 
ATOM   342  O O   . GLN A 1 47  ? 0.103   -10.524 23.581  1.00 52.72 ? 218 GLN A O   1 
ATOM   343  C CB  . GLN A 1 47  ? 1.558   -12.583 21.331  1.00 52.72 ? 218 GLN A CB  1 
ATOM   344  C CG  . GLN A 1 47  ? 2.516   -12.738 22.464  1.00 52.72 ? 218 GLN A CG  1 
ATOM   345  C CD  . GLN A 1 47  ? 3.696   -13.608 22.094  1.00 52.72 ? 218 GLN A CD  1 
ATOM   346  O OE1 . GLN A 1 47  ? 4.153   -14.413 22.898  1.00 52.72 ? 218 GLN A OE1 1 
ATOM   347  N NE2 . GLN A 1 47  ? 4.199   -13.452 20.876  1.00 52.72 ? 218 GLN A NE2 1 
ATOM   348  N N   . TYR A 1 48  ? 0.675   -9.648  21.606  1.00 19.61 ? 219 TYR A N   1 
ATOM   349  C CA  . TYR A 1 48  ? 0.881   -8.317  22.168  1.00 19.61 ? 219 TYR A CA  1 
ATOM   350  C C   . TYR A 1 48  ? -0.211  -7.272  21.978  1.00 19.61 ? 219 TYR A C   1 
ATOM   351  O O   . TYR A 1 48  ? 0.003   -6.097  22.285  1.00 15.48 ? 219 TYR A O   1 
ATOM   352  C CB  . TYR A 1 48  ? 2.186   -7.752  21.641  1.00 15.48 ? 219 TYR A CB  1 
ATOM   353  C CG  . TYR A 1 48  ? 3.362   -8.632  21.939  1.00 15.48 ? 219 TYR A CG  1 
ATOM   354  C CD1 . TYR A 1 48  ? 4.140   -9.159  20.909  1.00 15.48 ? 219 TYR A CD1 1 
ATOM   355  C CD2 . TYR A 1 48  ? 3.712   -8.929  23.255  1.00 15.48 ? 219 TYR A CD2 1 
ATOM   356  C CE1 . TYR A 1 48  ? 5.243   -9.959  21.185  1.00 15.48 ? 219 TYR A CE1 1 
ATOM   357  C CE2 . TYR A 1 48  ? 4.803   -9.720  23.539  1.00 15.48 ? 219 TYR A CE2 1 
ATOM   358  C CZ  . TYR A 1 48  ? 5.566   -10.232 22.503  1.00 15.48 ? 219 TYR A CZ  1 
ATOM   359  O OH  . TYR A 1 48  ? 6.649   -11.017 22.804  1.00 15.48 ? 219 TYR A OH  1 
ATOM   360  N N   . GLY A 1 49  ? -1.379  -7.680  21.498  1.00 10.10 ? 220 GLY A N   1 
ATOM   361  C CA  . GLY A 1 49  ? -2.466  -6.732  21.278  1.00 10.10 ? 220 GLY A CA  1 
ATOM   362  C C   . GLY A 1 49  ? -2.813  -5.867  22.469  1.00 10.10 ? 220 GLY A C   1 
ATOM   363  O O   . GLY A 1 49  ? -2.670  -4.648  22.400  1.00 37.40 ? 220 GLY A O   1 
ATOM   364  N N   . GLU A 1 50  ? -3.256  -6.497  23.559  1.00 34.76 ? 221 GLU A N   1 
ATOM   365  C CA  . GLU A 1 50  ? -3.626  -5.795  24.790  1.00 34.76 ? 221 GLU A CA  1 
ATOM   366  C C   . GLU A 1 50  ? -2.514  -4.879  25.257  1.00 34.76 ? 221 GLU A C   1 
ATOM   367  O O   . GLU A 1 50  ? -2.711  -3.679  25.419  1.00 65.00 ? 221 GLU A O   1 
ATOM   368  C CB  . GLU A 1 50  ? -3.924  -6.783  25.906  1.00 65.00 ? 221 GLU A CB  1 
ATOM   369  C CG  . GLU A 1 50  ? -5.230  -7.515  25.762  1.00 65.00 ? 221 GLU A CG  1 
ATOM   370  C CD  . GLU A 1 50  ? -5.744  -8.072  27.093  1.00 65.00 ? 221 GLU A CD  1 
ATOM   371  O OE1 . GLU A 1 50  ? -6.956  -8.388  27.163  1.00 65.00 ? 221 GLU A OE1 1 
ATOM   372  O OE2 . GLU A 1 50  ? -4.950  -8.180  28.069  1.00 65.00 ? 221 GLU A OE2 1 
ATOM   373  N N   . ALA A 1 51  ? -1.345  -5.467  25.476  1.00 16.30 ? 222 ALA A N   1 
ATOM   374  C CA  . ALA A 1 51  ? -0.180  -4.732  25.922  1.00 16.30 ? 222 ALA A CA  1 
ATOM   375  C C   . ALA A 1 51  ? 0.000   -3.470  25.092  1.00 16.30 ? 222 ALA A C   1 
ATOM   376  O O   . ALA A 1 51  ? 0.056   -2.362  25.632  1.00 45.52 ? 222 ALA A O   1 
ATOM   377  C CB  . ALA A 1 51  ? 1.049   -5.598  25.811  1.00 45.52 ? 222 ALA A CB  1 
ATOM   378  N N   . PHE A 1 52  ? 0.036   -3.639  23.779  1.00 34.93 ? 223 PHE A N   1 
ATOM   379  C CA  . PHE A 1 52  ? 0.226   -2.517  22.882  1.00 34.93 ? 223 PHE A CA  1 
ATOM   380  C C   . PHE A 1 52  ? -0.823  -1.423  23.130  1.00 34.93 ? 223 PHE A C   1 
ATOM   381  O O   . PHE A 1 52  ? -0.466  -0.234  23.252  1.00 28.50 ? 223 PHE A O   1 
ATOM   382  C CB  . PHE A 1 52  ? 0.195   -3.006  21.433  1.00 28.50 ? 223 PHE A CB  1 
ATOM   383  C CG  . PHE A 1 52  ? 0.646   -1.990  20.428  1.00 28.50 ? 223 PHE A CG  1 
ATOM   384  C CD1 . PHE A 1 52  ? 1.954   -1.977  19.978  1.00 28.50 ? 223 PHE A CD1 1 
ATOM   385  C CD2 . PHE A 1 52  ? -0.252  -1.084  19.884  1.00 28.50 ? 223 PHE A CD2 1 
ATOM   386  C CE1 . PHE A 1 52  ? 2.365   -1.086  18.992  1.00 28.50 ? 223 PHE A CE1 1 
ATOM   387  C CE2 . PHE A 1 52  ? 0.147   -0.189  18.899  1.00 28.50 ? 223 PHE A CE2 1 
ATOM   388  C CZ  . PHE A 1 52  ? 1.461   -0.191  18.451  1.00 28.50 ? 223 PHE A CZ  1 
ATOM   389  N N   . GLU A 1 53  ? -2.091  -1.822  23.265  1.00 30.05 ? 224 GLU A N   1 
ATOM   390  C CA  . GLU A 1 53  ? -3.187  -0.866  23.488  1.00 30.05 ? 224 GLU A CA  1 
ATOM   391  C C   . GLU A 1 53  ? -3.023  -0.096  24.793  1.00 30.05 ? 224 GLU A C   1 
ATOM   392  O O   . GLU A 1 53  ? -3.082  1.126   24.804  1.00 53.43 ? 224 GLU A O   1 
ATOM   393  C CB  . GLU A 1 53  ? -4.545  -1.564  23.456  1.00 53.43 ? 224 GLU A CB  1 
ATOM   394  C CG  . GLU A 1 53  ? -5.716  -0.596  23.499  1.00 53.43 ? 224 GLU A CG  1 
ATOM   395  C CD  . GLU A 1 53  ? -7.053  -1.244  23.171  1.00 53.43 ? 224 GLU A CD  1 
ATOM   396  O OE1 . GLU A 1 53  ? -7.188  -2.478  23.326  1.00 53.43 ? 224 GLU A OE1 1 
ATOM   397  O OE2 . GLU A 1 53  ? -7.978  -0.511  22.758  1.00 53.43 ? 224 GLU A OE2 1 
ATOM   398  N N   . LYS A 1 54  ? -2.805  -0.817  25.889  1.00 27.59 ? 225 LYS A N   1 
ATOM   399  C CA  . LYS A 1 54  ? -2.609  -0.196  27.195  1.00 27.59 ? 225 LYS A CA  1 
ATOM   400  C C   . LYS A 1 54  ? -1.442  0.786   27.157  1.00 27.59 ? 225 LYS A C   1 
ATOM   401  O O   . LYS A 1 54  ? -1.574  1.932   27.577  1.00 64.34 ? 225 LYS A O   1 
ATOM   402  C CB  . LYS A 1 54  ? -2.319  -1.250  28.258  1.00 64.34 ? 225 LYS A CB  1 
ATOM   403  C CG  . LYS A 1 54  ? -3.532  -2.029  28.715  1.00 64.34 ? 225 LYS A CG  1 
ATOM   404  N N   . ARG A 1 55  ? -0.318  0.355   26.602  1.00 31.00 ? 226 ARG A N   1 
ATOM   405  C CA  . ARG A 1 55  ? 0.881   1.175   26.538  1.00 31.00 ? 226 ARG A CA  1 
ATOM   406  C C   . ARG A 1 55  ? 0.880   2.308   25.516  1.00 31.00 ? 226 ARG A C   1 
ATOM   407  O O   . ARG A 1 55  ? 1.691   3.228   25.615  1.00 41.25 ? 226 ARG A O   1 
ATOM   408  C CB  . ARG A 1 55  ? 2.080   0.264   26.282  1.00 41.25 ? 226 ARG A CB  1 
ATOM   409  C CG  . ARG A 1 55  ? 3.396   0.972   26.078  1.00 41.25 ? 226 ARG A CG  1 
ATOM   410  C CD  . ARG A 1 55  ? 4.545   -0.011  25.993  1.00 41.25 ? 226 ARG A CD  1 
ATOM   411  N NE  . ARG A 1 55  ? 5.450   0.157   27.127  1.00 41.25 ? 226 ARG A NE  1 
ATOM   412  C CZ  . ARG A 1 55  ? 6.571   0.870   27.087  1.00 41.25 ? 226 ARG A CZ  1 
ATOM   413  N NH1 . ARG A 1 55  ? 6.920   1.483   25.994  1.00 41.25 ? 226 ARG A NH1 1 
ATOM   414  N NH2 . ARG A 1 55  ? 7.332   1.002   28.157  1.00 41.25 ? 226 ARG A NH2 1 
ATOM   415  N N   . HIS A 1 56  ? -0.031  2.270   24.550  1.00 24.72 ? 227 HIS A N   1 
ATOM   416  C CA  . HIS A 1 56  ? -0.023  3.325   23.534  1.00 24.72 ? 227 HIS A CA  1 
ATOM   417  C C   . HIS A 1 56  ? -1.386  3.925   23.250  1.00 24.72 ? 227 HIS A C   1 
ATOM   418  O O   . HIS A 1 56  ? -1.509  4.895   22.499  1.00 33.48 ? 227 HIS A O   1 
ATOM   419  C CB  . HIS A 1 56  ? 0.553   2.796   22.228  1.00 33.48 ? 227 HIS A CB  1 
ATOM   420  C CG  . HIS A 1 56  ? 1.913   2.202   22.363  1.00 33.48 ? 227 HIS A CG  1 
ATOM   421  N ND1 . HIS A 1 56  ? 3.050   2.972   22.470  1.00 33.48 ? 227 HIS A ND1 1 
ATOM   422  C CD2 . HIS A 1 56  ? 2.320   0.915   22.416  1.00 33.48 ? 227 HIS A CD2 1 
ATOM   423  C CE1 . HIS A 1 56  ? 4.102   2.183   22.583  1.00 33.48 ? 227 HIS A CE1 1 
ATOM   424  N NE2 . HIS A 1 56  ? 3.686   0.928   22.553  1.00 33.48 ? 227 HIS A NE2 1 
ATOM   425  N N   . GLY A 1 57  ? -2.411  3.337   23.841  1.00 24.49 ? 228 GLY A N   1 
ATOM   426  C CA  . GLY A 1 57  ? -3.759  3.828   23.642  1.00 24.49 ? 228 GLY A CA  1 
ATOM   427  C C   . GLY A 1 57  ? -4.279  3.670   22.234  1.00 24.49 ? 228 GLY A C   1 
ATOM   428  O O   . GLY A 1 57  ? -5.318  4.235   21.887  1.00 65.00 ? 228 GLY A O   1 
ATOM   429  N N   . ILE A 1 58  ? -3.564  2.905   21.417  1.00 45.77 ? 229 ILE A N   1 
ATOM   430  C CA  . ILE A 1 58  ? -3.971  2.674   20.044  1.00 45.77 ? 229 ILE A CA  1 
ATOM   431  C C   . ILE A 1 58  ? -3.855  1.187   19.799  1.00 45.77 ? 229 ILE A C   1 
ATOM   432  O O   . ILE A 1 58  ? -2.987  0.535   20.364  1.00 29.80 ? 229 ILE A O   1 
ATOM   433  C CB  . ILE A 1 58  ? -3.112  3.475   19.032  1.00 29.80 ? 229 ILE A CB  1 
ATOM   434  C CG1 . ILE A 1 58  ? -3.662  3.273   17.628  1.00 29.80 ? 229 ILE A CG1 1 
ATOM   435  C CG2 . ILE A 1 58  ? -1.657  3.079   19.098  1.00 29.80 ? 229 ILE A CG2 1 
ATOM   436  C CD1 . ILE A 1 58  ? -5.109  3.705   17.489  1.00 29.80 ? 229 ILE A CD1 1 
ATOM   437  N N   . ARG A 1 59  ? -4.789  0.641   19.033  1.00 30.48 ? 230 ARG A N   1 
ATOM   438  C CA  . ARG A 1 59  ? -4.794  -0.781  18.715  1.00 30.48 ? 230 ARG A CA  1 
ATOM   439  C C   . ARG A 1 59  ? -3.726  -1.109  17.666  1.00 30.48 ? 230 ARG A C   1 
ATOM   440  O O   . ARG A 1 59  ? -3.488  -0.327  16.748  1.00 65.00 ? 230 ARG A O   1 
ATOM   441  C CB  . ARG A 1 59  ? -6.174  -1.175  18.198  1.00 65.00 ? 230 ARG A CB  1 
ATOM   442  C CG  . ARG A 1 59  ? -6.491  -2.651  18.275  1.00 65.00 ? 230 ARG A CG  1 
ATOM   443  C CD  . ARG A 1 59  ? -7.850  -2.923  17.648  1.00 65.00 ? 230 ARG A CD  1 
ATOM   444  N NE  . ARG A 1 59  ? -8.303  -4.298  17.836  1.00 65.00 ? 230 ARG A NE  1 
ATOM   445  C CZ  . ARG A 1 59  ? -8.588  -5.149  16.850  1.00 65.00 ? 230 ARG A CZ  1 
ATOM   446  N NH1 . ARG A 1 59  ? -8.457  -4.774  15.577  1.00 65.00 ? 230 ARG A NH1 1 
ATOM   447  N NH2 . ARG A 1 59  ? -9.049  -6.359  17.134  1.00 65.00 ? 230 ARG A NH2 1 
ATOM   448  N N   . LEU A 1 60  ? -3.074  -2.260  17.826  1.00 41.75 ? 231 LEU A N   1 
ATOM   449  C CA  . LEU A 1 60  ? -2.048  -2.718  16.890  1.00 41.75 ? 231 LEU A CA  1 
ATOM   450  C C   . LEU A 1 60  ? -2.765  -3.416  15.766  1.00 41.75 ? 231 LEU A C   1 
ATOM   451  O O   . LEU A 1 60  ? -3.490  -4.373  16.018  1.00 16.23 ? 231 LEU A O   1 
ATOM   452  C CB  . LEU A 1 60  ? -1.129  -3.743  17.543  1.00 16.23 ? 231 LEU A CB  1 
ATOM   453  C CG  . LEU A 1 60  ? -0.046  -4.285  16.611  1.00 16.23 ? 231 LEU A CG  1 
ATOM   454  C CD1 . LEU A 1 60  ? 0.911   -3.168  16.230  1.00 16.23 ? 231 LEU A CD1 1 
ATOM   455  C CD2 . LEU A 1 60  ? 0.701   -5.436  17.251  1.00 16.23 ? 231 LEU A CD2 1 
ATOM   456  N N   . GLY A 1 61  ? -2.527  -2.978  14.536  1.00 20.87 ? 232 GLY A N   1 
ATOM   457  C CA  . GLY A 1 61  ? -3.182  -3.590  13.390  1.00 20.87 ? 232 GLY A CA  1 
ATOM   458  C C   . GLY A 1 61  ? -2.195  -4.019  12.320  1.00 20.87 ? 232 GLY A C   1 
ATOM   459  O O   . GLY A 1 61  ? -0.992  -4.058  12.561  1.00 55.51 ? 232 GLY A O   1 
ATOM   460  N N   . PHE A 1 62  ? -2.690  -4.311  11.123  1.00 27.01 ? 233 PHE A N   1 
ATOM   461  C CA  . PHE A 1 62  ? -1.813  -4.735  10.050  1.00 27.01 ? 233 PHE A CA  1 
ATOM   462  C C   . PHE A 1 62  ? -1.053  -3.576  9.445   1.00 27.01 ? 233 PHE A C   1 
ATOM   463  O O   . PHE A 1 62  ? 0.166   -3.650  9.299   1.00 27.45 ? 233 PHE A O   1 
ATOM   464  C CB  . PHE A 1 62  ? -2.603  -5.462  8.973   1.00 27.45 ? 233 PHE A CB  1 
ATOM   465  C CG  . PHE A 1 62  ? -3.091  -6.806  9.404   1.00 27.45 ? 233 PHE A CG  1 
ATOM   466  C CD1 . PHE A 1 62  ? -4.338  -6.956  9.979   1.00 27.45 ? 233 PHE A CD1 1 
ATOM   467  C CD2 . PHE A 1 62  ? -2.281  -7.918  9.290   1.00 27.45 ? 233 PHE A CD2 1 
ATOM   468  C CE1 . PHE A 1 62  ? -4.759  -8.199  10.443  1.00 27.45 ? 233 PHE A CE1 1 
ATOM   469  C CE2 . PHE A 1 62  ? -2.703  -9.152  9.751   1.00 27.45 ? 233 PHE A CE2 1 
ATOM   470  C CZ  . PHE A 1 62  ? -3.942  -9.290  10.327  1.00 27.45 ? 233 PHE A CZ  1 
ATOM   471  N N   . MET A 1 63  ? -1.764  -2.484  9.156   1.00 9.21  ? 234 MET A N   1 
ATOM   472  C CA  . MET A 1 63  ? -1.173  -1.291  8.535   1.00 9.21  ? 234 MET A CA  1 
ATOM   473  C C   . MET A 1 63  ? 0.232   -0.848  8.933   1.00 9.21  ? 234 MET A C   1 
ATOM   474  O O   . MET A 1 63  ? 1.084   -0.680  8.058   1.00 47.57 ? 234 MET A O   1 
ATOM   475  C CB  . MET A 1 63  ? -2.132  -0.118  8.631   1.00 47.57 ? 234 MET A CB  1 
ATOM   476  C CG  . MET A 1 63  ? -3.238  -0.196  7.613   1.00 47.57 ? 234 MET A CG  1 
ATOM   477  S SD  . MET A 1 63  ? -2.558  -0.299  5.932   1.00 47.57 ? 234 MET A SD  1 
ATOM   478  C CE  . MET A 1 63  ? -4.097  -0.517  5.009   1.00 47.57 ? 234 MET A CE  1 
ATOM   479  N N   . SER A 1 64  ? 0.488   -0.688  10.234  1.00 12.89 ? 235 SER A N   1 
ATOM   480  C CA  . SER A 1 64  ? 1.810   -0.251  10.687  1.00 12.89 ? 235 SER A CA  1 
ATOM   481  C C   . SER A 1 64  ? 2.909   -1.209  10.221  1.00 12.89 ? 235 SER A C   1 
ATOM   482  O O   . SER A 1 64  ? 4.008   -0.772  9.882   1.00 29.57 ? 235 SER A O   1 
ATOM   483  C CB  . SER A 1 64  ? 1.860   -0.067  12.203  1.00 29.57 ? 235 SER A CB  1 
ATOM   484  O OG  . SER A 1 64  ? 1.684   -1.287  12.886  1.00 29.57 ? 235 SER A OG  1 
ATOM   485  N N   . PHE A 1 65  ? 2.593   -2.502  10.172  1.00 18.42 ? 236 PHE A N   1 
ATOM   486  C CA  . PHE A 1 65  ? 3.538   -3.516  9.705   1.00 18.42 ? 236 PHE A CA  1 
ATOM   487  C C   . PHE A 1 65  ? 3.789   -3.322  8.200   1.00 18.42 ? 236 PHE A C   1 
ATOM   488  O O   . PHE A 1 65  ? 4.940   -3.399  7.730   1.00 12.86 ? 236 PHE A O   1 
ATOM   489  C CB  . PHE A 1 65  ? 2.986   -4.929  9.933   1.00 12.86 ? 236 PHE A CB  1 
ATOM   490  C CG  . PHE A 1 65  ? 3.052   -5.413  11.364  1.00 12.86 ? 236 PHE A CG  1 
ATOM   491  C CD1 . PHE A 1 65  ? 1.910   -5.446  12.149  1.00 12.86 ? 236 PHE A CD1 1 
ATOM   492  C CD2 . PHE A 1 65  ? 4.245   -5.896  11.900  1.00 12.86 ? 236 PHE A CD2 1 
ATOM   493  C CE1 . PHE A 1 65  ? 1.950   -5.956  13.436  1.00 12.86 ? 236 PHE A CE1 1 
ATOM   494  C CE2 . PHE A 1 65  ? 4.294   -6.410  13.187  1.00 12.86 ? 236 PHE A CE2 1 
ATOM   495  C CZ  . PHE A 1 65  ? 3.143   -6.437  13.953  1.00 12.86 ? 236 PHE A CZ  1 
ATOM   496  N N   . TYR A 1 66  ? 2.714   -3.080  7.441   1.00 12.92 ? 237 TYR A N   1 
ATOM   497  C CA  . TYR A 1 66  ? 2.837   -2.877  5.992   1.00 12.92 ? 237 TYR A CA  1 
ATOM   498  C C   . TYR A 1 66  ? 3.662   -1.637  5.722   1.00 12.92 ? 237 TYR A C   1 
ATOM   499  O O   . TYR A 1 66  ? 4.631   -1.693  4.971   1.00 24.32 ? 237 TYR A O   1 
ATOM   500  C CB  . TYR A 1 66  ? 1.484   -2.716  5.310   1.00 24.32 ? 237 TYR A CB  1 
ATOM   501  C CG  . TYR A 1 66  ? 0.539   -3.881  5.425   1.00 24.32 ? 237 TYR A CG  1 
ATOM   502  C CD1 . TYR A 1 66  ? -0.822  -3.690  5.250   1.00 24.32 ? 237 TYR A CD1 1 
ATOM   503  C CD2 . TYR A 1 66  ? 0.990   -5.169  5.690   1.00 24.32 ? 237 TYR A CD2 1 
ATOM   504  C CE1 . TYR A 1 66  ? -1.716  -4.737  5.340   1.00 24.32 ? 237 TYR A CE1 1 
ATOM   505  C CE2 . TYR A 1 66  ? 0.096   -6.235  5.789   1.00 24.32 ? 237 TYR A CE2 1 
ATOM   506  C CZ  . TYR A 1 66  ? -1.259  -6.004  5.608   1.00 24.32 ? 237 TYR A CZ  1 
ATOM   507  O OH  . TYR A 1 66  ? -2.191  -7.015  5.718   1.00 24.32 ? 237 TYR A OH  1 
ATOM   508  N N   . VAL A 1 67  ? 3.308   -0.532  6.378   1.00 11.06 ? 238 VAL A N   1 
ATOM   509  C CA  . VAL A 1 67  ? 4.025   0.726   6.194   1.00 11.06 ? 238 VAL A CA  1 
ATOM   510  C C   . VAL A 1 67  ? 5.494   0.616   6.566   1.00 11.06 ? 238 VAL A C   1 
ATOM   511  O O   . VAL A 1 67  ? 6.342   1.145   5.848   1.00 21.09 ? 238 VAL A O   1 
ATOM   512  C CB  . VAL A 1 67  ? 3.382   1.895   6.968   1.00 21.09 ? 238 VAL A CB  1 
ATOM   513  C CG1 . VAL A 1 67  ? 4.281   3.116   6.905   1.00 21.09 ? 238 VAL A CG1 1 
ATOM   514  C CG2 . VAL A 1 67  ? 2.014   2.245   6.369   1.00 21.09 ? 238 VAL A CG2 1 
ATOM   515  N N   . LYS A 1 68  ? 5.798   -0.063  7.673   1.00 12.19 ? 239 LYS A N   1 
ATOM   516  C CA  . LYS A 1 68  ? 7.196   -0.232  8.095   1.00 12.19 ? 239 LYS A CA  1 
ATOM   517  C C   . LYS A 1 68  ? 7.979   -1.030  7.050   1.00 12.19 ? 239 LYS A C   1 
ATOM   518  O O   . LYS A 1 68  ? 9.122   -0.697  6.721   1.00 35.81 ? 239 LYS A O   1 
ATOM   519  C CB  . LYS A 1 68  ? 7.287   -0.930  9.458   1.00 35.81 ? 239 LYS A CB  1 
ATOM   520  C CG  . LYS A 1 68  ? 7.292   0.015   10.651  1.00 35.81 ? 239 LYS A CG  1 
ATOM   521  C CD  . LYS A 1 68  ? 8.493   0.955   10.591  1.00 35.81 ? 239 LYS A CD  1 
ATOM   522  C CE  . LYS A 1 68  ? 8.329   2.145   11.534  1.00 35.81 ? 239 LYS A CE  1 
ATOM   523  N NZ  . LYS A 1 68  ? 9.219   3.294   11.152  1.00 35.81 ? 239 LYS A NZ  1 
ATOM   524  N N   . ALA A 1 69  ? 7.327   -2.060  6.513   1.00 13.45 ? 240 ALA A N   1 
ATOM   525  C CA  . ALA A 1 69  ? 7.917   -2.925  5.505   1.00 13.45 ? 240 ALA A CA  1 
ATOM   526  C C   . ALA A 1 69  ? 8.142   -2.138  4.222   1.00 13.45 ? 240 ALA A C   1 
ATOM   527  O O   . ALA A 1 69  ? 9.221   -2.219  3.627   1.00 14.06 ? 240 ALA A O   1 
ATOM   528  C CB  . ALA A 1 69  ? 7.012   -4.111  5.242   1.00 14.06 ? 240 ALA A CB  1 
ATOM   529  N N   . VAL A 1 70  ? 7.136   -1.358  3.814   1.00 18.07 ? 241 VAL A N   1 
ATOM   530  C CA  . VAL A 1 70  ? 7.226   -0.542  2.598   1.00 18.07 ? 241 VAL A CA  1 
ATOM   531  C C   . VAL A 1 70  ? 8.394   0.445   2.678   1.00 18.07 ? 241 VAL A C   1 
ATOM   532  O O   . VAL A 1 70  ? 9.197   0.528   1.753   1.00 18.93 ? 241 VAL A O   1 
ATOM   533  C CB  . VAL A 1 70  ? 5.917   0.215   2.324   1.00 18.93 ? 241 VAL A CB  1 
ATOM   534  C CG1 . VAL A 1 70  ? 6.118   1.252   1.248   1.00 18.93 ? 241 VAL A CG1 1 
ATOM   535  C CG2 . VAL A 1 70  ? 4.833   -0.757  1.895   1.00 18.93 ? 241 VAL A CG2 1 
ATOM   536  N N   . VAL A 1 71  ? 8.508   1.160   3.795   1.00 8.61  ? 242 VAL A N   1 
ATOM   537  C CA  . VAL A 1 71  ? 9.605   2.110   3.980   1.00 8.61  ? 242 VAL A CA  1 
ATOM   538  C C   . VAL A 1 71  ? 10.973  1.440   3.854   1.00 8.61  ? 242 VAL A C   1 
ATOM   539  O O   . VAL A 1 71  ? 11.866  1.955   3.195   1.00 10.65 ? 242 VAL A O   1 
ATOM   540  C CB  . VAL A 1 71  ? 9.527   2.819   5.328   1.00 10.65 ? 242 VAL A CB  1 
ATOM   541  C CG1 . VAL A 1 71  ? 10.792  3.616   5.548   1.00 10.65 ? 242 VAL A CG1 1 
ATOM   542  C CG2 . VAL A 1 71  ? 8.313   3.743   5.363   1.00 10.65 ? 242 VAL A CG2 1 
ATOM   543  N N   . GLU A 1 72  ? 11.135  0.273   4.455   1.00 5.61  ? 243 GLU A N   1 
ATOM   544  C CA  . GLU A 1 72  ? 12.411  -0.426  4.368   1.00 5.61  ? 243 GLU A CA  1 
ATOM   545  C C   . GLU A 1 72  ? 12.685  -0.831  2.918   1.00 5.61  ? 243 GLU A C   1 
ATOM   546  O O   . GLU A 1 72  ? 13.822  -0.820  2.462   1.00 40.84 ? 243 GLU A O   1 
ATOM   547  C CB  . GLU A 1 72  ? 12.384  -1.653  5.268   1.00 40.84 ? 243 GLU A CB  1 
ATOM   548  C CG  . GLU A 1 72  ? 13.729  -2.297  5.449   1.00 40.84 ? 243 GLU A CG  1 
ATOM   549  C CD  . GLU A 1 72  ? 14.733  -1.389  6.137   1.00 40.84 ? 243 GLU A CD  1 
ATOM   550  O OE1 . GLU A 1 72  ? 14.315  -0.512  6.932   1.00 40.84 ? 243 GLU A OE1 1 
ATOM   551  O OE2 . GLU A 1 72  ? 15.949  -1.571  5.885   1.00 40.84 ? 243 GLU A OE2 1 
ATOM   552  N N   . ALA A 1 73  ? 11.625  -1.168  2.193   1.00 26.25 ? 244 ALA A N   1 
ATOM   553  C CA  . ALA A 1 73  ? 11.746  -1.570  0.796   1.00 26.25 ? 244 ALA A CA  1 
ATOM   554  C C   . ALA A 1 73  ? 12.115  -0.359  -0.050  1.00 26.25 ? 244 ALA A C   1 
ATOM   555  O O   . ALA A 1 73  ? 13.006  -0.428  -0.909  1.00 24.42 ? 244 ALA A O   1 
ATOM   556  C CB  . ALA A 1 73  ? 10.438  -2.167  0.315   1.00 24.42 ? 244 ALA A CB  1 
ATOM   557  N N   . LEU A 1 74  ? 11.408  0.741   0.200   1.00 28.11 ? 245 LEU A N   1 
ATOM   558  C CA  . LEU A 1 74  ? 11.620  2.007   -0.485  1.00 28.11 ? 245 LEU A CA  1 
ATOM   559  C C   . LEU A 1 74  ? 13.051  2.446   -0.222  1.00 28.11 ? 245 LEU A C   1 
ATOM   560  O O   . LEU A 1 74  ? 13.677  3.050   -1.092  1.00 19.91 ? 245 LEU A O   1 
ATOM   561  C CB  . LEU A 1 74  ? 10.652  3.062   0.048   1.00 19.91 ? 245 LEU A CB  1 
ATOM   562  C CG  . LEU A 1 74  ? 9.487   3.604   -0.790  1.00 19.91 ? 245 LEU A CG  1 
ATOM   563  C CD1 . LEU A 1 74  ? 9.058   2.611   -1.814  1.00 19.91 ? 245 LEU A CD1 1 
ATOM   564  C CD2 . LEU A 1 74  ? 8.322   3.999   0.098   1.00 19.91 ? 245 LEU A CD2 1 
ATOM   565  N N   . LYS A 1 75  ? 13.572  2.126   0.969   1.00 14.26 ? 246 LYS A N   1 
ATOM   566  C CA  . LYS A 1 75  ? 14.941  2.487   1.340   1.00 14.26 ? 246 LYS A CA  1 
ATOM   567  C C   . LYS A 1 75  ? 15.986  1.683   0.567   1.00 14.26 ? 246 LYS A C   1 
ATOM   568  O O   . LYS A 1 75  ? 17.070  2.186   0.264   1.00 48.80 ? 246 LYS A O   1 
ATOM   569  C CB  . LYS A 1 75  ? 15.172  2.311   2.839   1.00 48.80 ? 246 LYS A CB  1 
ATOM   570  C CG  . LYS A 1 75  ? 14.595  3.409   3.712   1.00 48.80 ? 246 LYS A CG  1 
ATOM   571  C CD  . LYS A 1 75  ? 15.069  3.229   5.141   1.00 48.80 ? 246 LYS A CD  1 
ATOM   572  C CE  . LYS A 1 75  ? 14.640  4.372   6.039   1.00 48.80 ? 246 LYS A CE  1 
ATOM   573  N NZ  . LYS A 1 75  ? 15.294  4.266   7.379   1.00 48.80 ? 246 LYS A NZ  1 
ATOM   574  N N   . ARG A 1 76  ? 15.658  0.440   0.247   1.00 34.19 ? 247 ARG A N   1 
ATOM   575  C CA  . ARG A 1 76  ? 16.574  -0.419  -0.483  1.00 34.19 ? 247 ARG A CA  1 
ATOM   576  C C   . ARG A 1 76  ? 16.436  -0.255  -1.993  1.00 34.19 ? 247 ARG A C   1 
ATOM   577  O O   . ARG A 1 76  ? 17.316  -0.682  -2.744  1.00 47.53 ? 247 ARG A O   1 
ATOM   578  C CB  . ARG A 1 76  ? 16.349  -1.868  -0.086  1.00 47.53 ? 247 ARG A CB  1 
ATOM   579  C CG  . ARG A 1 76  ? 16.433  -2.089  1.404   1.00 47.53 ? 247 ARG A CG  1 
ATOM   580  C CD  . ARG A 1 76  ? 16.364  -3.558  1.752   1.00 47.53 ? 247 ARG A CD  1 
ATOM   581  N NE  . ARG A 1 76  ? 16.314  -3.786  3.192   1.00 47.53 ? 247 ARG A NE  1 
ATOM   582  C CZ  . ARG A 1 76  ? 16.259  -4.992  3.747   1.00 47.53 ? 247 ARG A CZ  1 
ATOM   583  N NH1 . ARG A 1 76  ? 16.249  -6.076  2.975   1.00 47.53 ? 247 ARG A NH1 1 
ATOM   584  N NH2 . ARG A 1 76  ? 16.200  -5.114  5.069   1.00 47.53 ? 247 ARG A NH2 1 
ATOM   585  N N   . TYR A 1 77  ? 15.341  0.371   -2.433  1.00 41.48 ? 248 TYR A N   1 
ATOM   586  C CA  . TYR A 1 77  ? 15.081  0.583   -3.859  1.00 41.48 ? 248 TYR A CA  1 
ATOM   587  C C   . TYR A 1 77  ? 14.612  2.013   -4.163  1.00 41.48 ? 248 TYR A C   1 
ATOM   588  O O   . TYR A 1 77  ? 13.496  2.223   -4.655  1.00 27.59 ? 248 TYR A O   1 
ATOM   589  C CB  . TYR A 1 77  ? 14.024  -0.414  -4.333  1.00 27.59 ? 248 TYR A CB  1 
ATOM   590  C CG  . TYR A 1 77  ? 14.441  -1.852  -4.208  1.00 27.59 ? 248 TYR A CG  1 
ATOM   591  C CD1 . TYR A 1 77  ? 13.947  -2.653  -3.191  1.00 27.59 ? 248 TYR A CD1 1 
ATOM   592  C CD2 . TYR A 1 77  ? 15.330  -2.420  -5.115  1.00 27.59 ? 248 TYR A CD2 1 
ATOM   593  C CE1 . TYR A 1 77  ? 14.330  -3.987  -3.086  1.00 27.59 ? 248 TYR A CE1 1 
ATOM   594  C CE2 . TYR A 1 77  ? 15.716  -3.745  -5.017  1.00 27.59 ? 248 TYR A CE2 1 
ATOM   595  C CZ  . TYR A 1 77  ? 15.212  -4.518  -4.005  1.00 27.59 ? 248 TYR A CZ  1 
ATOM   596  O OH  . TYR A 1 77  ? 15.576  -5.829  -3.919  1.00 27.59 ? 248 TYR A OH  1 
ATOM   597  N N   . PRO A 1 78  ? 15.514  3.001   -4.017  1.00 29.87 ? 249 PRO A N   1 
ATOM   598  C CA  . PRO A 1 78  ? 15.166  4.408   -4.267  1.00 29.87 ? 249 PRO A CA  1 
ATOM   599  C C   . PRO A 1 78  ? 14.509  4.705   -5.609  1.00 29.87 ? 249 PRO A C   1 
ATOM   600  O O   . PRO A 1 78  ? 13.752  5.665   -5.735  1.00 40.85 ? 249 PRO A O   1 
ATOM   601  C CB  . PRO A 1 78  ? 16.498  5.125   -4.071  1.00 40.85 ? 249 PRO A CB  1 
ATOM   602  C CG  . PRO A 1 78  ? 17.500  4.073   -4.521  1.00 40.85 ? 249 PRO A CG  1 
ATOM   603  C CD  . PRO A 1 78  ? 16.955  2.866   -3.763  1.00 40.85 ? 249 PRO A CD  1 
ATOM   604  N N   . GLU A 1 79  ? 14.762  3.848   -6.587  1.00 17.17 ? 250 GLU A N   1 
ATOM   605  C CA  . GLU A 1 79  ? 14.170  3.984   -7.914  1.00 17.17 ? 250 GLU A CA  1 
ATOM   606  C C   . GLU A 1 79  ? 12.643  3.979   -7.809  1.00 17.17 ? 250 GLU A C   1 
ATOM   607  O O   . GLU A 1 79  ? 11.966  4.764   -8.463  1.00 36.45 ? 250 GLU A O   1 
ATOM   608  C CB  . GLU A 1 79  ? 14.630  2.818   -8.779  1.00 36.45 ? 250 GLU A CB  1 
ATOM   609  C CG  . GLU A 1 79  ? 16.133  2.737   -8.927  1.00 36.45 ? 250 GLU A CG  1 
ATOM   610  C CD  . GLU A 1 79  ? 16.639  3.602   -10.065 1.00 36.45 ? 250 GLU A CD  1 
ATOM   611  N N   . VAL A 1 80  ? 12.123  3.105   -6.948  1.00 31.57 ? 251 VAL A N   1 
ATOM   612  C CA  . VAL A 1 80  ? 10.686  2.957   -6.726  1.00 31.57 ? 251 VAL A CA  1 
ATOM   613  C C   . VAL A 1 80  ? 10.167  4.131   -5.916  1.00 31.57 ? 251 VAL A C   1 
ATOM   614  O O   . VAL A 1 80  ? 8.973   4.418   -5.920  1.00 30.78 ? 251 VAL A O   1 
ATOM   615  C CB  . VAL A 1 80  ? 10.362  1.639   -5.978  1.00 30.78 ? 251 VAL A CB  1 
ATOM   616  C CG1 . VAL A 1 80  ? 8.886   1.509   -5.742  1.00 30.78 ? 251 VAL A CG1 1 
ATOM   617  C CG2 . VAL A 1 80  ? 10.842  0.458   -6.779  1.00 30.78 ? 251 VAL A CG2 1 
ATOM   618  N N   . ASN A 1 81  ? 11.070  4.807   -5.220  1.00 29.31 ? 252 ASN A N   1 
ATOM   619  C CA  . ASN A 1 81  ? 10.717  5.965   -4.404  1.00 29.31 ? 252 ASN A CA  1 
ATOM   620  C C   . ASN A 1 81  ? 10.983  7.249   -5.188  1.00 29.31 ? 252 ASN A C   1 
ATOM   621  O O   . ASN A 1 81  ? 10.952  8.333   -4.616  1.00 50.45 ? 252 ASN A O   1 
ATOM   622  C CB  . ASN A 1 81  ? 11.540  5.972   -3.111  1.00 50.45 ? 252 ASN A CB  1 
ATOM   623  C CG  . ASN A 1 81  ? 11.103  7.046   -2.124  1.00 50.45 ? 252 ASN A CG  1 
ATOM   624  O OD1 . ASN A 1 81  ? 11.862  7.426   -1.244  1.00 50.45 ? 252 ASN A OD1 1 
ATOM   625  N ND2 . ASN A 1 81  ? 9.881   7.515   -2.250  1.00 50.45 ? 252 ASN A ND2 1 
ATOM   626  N N   . ALA A 1 82  ? 11.277  7.132   -6.481  1.00 30.19 ? 253 ALA A N   1 
ATOM   627  C CA  . ALA A 1 82  ? 11.543  8.293   -7.328  1.00 30.19 ? 253 ALA A CA  1 
ATOM   628  C C   . ALA A 1 82  ? 10.413  8.508   -8.324  1.00 30.19 ? 253 ALA A C   1 
ATOM   629  O O   . ALA A 1 82  ? 9.585   7.625   -8.526  1.00 49.72 ? 253 ALA A O   1 
ATOM   630  C CB  . ALA A 1 82  ? 12.845  8.106   -8.072  1.00 49.72 ? 253 ALA A CB  1 
ATOM   631  N N   . SER A 1 83  ? 10.375  9.687   -8.936  1.00 39.46 ? 254 SER A N   1 
ATOM   632  C CA  . SER A 1 83  ? 9.357   10.002  -9.936  1.00 39.46 ? 254 SER A CA  1 
ATOM   633  C C   . SER A 1 83  ? 10.071  10.364  -11.230 1.00 39.46 ? 254 SER A C   1 
ATOM   634  O O   . SER A 1 83  ? 11.299  10.491  -11.255 1.00 49.66 ? 254 SER A O   1 
ATOM   635  C CB  . SER A 1 83  ? 8.546   11.222  -9.500  1.00 49.66 ? 254 SER A CB  1 
ATOM   636  O OG  . SER A 1 83  ? 8.166   11.159  -8.139  1.00 49.66 ? 254 SER A OG  1 
ATOM   637  N N   . ILE A 1 84  ? 9.319   10.472  -12.317 1.00 40.21 ? 255 ILE A N   1 
ATOM   638  C CA  . ILE A 1 84  ? 9.898   10.913  -13.582 1.00 40.21 ? 255 ILE A CA  1 
ATOM   639  C C   . ILE A 1 84  ? 9.311   12.310  -13.810 1.00 40.21 ? 255 ILE A C   1 
ATOM   640  O O   . ILE A 1 84  ? 8.091   12.478  -13.830 1.00 48.54 ? 255 ILE A O   1 
ATOM   641  C CB  . ILE A 1 84  ? 9.560   9.991   -14.763 1.00 48.54 ? 255 ILE A CB  1 
ATOM   642  C CG1 . ILE A 1 84  ? 10.223  8.632   -14.561 1.00 48.54 ? 255 ILE A CG1 1 
ATOM   643  C CG2 . ILE A 1 84  ? 10.077  10.592  -16.059 1.00 48.54 ? 255 ILE A CG2 1 
ATOM   644  C CD1 . ILE A 1 84  ? 10.061  7.702   -15.743 1.00 48.54 ? 255 ILE A CD1 1 
ATOM   645  N N   . ASP A 1 85  ? 10.174  13.320  -13.870 1.00 62.02 ? 256 ASP A N   1 
ATOM   646  C CA  . ASP A 1 85  ? 9.747   14.700  -14.068 1.00 62.02 ? 256 ASP A CA  1 
ATOM   647  C C   . ASP A 1 85  ? 10.186  15.160  -15.450 1.00 62.02 ? 256 ASP A C   1 
ATOM   648  O O   . ASP A 1 85  ? 11.269  15.737  -15.616 1.00 65.00 ? 256 ASP A O   1 
ATOM   649  C CB  . ASP A 1 85  ? 10.367  15.587  -12.993 1.00 65.00 ? 256 ASP A CB  1 
ATOM   650  C CG  . ASP A 1 85  ? 9.832   16.988  -13.021 1.00 65.00 ? 256 ASP A CG  1 
ATOM   651  O OD1 . ASP A 1 85  ? 10.473  17.849  -13.661 1.00 65.00 ? 256 ASP A OD1 1 
ATOM   652  O OD2 . ASP A 1 85  ? 8.775   17.223  -12.400 1.00 65.00 ? 256 ASP A OD2 1 
ATOM   653  N N   . GLY A 1 86  ? 9.335   14.905  -16.437 1.00 48.39 ? 257 GLY A N   1 
ATOM   654  C CA  . GLY A 1 86  ? 9.652   15.274  -17.800 1.00 48.39 ? 257 GLY A CA  1 
ATOM   655  C C   . GLY A 1 86  ? 10.870  14.509  -18.297 1.00 48.39 ? 257 GLY A C   1 
ATOM   656  O O   . GLY A 1 86  ? 10.770  13.357  -18.732 1.00 65.00 ? 257 GLY A O   1 
ATOM   657  N N   . ASP A 1 87  ? 12.030  15.140  -18.187 1.00 48.40 ? 258 ASP A N   1 
ATOM   658  C CA  . ASP A 1 87  ? 13.283  14.547  -18.631 1.00 48.40 ? 258 ASP A CA  1 
ATOM   659  C C   . ASP A 1 87  ? 14.150  14.226  -17.437 1.00 48.40 ? 258 ASP A C   1 
ATOM   660  O O   . ASP A 1 87  ? 15.352  13.994  -17.583 1.00 50.99 ? 258 ASP A O   1 
ATOM   661  N N   . ASP A 1 88  ? 13.546  14.234  -16.252 1.00 52.50 ? 259 ASP A N   1 
ATOM   662  C CA  . ASP A 1 88  ? 14.281  13.964  -15.032 1.00 52.50 ? 259 ASP A CA  1 
ATOM   663  C C   . ASP A 1 88  ? 13.721  12.828  -14.210 1.00 52.50 ? 259 ASP A C   1 
ATOM   664  O O   . ASP A 1 88  ? 12.609  12.358  -14.434 1.00 65.00 ? 259 ASP A O   1 
ATOM   665  C CB  . ASP A 1 88  ? 14.337  15.210  -14.145 1.00 65.00 ? 259 ASP A CB  1 
ATOM   666  C CG  . ASP A 1 88  ? 15.235  16.297  -14.703 1.00 65.00 ? 259 ASP A CG  1 
ATOM   667  O OD1 . ASP A 1 88  ? 14.906  17.477  -14.457 1.00 65.00 ? 259 ASP A OD1 1 
ATOM   668  O OD2 . ASP A 1 88  ? 16.262  15.987  -15.356 1.00 65.00 ? 259 ASP A OD2 1 
ATOM   669  N N   . VAL A 1 89  ? 14.550  12.362  -13.287 1.00 40.64 ? 260 VAL A N   1 
ATOM   670  C CA  . VAL A 1 89  ? 14.204  11.310  -12.352 1.00 40.64 ? 260 VAL A CA  1 
ATOM   671  C C   . VAL A 1 89  ? 14.402  12.031  -11.033 1.00 40.64 ? 260 VAL A C   1 
ATOM   672  O O   . VAL A 1 89  ? 15.506  12.468  -10.712 1.00 36.38 ? 260 VAL A O   1 
ATOM   673  C CB  . VAL A 1 89  ? 15.186  10.137  -12.424 1.00 36.38 ? 260 VAL A CB  1 
ATOM   674  C CG1 . VAL A 1 89  ? 14.745  9.040   -11.496 1.00 36.38 ? 260 VAL A CG1 1 
ATOM   675  C CG2 . VAL A 1 89  ? 15.286  9.624   -13.836 1.00 36.38 ? 260 VAL A CG2 1 
ATOM   676  N N   . VAL A 1 90  ? 13.320  12.222  -10.302 1.00 30.73 ? 261 VAL A N   1 
ATOM   677  C CA  . VAL A 1 90  ? 13.403  12.931  -9.046  1.00 30.73 ? 261 VAL A CA  1 
ATOM   678  C C   . VAL A 1 90  ? 13.406  11.980  -7.862  1.00 30.73 ? 261 VAL A C   1 
ATOM   679  O O   . VAL A 1 90  ? 12.358  11.468  -7.451  1.00 36.45 ? 261 VAL A O   1 
ATOM   680  C CB  . VAL A 1 90  ? 12.239  13.950  -8.913  1.00 36.45 ? 261 VAL A CB  1 
ATOM   681  C CG1 . VAL A 1 90  ? 12.364  14.753  -7.634  1.00 36.45 ? 261 VAL A CG1 1 
ATOM   682  C CG2 . VAL A 1 90  ? 12.226  14.880  -10.104 1.00 36.45 ? 261 VAL A CG2 1 
ATOM   683  N N   . TYR A 1 91  ? 14.594  11.731  -7.330  1.00 25.51 ? 262 TYR A N   1 
ATOM   684  C CA  . TYR A 1 91  ? 14.749  10.869  -6.169  1.00 25.51 ? 262 TYR A CA  1 
ATOM   685  C C   . TYR A 1 91  ? 14.324  11.645  -4.936  1.00 25.51 ? 262 TYR A C   1 
ATOM   686  O O   . TYR A 1 91  ? 14.858  12.718  -4.666  1.00 45.87 ? 262 TYR A O   1 
ATOM   687  C CB  . TYR A 1 91  ? 16.206  10.450  -6.011  1.00 45.87 ? 262 TYR A CB  1 
ATOM   688  C CG  . TYR A 1 91  ? 16.689  9.637   -7.163  1.00 45.87 ? 262 TYR A CG  1 
ATOM   689  C CD1 . TYR A 1 91  ? 17.121  10.242  -8.332  1.00 45.87 ? 262 TYR A CD1 1 
ATOM   690  C CD2 . TYR A 1 91  ? 16.661  8.256   -7.112  1.00 45.87 ? 262 TYR A CD2 1 
ATOM   691  C CE1 . TYR A 1 91  ? 17.504  9.494   -9.421  1.00 45.87 ? 262 TYR A CE1 1 
ATOM   692  C CE2 . TYR A 1 91  ? 17.042  7.493   -8.195  1.00 45.87 ? 262 TYR A CE2 1 
ATOM   693  C CZ  . TYR A 1 91  ? 17.460  8.120   -9.350  1.00 45.87 ? 262 TYR A CZ  1 
ATOM   694  O OH  . TYR A 1 91  ? 17.802  7.370   -10.450 1.00 45.87 ? 262 TYR A OH  1 
ATOM   695  N N   . HIS A 1 92  ? 13.342  11.137  -4.206  1.00 21.06 ? 263 HIS A N   1 
ATOM   696  C CA  . HIS A 1 92  ? 12.909  11.812  -2.990  1.00 21.06 ? 263 HIS A CA  1 
ATOM   697  C C   . HIS A 1 92  ? 13.720  11.252  -1.836  1.00 21.06 ? 263 HIS A C   1 
ATOM   698  O O   . HIS A 1 92  ? 13.873  10.038  -1.730  1.00 39.90 ? 263 HIS A O   1 
ATOM   699  C CB  . HIS A 1 92  ? 11.428  11.580  -2.775  1.00 39.90 ? 263 HIS A CB  1 
ATOM   700  C CG  . HIS A 1 92  ? 10.614  11.924  -3.979  1.00 39.90 ? 263 HIS A CG  1 
ATOM   701  N ND1 . HIS A 1 92  ? 10.324  11.009  -4.956  1.00 39.90 ? 263 HIS A ND1 1 
ATOM   702  C CD2 . HIS A 1 92  ? 10.121  13.109  -4.410  1.00 39.90 ? 263 HIS A CD2 1 
ATOM   703  C CE1 . HIS A 1 92  ? 9.691   11.603  -5.949  1.00 39.90 ? 263 HIS A CE1 1 
ATOM   704  N NE2 . HIS A 1 92  ? 9.554   12.884  -5.643  1.00 39.90 ? 263 HIS A NE2 1 
ATOM   705  N N   . ASN A 1 93  ? 14.311  12.145  -1.040  1.00 53.33 ? 264 ASN A N   1 
ATOM   706  C CA  . ASN A 1 93  ? 15.135  11.767  0.111   1.00 53.33 ? 264 ASN A CA  1 
ATOM   707  C C   . ASN A 1 93  ? 14.334  11.666  1.393   1.00 53.33 ? 264 ASN A C   1 
ATOM   708  O O   . ASN A 1 93  ? 14.901  11.646  2.482   1.00 65.00 ? 264 ASN A O   1 
ATOM   709  C CB  . ASN A 1 93  ? 16.297  12.742  0.304   1.00 65.00 ? 264 ASN A CB  1 
ATOM   710  C CG  . ASN A 1 93  ? 17.379  12.555  -0.730  1.00 65.00 ? 264 ASN A CG  1 
ATOM   711  O OD1 . ASN A 1 93  ? 17.426  11.537  -1.412  1.00 65.00 ? 264 ASN A OD1 1 
ATOM   712  N ND2 . ASN A 1 93  ? 18.239  13.548  -0.877  1.00 65.00 ? 264 ASN A ND2 1 
ATOM   713  N N   . TYR A 1 94  ? 13.013  11.639  1.258   1.00 32.03 ? 265 TYR A N   1 
ATOM   714  C CA  . TYR A 1 94  ? 12.111  11.514  2.397   1.00 32.03 ? 265 TYR A CA  1 
ATOM   715  C C   . TYR A 1 94  ? 11.173  10.329  2.145   1.00 32.03 ? 265 TYR A C   1 
ATOM   716  O O   . TYR A 1 94  ? 11.241  9.688   1.092   1.00 37.88 ? 265 TYR A O   1 
ATOM   717  C CB  . TYR A 1 94  ? 11.319  12.804  2.618   1.00 37.88 ? 265 TYR A CB  1 
ATOM   718  C CG  . TYR A 1 94  ? 10.704  13.341  1.368   1.00 37.88 ? 265 TYR A CG  1 
ATOM   719  C CD1 . TYR A 1 94  ? 9.339   13.198  1.117   1.00 37.88 ? 265 TYR A CD1 1 
ATOM   720  C CD2 . TYR A 1 94  ? 11.492  13.967  0.411   1.00 37.88 ? 265 TYR A CD2 1 
ATOM   721  C CE1 . TYR A 1 94  ? 8.777   13.666  -0.068  1.00 37.88 ? 265 TYR A CE1 1 
ATOM   722  C CE2 . TYR A 1 94  ? 10.950  14.437  -0.770  1.00 37.88 ? 265 TYR A CE2 1 
ATOM   723  C CZ  . TYR A 1 94  ? 9.596   14.284  -1.008  1.00 37.88 ? 265 TYR A CZ  1 
ATOM   724  O OH  . TYR A 1 94  ? 9.082   14.733  -2.199  1.00 37.88 ? 265 TYR A OH  1 
ATOM   725  N N   . PHE A 1 95  ? 10.296  10.040  3.102   1.00 26.67 ? 266 PHE A N   1 
ATOM   726  C CA  . PHE A 1 95  ? 9.389   8.916   2.955   1.00 26.67 ? 266 PHE A CA  1 
ATOM   727  C C   . PHE A 1 95  ? 7.924   9.201   3.290   1.00 26.67 ? 266 PHE A C   1 
ATOM   728  O O   . PHE A 1 95  ? 7.491   9.094   4.442   1.00 25.21 ? 266 PHE A O   1 
ATOM   729  C CB  . PHE A 1 95  ? 9.918   7.734   3.764   1.00 25.21 ? 266 PHE A CB  1 
ATOM   730  C CG  . PHE A 1 95  ? 11.298  7.294   3.349   1.00 25.21 ? 266 PHE A CG  1 
ATOM   731  C CD1 . PHE A 1 95  ? 12.415  7.764   4.007   1.00 25.21 ? 266 PHE A CD1 1 
ATOM   732  C CD2 . PHE A 1 95  ? 11.472  6.426   2.292   1.00 25.21 ? 266 PHE A CD2 1 
ATOM   733  C CE1 . PHE A 1 95  ? 13.678  7.384   3.618   1.00 25.21 ? 266 PHE A CE1 1 
ATOM   734  C CE2 . PHE A 1 95  ? 12.747  6.042   1.901   1.00 25.21 ? 266 PHE A CE2 1 
ATOM   735  C CZ  . PHE A 1 95  ? 13.847  6.525   2.573   1.00 25.21 ? 266 PHE A CZ  1 
ATOM   736  N N   . ASP A 1 96  ? 7.198   9.673   2.285   1.00 32.01 ? 267 ASP A N   1 
ATOM   737  C CA  . ASP A 1 96  ? 5.780   9.949   2.421   1.00 32.01 ? 267 ASP A CA  1 
ATOM   738  C C   . ASP A 1 96  ? 5.143   8.802   1.664   1.00 32.01 ? 267 ASP A C   1 
ATOM   739  O O   . ASP A 1 96  ? 5.577   8.446   0.559   1.00 49.33 ? 267 ASP A O   1 
ATOM   740  C CB  . ASP A 1 96  ? 5.398   11.274  1.751   1.00 49.33 ? 267 ASP A CB  1 
ATOM   741  C CG  . ASP A 1 96  ? 6.083   12.475  2.382   1.00 49.33 ? 267 ASP A CG  1 
ATOM   742  O OD1 . ASP A 1 96  ? 6.552   12.376  3.537   1.00 49.33 ? 267 ASP A OD1 1 
ATOM   743  O OD2 . ASP A 1 96  ? 6.135   13.528  1.709   1.00 49.33 ? 267 ASP A OD2 1 
ATOM   744  N N   . VAL A 1 97  ? 4.128   8.213   2.274   1.00 27.35 ? 268 VAL A N   1 
ATOM   745  C CA  . VAL A 1 97  ? 3.436   7.088   1.677   1.00 27.35 ? 268 VAL A CA  1 
ATOM   746  C C   . VAL A 1 97  ? 1.947   7.385   1.666   1.00 27.35 ? 268 VAL A C   1 
ATOM   747  O O   . VAL A 1 97  ? 1.355   7.692   2.695   1.00 22.29 ? 268 VAL A O   1 
ATOM   748  C CB  . VAL A 1 97  ? 3.689   5.790   2.477   1.00 22.29 ? 268 VAL A CB  1 
ATOM   749  C CG1 . VAL A 1 97  ? 2.828   4.679   1.950   1.00 22.29 ? 268 VAL A CG1 1 
ATOM   750  C CG2 . VAL A 1 97  ? 5.153   5.384   2.384   1.00 22.29 ? 268 VAL A CG2 1 
ATOM   751  N N   . SER A 1 98  ? 1.378   7.383   0.474   1.00 15.61 ? 269 SER A N   1 
ATOM   752  C CA  . SER A 1 98  ? -0.039  7.618   0.279   1.00 15.61 ? 269 SER A CA  1 
ATOM   753  C C   . SER A 1 98  ? -0.786  6.377   0.706   1.00 15.61 ? 269 SER A C   1 
ATOM   754  O O   . SER A 1 98  ? -0.373  5.255   0.406   1.00 41.23 ? 269 SER A O   1 
ATOM   755  C CB  . SER A 1 98  ? -0.289  7.883   -1.190  1.00 41.23 ? 269 SER A CB  1 
ATOM   756  O OG  . SER A 1 98  ? 0.324   9.093   -1.573  1.00 41.23 ? 269 SER A OG  1 
ATOM   757  N N   . MET A 1 99  ? -1.897  6.574   1.392   1.00 11.59 ? 270 MET A N   1 
ATOM   758  C CA  . MET A 1 99  ? -2.691  5.453   1.866   1.00 11.59 ? 270 MET A CA  1 
ATOM   759  C C   . MET A 1 99  ? -4.178  5.621   1.572   1.00 11.59 ? 270 MET A C   1 
ATOM   760  O O   . MET A 1 99  ? -4.842  6.453   2.182   1.00 63.76 ? 270 MET A O   1 
ATOM   761  C CB  . MET A 1 99  ? -2.482  5.287   3.361   1.00 63.76 ? 270 MET A CB  1 
ATOM   762  C CG  . MET A 1 99  ? -2.293  3.865   3.763   1.00 63.76 ? 270 MET A CG  1 
ATOM   763  S SD  . MET A 1 99  ? -2.578  3.722   5.486   1.00 63.76 ? 270 MET A SD  1 
ATOM   764  C CE  . MET A 1 99  ? -4.332  4.050   5.520   1.00 63.76 ? 270 MET A CE  1 
ATOM   765  N N   . ALA A 1 100 ? -4.697  4.799   0.664   1.00 31.88 ? 271 ALA A N   1 
ATOM   766  C CA  . ALA A 1 100 ? -6.106  4.851   0.270   1.00 31.88 ? 271 ALA A CA  1 
ATOM   767  C C   . ALA A 1 100 ? -7.108  4.590   1.405   1.00 31.88 ? 271 ALA A C   1 
ATOM   768  O O   . ALA A 1 100 ? -7.117  3.520   2.018   1.00 34.52 ? 271 ALA A O   1 
ATOM   769  C CB  . ALA A 1 100 ? -6.355  3.898   -0.874  1.00 34.52 ? 271 ALA A CB  1 
ATOM   770  N N   . VAL A 1 101 ? -7.974  5.571   1.629   1.00 61.30 ? 272 VAL A N   1 
ATOM   771  C CA  . VAL A 1 101 ? -8.998  5.542   2.658   1.00 61.30 ? 272 VAL A CA  1 
ATOM   772  C C   . VAL A 1 101 ? -10.377 5.739   1.995   1.00 61.30 ? 272 VAL A C   1 
ATOM   773  O O   . VAL A 1 101 ? -10.557 6.637   1.159   1.00 48.80 ? 272 VAL A O   1 
ATOM   774  C CB  . VAL A 1 101 ? -8.738  6.666   3.698   1.00 48.80 ? 272 VAL A CB  1 
ATOM   775  C CG1 . VAL A 1 101 ? -9.151  8.029   3.155   1.00 48.80 ? 272 VAL A CG1 1 
ATOM   776  C CG2 . VAL A 1 101 ? -9.478  6.374   4.962   1.00 48.80 ? 272 VAL A CG2 1 
ATOM   777  N N   . SER A 1 102 ? -11.331 4.871   2.335   1.00 65.00 ? 273 SER A N   1 
ATOM   778  C CA  . SER A 1 102 ? -12.686 4.951   1.776   1.00 65.00 ? 273 SER A CA  1 
ATOM   779  C C   . SER A 1 102 ? -13.444 6.178   2.298   1.00 65.00 ? 273 SER A C   1 
ATOM   780  O O   . SER A 1 102 ? -13.180 6.659   3.409   1.00 65.00 ? 273 SER A O   1 
ATOM   781  C CB  . SER A 1 102 ? -13.464 3.660   2.057   1.00 65.00 ? 273 SER A CB  1 
ATOM   782  O OG  . SER A 1 102 ? -13.133 3.116   3.326   1.00 65.00 ? 273 SER A OG  1 
ATOM   783  N N   . THR A 1 103 ? -14.409 6.656   1.513   1.00 65.00 ? 274 THR A N   1 
ATOM   784  C CA  . THR A 1 103 ? -15.178 7.849   1.884   1.00 65.00 ? 274 THR A CA  1 
ATOM   785  C C   . THR A 1 103 ? -16.532 7.938   1.147   1.00 65.00 ? 274 THR A C   1 
ATOM   786  O O   . THR A 1 103 ? -16.818 7.126   0.260   1.00 65.00 ? 274 THR A O   1 
ATOM   787  C CB  . THR A 1 103 ? -14.326 9.107   1.609   1.00 65.00 ? 274 THR A CB  1 
ATOM   788  N N   . GLY A 1 106 ? -15.964 8.750   -2.735  1.00 65.00 ? 277 GLY A N   1 
ATOM   789  C CA  . GLY A 1 106 ? -15.134 7.729   -3.347  1.00 65.00 ? 277 GLY A CA  1 
ATOM   790  C C   . GLY A 1 106 ? -13.968 7.418   -2.423  1.00 65.00 ? 277 GLY A C   1 
ATOM   791  O O   . GLY A 1 106 ? -14.013 7.729   -1.229  1.00 65.00 ? 277 GLY A O   1 
ATOM   792  N N   . LEU A 1 107 ? -12.935 6.783   -2.964  1.00 65.00 ? 278 LEU A N   1 
ATOM   793  C CA  . LEU A 1 107 ? -11.754 6.451   -2.182  1.00 65.00 ? 278 LEU A CA  1 
ATOM   794  C C   . LEU A 1 107 ? -10.817 7.660   -2.228  1.00 65.00 ? 278 LEU A C   1 
ATOM   795  O O   . LEU A 1 107 ? -10.758 8.358   -3.237  1.00 65.00 ? 278 LEU A O   1 
ATOM   796  C CB  . LEU A 1 107 ? -11.058 5.242   -2.797  1.00 65.00 ? 278 LEU A CB  1 
ATOM   797  C CG  . LEU A 1 107 ? -10.433 4.287   -1.792  1.00 65.00 ? 278 LEU A CG  1 
ATOM   798  C CD1 . LEU A 1 107 ? -11.537 3.504   -1.086  1.00 65.00 ? 278 LEU A CD1 1 
ATOM   799  C CD2 . LEU A 1 107 ? -9.488  3.347   -2.515  1.00 65.00 ? 278 LEU A CD2 1 
ATOM   800  N N   . VAL A 1 108 ? -10.080 7.904   -1.151  1.00 65.00 ? 279 VAL A N   1 
ATOM   801  C CA  . VAL A 1 108 ? -9.157  9.030   -1.118  1.00 65.00 ? 279 VAL A CA  1 
ATOM   802  C C   . VAL A 1 108 ? -7.788  8.632   -0.612  1.00 65.00 ? 279 VAL A C   1 
ATOM   803  O O   . VAL A 1 108 ? -7.655  7.772   0.246   1.00 65.00 ? 279 VAL A O   1 
ATOM   804  C CB  . VAL A 1 108 ? -9.690  10.230  -0.313  1.00 65.00 ? 279 VAL A CB  1 
ATOM   805  C CG1 . VAL A 1 108 ? -10.239 11.269  -1.268  1.00 65.00 ? 279 VAL A CG1 1 
ATOM   806  C CG2 . VAL A 1 108 ? -10.765 9.790   0.676   1.00 65.00 ? 279 VAL A CG2 1 
ATOM   807  N N   . THR A 1 109 ? -6.779  9.316   -1.133  1.00 32.84 ? 280 THR A N   1 
ATOM   808  C CA  . THR A 1 109 ? -5.387  9.045   -0.821  1.00 32.84 ? 280 THR A CA  1 
ATOM   809  C C   . THR A 1 109 ? -4.709  10.031  0.153   1.00 32.84 ? 280 THR A C   1 
ATOM   810  O O   . THR A 1 109 ? -3.942  10.899  -0.274  1.00 63.29 ? 280 THR A O   1 
ATOM   811  C CB  . THR A 1 109 ? -4.606  8.976   -2.166  1.00 63.29 ? 280 THR A CB  1 
ATOM   812  O OG1 . THR A 1 109 ? -5.149  7.927   -2.979  1.00 63.29 ? 280 THR A OG1 1 
ATOM   813  C CG2 . THR A 1 109 ? -3.152  8.711   -1.951  1.00 63.29 ? 280 THR A CG2 1 
ATOM   814  N N   . PRO A 1 110 ? -4.995  9.928   1.470   1.00 22.77 ? 281 PRO A N   1 
ATOM   815  C CA  . PRO A 1 110 ? -4.347  10.852  2.413   1.00 22.77 ? 281 PRO A CA  1 
ATOM   816  C C   . PRO A 1 110 ? -2.866  10.482  2.476   1.00 22.77 ? 281 PRO A C   1 
ATOM   817  O O   . PRO A 1 110 ? -2.503  9.332   2.221   1.00 40.03 ? 281 PRO A O   1 
ATOM   818  C CB  . PRO A 1 110 ? -5.032  10.525  3.745   1.00 40.03 ? 281 PRO A CB  1 
ATOM   819  C CG  . PRO A 1 110 ? -6.342  9.963   3.344   1.00 40.03 ? 281 PRO A CG  1 
ATOM   820  C CD  . PRO A 1 110 ? -5.974  9.087   2.177   1.00 40.03 ? 281 PRO A CD  1 
ATOM   821  N N   . VAL A 1 111 ? -2.014  11.425  2.846   1.00 29.27 ? 282 VAL A N   1 
ATOM   822  C CA  . VAL A 1 111 ? -0.590  11.130  2.904   1.00 29.27 ? 282 VAL A CA  1 
ATOM   823  C C   . VAL A 1 111 ? -0.016  11.018  4.308   1.00 29.27 ? 282 VAL A C   1 
ATOM   824  O O   . VAL A 1 111 ? -0.318  11.837  5.179   1.00 16.98 ? 282 VAL A O   1 
ATOM   825  C CB  . VAL A 1 111 ? 0.210   12.183  2.139   1.00 16.98 ? 282 VAL A CB  1 
ATOM   826  C CG1 . VAL A 1 111 ? 1.672   11.781  2.056   1.00 16.98 ? 282 VAL A CG1 1 
ATOM   827  C CG2 . VAL A 1 111 ? -0.372  12.342  0.761   1.00 16.98 ? 282 VAL A CG2 1 
ATOM   828  N N   . LEU A 1 112 ? 0.769   9.974   4.551   1.00 24.88 ? 283 LEU A N   1 
ATOM   829  C CA  . LEU A 1 112 ? 1.415   9.808   5.851   1.00 24.88 ? 283 LEU A CA  1 
ATOM   830  C C   . LEU A 1 112 ? 2.790   10.366  5.580   1.00 24.88 ? 283 LEU A C   1 
ATOM   831  O O   . LEU A 1 112 ? 3.490   9.861   4.702   1.00 40.68 ? 283 LEU A O   1 
ATOM   832  C CB  . LEU A 1 112 ? 1.527   8.335   6.241   1.00 40.68 ? 283 LEU A CB  1 
ATOM   833  C CG  . LEU A 1 112 ? 0.235   7.599   6.562   1.00 40.68 ? 283 LEU A CG  1 
ATOM   834  C CD1 . LEU A 1 112 ? 0.515   6.119   6.720   1.00 40.68 ? 283 LEU A CD1 1 
ATOM   835  C CD2 . LEU A 1 112 ? -0.355  8.167   7.826   1.00 40.68 ? 283 LEU A CD2 1 
ATOM   836  N N   . ARG A 1 113 ? 3.175   11.422  6.292   1.00 36.33 ? 284 ARG A N   1 
ATOM   837  C CA  . ARG A 1 113 ? 4.486   12.027  6.054   1.00 36.33 ? 284 ARG A CA  1 
ATOM   838  C C   . ARG A 1 113 ? 5.581   11.586  7.006   1.00 36.33 ? 284 ARG A C   1 
ATOM   839  O O   . ARG A 1 113 ? 5.360   11.462  8.208   1.00 65.00 ? 284 ARG A O   1 
ATOM   840  C CB  . ARG A 1 113 ? 4.384   13.560  5.995   1.00 65.00 ? 284 ARG A CB  1 
ATOM   841  C CG  . ARG A 1 113 ? 3.424   14.042  4.903   1.00 65.00 ? 284 ARG A CG  1 
ATOM   842  C CD  . ARG A 1 113 ? 3.406   15.548  4.701   1.00 65.00 ? 284 ARG A CD  1 
ATOM   843  N NE  . ARG A 1 113 ? 2.218   15.960  3.952   1.00 65.00 ? 284 ARG A NE  1 
ATOM   844  C CZ  . ARG A 1 113 ? 2.044   15.797  2.641   1.00 65.00 ? 284 ARG A CZ  1 
ATOM   845  N NH1 . ARG A 1 113 ? 2.985   15.226  1.896   1.00 65.00 ? 284 ARG A NH1 1 
ATOM   846  N NH2 . ARG A 1 113 ? 0.913   16.204  2.077   1.00 65.00 ? 284 ARG A NH2 1 
ATOM   847  N N   . ASP A 1 114 ? 6.757   11.328  6.438   1.00 34.29 ? 285 ASP A N   1 
ATOM   848  C CA  . ASP A 1 114 ? 7.928   10.893  7.199   1.00 34.29 ? 285 ASP A CA  1 
ATOM   849  C C   . ASP A 1 114 ? 7.682   9.666   8.089   1.00 34.29 ? 285 ASP A C   1 
ATOM   850  O O   . ASP A 1 114 ? 8.127   9.604   9.236   1.00 46.48 ? 285 ASP A O   1 
ATOM   851  C CB  . ASP A 1 114 ? 8.478   12.052  8.022   1.00 46.48 ? 285 ASP A CB  1 
ATOM   852  C CG  . ASP A 1 114 ? 8.880   13.220  7.163   1.00 46.48 ? 285 ASP A CG  1 
ATOM   853  O OD1 . ASP A 1 114 ? 9.811   13.057  6.340   1.00 46.48 ? 285 ASP A OD1 1 
ATOM   854  O OD2 . ASP A 1 114 ? 8.252   14.292  7.300   1.00 46.48 ? 285 ASP A OD2 1 
ATOM   855  N N   . VAL A 1 115 ? 7.040   8.657   7.511   1.00 29.46 ? 286 VAL A N   1 
ATOM   856  C CA  . VAL A 1 115 ? 6.723   7.429   8.221   1.00 29.46 ? 286 VAL A CA  1 
ATOM   857  C C   . VAL A 1 115 ? 7.969   6.682   8.634   1.00 29.46 ? 286 VAL A C   1 
ATOM   858  O O   . VAL A 1 115 ? 7.906   5.713   9.390   1.00 25.00 ? 286 VAL A O   1 
ATOM   859  C CB  . VAL A 1 115 ? 5.872   6.510   7.361   1.00 25.00 ? 286 VAL A CB  1 
ATOM   860  C CG1 . VAL A 1 115 ? 4.483   7.092   7.209   1.00 25.00 ? 286 VAL A CG1 1 
ATOM   861  C CG2 . VAL A 1 115 ? 6.519   6.334   6.008   1.00 25.00 ? 286 VAL A CG2 1 
ATOM   862  N N   . ASP A 1 116 ? 9.108   7.121   8.123   1.00 15.79 ? 287 ASP A N   1 
ATOM   863  C CA  . ASP A 1 116 ? 10.375  6.490   8.451   1.00 15.79 ? 287 ASP A CA  1 
ATOM   864  C C   . ASP A 1 116 ? 10.797  6.869   9.862   1.00 15.79 ? 287 ASP A C   1 
ATOM   865  O O   . ASP A 1 116 ? 11.680  6.238   10.435  1.00 46.07 ? 287 ASP A O   1 
ATOM   866  C CB  . ASP A 1 116 ? 11.446  6.934   7.466   1.00 46.07 ? 287 ASP A CB  1 
ATOM   867  C CG  . ASP A 1 116 ? 11.727  8.406   7.560   1.00 46.07 ? 287 ASP A CG  1 
ATOM   868  O OD1 . ASP A 1 116 ? 10.803  9.214   7.316   1.00 46.07 ? 287 ASP A OD1 1 
ATOM   869  O OD2 . ASP A 1 116 ? 12.877  8.752   7.898   1.00 46.07 ? 287 ASP A OD2 1 
ATOM   870  N N   . THR A 1 117 ? 10.186  7.921   10.400  1.00 47.45 ? 288 THR A N   1 
ATOM   871  C CA  . THR A 1 117 ? 10.511  8.397   11.741  1.00 47.45 ? 288 THR A CA  1 
ATOM   872  C C   . THR A 1 117 ? 9.442   8.031   12.746  1.00 47.45 ? 288 THR A C   1 
ATOM   873  O O   . THR A 1 117 ? 9.634   8.201   13.950  1.00 39.21 ? 288 THR A O   1 
ATOM   874  C CB  . THR A 1 117 ? 10.689  9.932   11.779  1.00 39.21 ? 288 THR A CB  1 
ATOM   875  O OG1 . THR A 1 117 ? 9.449   10.578  11.450  1.00 39.21 ? 288 THR A OG1 1 
ATOM   876  C CG2 . THR A 1 117 ? 11.766  10.368  10.799  1.00 39.21 ? 288 THR A CG2 1 
ATOM   877  N N   . LEU A 1 118 ? 8.306   7.554   12.259  1.00 30.84 ? 289 LEU A N   1 
ATOM   878  C CA  . LEU A 1 118 ? 7.208   7.179   13.137  1.00 30.84 ? 289 LEU A CA  1 
ATOM   879  C C   . LEU A 1 118 ? 7.319   5.806   13.783  1.00 30.84 ? 289 LEU A C   1 
ATOM   880  O O   . LEU A 1 118 ? 7.890   4.874   13.223  1.00 39.32 ? 289 LEU A O   1 
ATOM   881  C CB  . LEU A 1 118 ? 5.894   7.269   12.386  1.00 39.32 ? 289 LEU A CB  1 
ATOM   882  C CG  . LEU A 1 118 ? 5.234   8.627   12.472  1.00 39.32 ? 289 LEU A CG  1 
ATOM   883  C CD1 . LEU A 1 118 ? 6.264   9.724   12.510  1.00 39.32 ? 289 LEU A CD1 1 
ATOM   884  C CD2 . LEU A 1 118 ? 4.324   8.768   11.292  1.00 39.32 ? 289 LEU A CD2 1 
ATOM   885  N N   . GLY A 1 119 ? 6.773   5.707   14.987  1.00 51.55 ? 290 GLY A N   1 
ATOM   886  C CA  . GLY A 1 119 ? 6.773   4.451   15.706  1.00 51.55 ? 290 GLY A CA  1 
ATOM   887  C C   . GLY A 1 119 ? 5.473   3.787   15.327  1.00 51.55 ? 290 GLY A C   1 
ATOM   888  O O   . GLY A 1 119 ? 4.538   4.463   14.891  1.00 48.30 ? 290 GLY A O   1 
ATOM   889  N N   . MET A 1 120 ? 5.373   2.482   15.525  1.00 27.12 ? 291 MET A N   1 
ATOM   890  C CA  . MET A 1 120 ? 4.154   1.799   15.141  1.00 27.12 ? 291 MET A CA  1 
ATOM   891  C C   . MET A 1 120 ? 2.911   2.367   15.789  1.00 27.12 ? 291 MET A C   1 
ATOM   892  O O   . MET A 1 120 ? 1.900   2.566   15.117  1.00 33.65 ? 291 MET A O   1 
ATOM   893  C CB  . MET A 1 120 ? 4.271   0.301   15.360  1.00 33.65 ? 291 MET A CB  1 
ATOM   894  C CG  . MET A 1 120 ? 5.234   -0.317  14.394  1.00 33.65 ? 291 MET A CG  1 
ATOM   895  S SD  . MET A 1 120 ? 5.128   -2.065  14.397  1.00 33.65 ? 291 MET A SD  1 
ATOM   896  C CE  . MET A 1 120 ? 6.627   -2.444  13.549  1.00 33.65 ? 291 MET A CE  1 
ATOM   897  N N   . ALA A 1 121 ? 2.998   2.684   17.073  1.00 44.52 ? 292 ALA A N   1 
ATOM   898  C CA  . ALA A 1 121 ? 1.854   3.251   17.770  1.00 44.52 ? 292 ALA A CA  1 
ATOM   899  C C   . ALA A 1 121 ? 1.442   4.509   17.038  1.00 44.52 ? 292 ALA A C   1 
ATOM   900  O O   . ALA A 1 121 ? 0.277   4.702   16.735  1.00 18.03 ? 292 ALA A O   1 
ATOM   901  C CB  . ALA A 1 121 ? 2.222   3.584   19.199  1.00 18.03 ? 292 ALA A CB  1 
ATOM   902  N N   . ASP A 1 122 ? 2.433   5.320   16.697  1.00 14.70 ? 293 ASP A N   1 
ATOM   903  C CA  . ASP A 1 122 ? 2.208   6.574   16.000  1.00 14.70 ? 293 ASP A CA  1 
ATOM   904  C C   . ASP A 1 122 ? 1.546   6.377   14.640  1.00 14.70 ? 293 ASP A C   1 
ATOM   905  O O   . ASP A 1 122 ? 0.548   7.036   14.327  1.00 44.34 ? 293 ASP A O   1 
ATOM   906  C CB  . ASP A 1 122 ? 3.527   7.340   15.851  1.00 44.34 ? 293 ASP A CB  1 
ATOM   907  C CG  . ASP A 1 122 ? 4.082   7.824   17.188  1.00 44.34 ? 293 ASP A CG  1 
ATOM   908  O OD1 . ASP A 1 122 ? 5.322   7.969   17.289  1.00 44.34 ? 293 ASP A OD1 1 
ATOM   909  O OD2 . ASP A 1 122 ? 3.280   8.067   18.128  1.00 44.34 ? 293 ASP A OD2 1 
ATOM   910  N N   . ILE A 1 123 ? 2.107   5.476   13.836  1.00 21.57 ? 294 ILE A N   1 
ATOM   911  C CA  . ILE A 1 123 ? 1.553   5.188   12.522  1.00 21.57 ? 294 ILE A CA  1 
ATOM   912  C C   . ILE A 1 123 ? 0.119   4.713   12.716  1.00 21.57 ? 294 ILE A C   1 
ATOM   913  O O   . ILE A 1 123 ? -0.769  5.061   11.939  1.00 17.60 ? 294 ILE A O   1 
ATOM   914  C CB  . ILE A 1 123 ? 2.357   4.102   11.779  1.00 17.60 ? 294 ILE A CB  1 
ATOM   915  C CG1 . ILE A 1 123 ? 3.789   4.581   11.553  1.00 17.60 ? 294 ILE A CG1 1 
ATOM   916  C CG2 . ILE A 1 123 ? 1.710   3.792   10.445  1.00 17.60 ? 294 ILE A CG2 1 
ATOM   917  C CD1 . ILE A 1 123 ? 4.660   3.635   10.744  1.00 17.60 ? 294 ILE A CD1 1 
ATOM   918  N N   . GLU A 1 124 ? -0.124  3.968   13.787  1.00 24.02 ? 295 GLU A N   1 
ATOM   919  C CA  . GLU A 1 124 ? -1.465  3.474   14.042  1.00 24.02 ? 295 GLU A CA  1 
ATOM   920  C C   . GLU A 1 124 ? -2.430  4.601   14.349  1.00 24.02 ? 295 GLU A C   1 
ATOM   921  O O   . GLU A 1 124 ? -3.587  4.571   13.916  1.00 43.66 ? 295 GLU A O   1 
ATOM   922  C CB  . GLU A 1 124 ? -1.468  2.435   15.156  1.00 43.66 ? 295 GLU A CB  1 
ATOM   923  C CG  . GLU A 1 124 ? -0.893  1.092   14.735  1.00 43.66 ? 295 GLU A CG  1 
ATOM   924  C CD  . GLU A 1 124 ? -1.734  0.345   13.696  1.00 43.66 ? 295 GLU A CD  1 
ATOM   925  O OE1 . GLU A 1 124 ? -2.918  0.691   13.460  1.00 43.66 ? 295 GLU A OE1 1 
ATOM   926  O OE2 . GLU A 1 124 ? -1.200  -0.621  13.116  1.00 43.66 ? 295 GLU A OE2 1 
ATOM   927  N N   . LYS A 1 125 ? -1.942  5.629   15.032  1.00 48.72 ? 296 LYS A N   1 
ATOM   928  C CA  . LYS A 1 125 ? -2.778  6.771   15.378  1.00 48.72 ? 296 LYS A CA  1 
ATOM   929  C C   . LYS A 1 125 ? -3.071  7.656   14.167  1.00 48.72 ? 296 LYS A C   1 
ATOM   930  O O   . LYS A 1 125 ? -4.236  7.959   13.886  1.00 59.00 ? 296 LYS A O   1 
ATOM   931  C CB  . LYS A 1 125 ? -2.138  7.590   16.501  1.00 59.00 ? 296 LYS A CB  1 
ATOM   932  C CG  . LYS A 1 125 ? -1.922  6.814   17.800  1.00 59.00 ? 296 LYS A CG  1 
ATOM   933  C CD  . LYS A 1 125 ? -1.745  7.755   18.984  1.00 59.00 ? 296 LYS A CD  1 
ATOM   934  C CE  . LYS A 1 125 ? -1.414  7.002   20.262  1.00 59.00 ? 296 LYS A CE  1 
ATOM   935  N NZ  . LYS A 1 125 ? 0.040   6.641   20.327  1.00 59.00 ? 296 LYS A NZ  1 
ATOM   936  N N   . LYS A 1 126 ? -2.017  8.043   13.440  1.00 50.27 ? 297 LYS A N   1 
ATOM   937  C CA  . LYS A 1 126 ? -2.154  8.895   12.251  1.00 50.27 ? 297 LYS A CA  1 
ATOM   938  C C   . LYS A 1 126 ? -3.094  8.259   11.238  1.00 50.27 ? 297 LYS A C   1 
ATOM   939  O O   . LYS A 1 126 ? -4.001  8.918   10.717  1.00 30.43 ? 297 LYS A O   1 
ATOM   940  C CB  . LYS A 1 126 ? -0.800  9.168   11.615  1.00 30.43 ? 297 LYS A CB  1 
ATOM   941  N N   . ILE A 1 127 ? -2.887  6.977   10.968  1.00 22.28 ? 298 ILE A N   1 
ATOM   942  C CA  . ILE A 1 127 ? -3.752  6.287   10.039  1.00 22.28 ? 298 ILE A CA  1 
ATOM   943  C C   . ILE A 1 127 ? -5.206  6.428   10.508  1.00 22.28 ? 298 ILE A C   1 
ATOM   944  O O   . ILE A 1 127 ? -6.100  6.713   9.711   1.00 21.88 ? 298 ILE A O   1 
ATOM   945  C CB  . ILE A 1 127 ? -3.349  4.818   9.899   1.00 21.88 ? 298 ILE A CB  1 
ATOM   946  C CG1 . ILE A 1 127 ? -2.011  4.740   9.159   1.00 21.88 ? 298 ILE A CG1 1 
ATOM   947  C CG2 . ILE A 1 127 ? -4.427  4.037   9.161   1.00 21.88 ? 298 ILE A CG2 1 
ATOM   948  C CD1 . ILE A 1 127 ? -1.486  3.340   8.969   1.00 21.88 ? 298 ILE A CD1 1 
ATOM   949  N N   . LYS A 1 128 ? -5.435  6.318   11.811  1.00 43.25 ? 299 LYS A N   1 
ATOM   950  C CA  . LYS A 1 128 ? -6.789  6.447   12.318  1.00 43.25 ? 299 LYS A CA  1 
ATOM   951  C C   . LYS A 1 128 ? -7.313  7.856   12.051  1.00 43.25 ? 299 LYS A C   1 
ATOM   952  O O   . LYS A 1 128 ? -8.445  8.017   11.590  1.00 58.06 ? 299 LYS A O   1 
ATOM   953  C CB  . LYS A 1 128 ? -6.847  6.134   13.809  1.00 58.06 ? 299 LYS A CB  1 
ATOM   954  C CG  . LYS A 1 128 ? -8.263  5.994   14.339  1.00 58.06 ? 299 LYS A CG  1 
ATOM   955  C CD  . LYS A 1 128 ? -8.275  5.491   15.775  1.00 58.06 ? 299 LYS A CD  1 
ATOM   956  N N   . GLU A 1 129 ? -6.480  8.868   12.302  1.00 42.22 ? 300 GLU A N   1 
ATOM   957  C CA  . GLU A 1 129 ? -6.875  10.262  12.086  1.00 42.22 ? 300 GLU A CA  1 
ATOM   958  C C   . GLU A 1 129 ? -7.467  10.423  10.698  1.00 42.22 ? 300 GLU A C   1 
ATOM   959  O O   . GLU A 1 129 ? -8.628  10.792  10.545  1.00 65.00 ? 300 GLU A O   1 
ATOM   960  C CB  . GLU A 1 129 ? -5.677  11.208  12.223  1.00 65.00 ? 300 GLU A CB  1 
ATOM   961  C CG  . GLU A 1 129 ? -5.401  11.726  13.635  1.00 65.00 ? 300 GLU A CG  1 
ATOM   962  C CD  . GLU A 1 129 ? -4.202  12.679  13.701  1.00 65.00 ? 300 GLU A CD  1 
ATOM   963  O OE1 . GLU A 1 129 ? -4.004  13.470  12.751  1.00 65.00 ? 300 GLU A OE1 1 
ATOM   964  O OE2 . GLU A 1 129 ? -3.454  12.639  14.706  1.00 65.00 ? 300 GLU A OE2 1 
ATOM   965  N N   . LEU A 1 130 ? -6.664  10.096  9.693   1.00 35.23 ? 301 LEU A N   1 
ATOM   966  C CA  . LEU A 1 130 ? -7.070  10.206  8.303   1.00 35.23 ? 301 LEU A CA  1 
ATOM   967  C C   . LEU A 1 130 ? -8.292  9.346   8.021   1.00 35.23 ? 301 LEU A C   1 
ATOM   968  O O   . LEU A 1 130 ? -9.226  9.787   7.353   1.00 43.45 ? 301 LEU A O   1 
ATOM   969  C CB  . LEU A 1 130 ? -5.909  9.813   7.388   1.00 43.45 ? 301 LEU A CB  1 
ATOM   970  C CG  . LEU A 1 130 ? -4.587  10.483  7.776   1.00 43.45 ? 301 LEU A CG  1 
ATOM   971  C CD1 . LEU A 1 130 ? -3.480  10.090  6.831   1.00 43.45 ? 301 LEU A CD1 1 
ATOM   972  C CD2 . LEU A 1 130 ? -4.759  11.983  7.790   1.00 43.45 ? 301 LEU A CD2 1 
ATOM   973  N N   . ALA A 1 131 ? -8.316  8.133   8.560   1.00 47.99 ? 302 ALA A N   1 
ATOM   974  C CA  . ALA A 1 131 ? -9.450  7.240   8.347   1.00 47.99 ? 302 ALA A CA  1 
ATOM   975  C C   . ALA A 1 131 ? -10.721 7.879   8.902   1.00 47.99 ? 302 ALA A C   1 
ATOM   976  O O   . ALA A 1 131 ? -11.807 7.756   8.320   1.00 59.35 ? 302 ALA A O   1 
ATOM   977  C CB  . ALA A 1 131 ? -9.198  5.900   9.015   1.00 59.35 ? 302 ALA A CB  1 
ATOM   978  N N   . VAL A 1 132 ? -10.565 8.578   10.023  1.00 65.00 ? 303 VAL A N   1 
ATOM   979  C CA  . VAL A 1 132 ? -11.671 9.256   10.686  1.00 65.00 ? 303 VAL A CA  1 
ATOM   980  C C   . VAL A 1 132 ? -12.078 10.516  9.902   1.00 65.00 ? 303 VAL A C   1 
ATOM   981  O O   . VAL A 1 132 ? -13.266 10.720  9.640   1.00 65.00 ? 303 VAL A O   1 
ATOM   982  C CB  . VAL A 1 132 ? -11.326 9.550   12.183  1.00 65.00 ? 303 VAL A CB  1 
ATOM   983  C CG1 . VAL A 1 132 ? -11.369 11.042  12.497  1.00 65.00 ? 303 VAL A CG1 1 
ATOM   984  C CG2 . VAL A 1 132 ? -12.273 8.781   13.089  1.00 65.00 ? 303 VAL A CG2 1 
ATOM   985  N N   . LYS A 1 133 ? -11.095 11.304  9.458   1.00 53.51 ? 304 LYS A N   1 
ATOM   986  C CA  . LYS A 1 133 ? -11.357 12.513  8.670   1.00 53.51 ? 304 LYS A CA  1 
ATOM   987  C C   . LYS A 1 133 ? -12.120 12.147  7.390   1.00 53.51 ? 304 LYS A C   1 
ATOM   988  O O   . LYS A 1 133 ? -12.593 13.028  6.671   1.00 60.88 ? 304 LYS A O   1 
ATOM   989  C CB  . LYS A 1 133 ? -10.053 13.216  8.310   1.00 60.88 ? 304 LYS A CB  1 
ATOM   990  C CG  . LYS A 1 133 ? -9.506  14.134  9.379   1.00 60.88 ? 304 LYS A CG  1 
ATOM   991  C CD  . LYS A 1 133 ? -8.342  14.936  8.805   1.00 60.88 ? 304 LYS A CD  1 
ATOM   992  C CE  . LYS A 1 133 ? -7.908  16.082  9.713   1.00 60.88 ? 304 LYS A CE  1 
ATOM   993  N NZ  . LYS A 1 133 ? -6.839  16.929  9.083   1.00 60.88 ? 304 LYS A NZ  1 
ATOM   994  N N   . GLY A 1 134 ? -12.171 10.844  7.098   1.00 49.81 ? 305 GLY A N   1 
ATOM   995  C CA  . GLY A 1 134 ? -12.895 10.316  5.954   1.00 49.81 ? 305 GLY A CA  1 
ATOM   996  C C   . GLY A 1 134 ? -14.318 10.047  6.410   1.00 49.81 ? 305 GLY A C   1 
ATOM   997  O O   . GLY A 1 134 ? -15.261 10.225  5.643   1.00 44.19 ? 305 GLY A O   1 
ATOM   998  N N   . ASP A 1 136 ? -16.002 11.764  8.027   1.00 65.00 ? 307 ASP A N   1 
ATOM   999  C CA  . ASP A 1 136 ? -16.320 13.133  8.398   1.00 65.00 ? 307 ASP A CA  1 
ATOM   1000 C C   . ASP A 1 136 ? -16.357 13.975  7.120   1.00 65.00 ? 307 ASP A C   1 
ATOM   1001 O O   . ASP A 1 136 ? -17.353 14.647  6.843   1.00 65.00 ? 307 ASP A O   1 
ATOM   1002 C CB  . ASP A 1 136 ? -15.280 13.677  9.372   1.00 65.00 ? 307 ASP A CB  1 
ATOM   1003 N N   . GLY A 1 137 ? -15.284 13.904  6.333   1.00 65.00 ? 308 GLY A N   1 
ATOM   1004 C CA  . GLY A 1 137 ? -15.209 14.645  5.083   1.00 65.00 ? 308 GLY A CA  1 
ATOM   1005 C C   . GLY A 1 137 ? -14.459 15.942  5.294   1.00 65.00 ? 308 GLY A C   1 
ATOM   1006 O O   . GLY A 1 137 ? -14.655 16.918  4.573   1.00 65.00 ? 308 GLY A O   1 
ATOM   1007 N N   . LYS A 1 138 ? -13.534 15.913  6.246   1.00 53.44 ? 309 LYS A N   1 
ATOM   1008 C CA  . LYS A 1 138 ? -12.750 17.084  6.600   1.00 53.44 ? 309 LYS A CA  1 
ATOM   1009 C C   . LYS A 1 138 ? -11.329 16.960  6.062   1.00 53.44 ? 309 LYS A C   1 
ATOM   1010 O O   . LYS A 1 138 ? -10.385 17.548  6.601   1.00 65.00 ? 309 LYS A O   1 
ATOM   1011 C CB  . LYS A 1 138 ? -12.771 17.226  8.118   1.00 65.00 ? 309 LYS A CB  1 
ATOM   1012 C CG  . LYS A 1 138 ? -14.202 17.275  8.644   1.00 65.00 ? 309 LYS A CG  1 
ATOM   1013 C CD  . LYS A 1 138 ? -14.298 16.981  10.124  1.00 65.00 ? 309 LYS A CD  1 
ATOM   1014 C CE  . LYS A 1 138 ? -13.308 17.809  10.920  1.00 65.00 ? 309 LYS A CE  1 
ATOM   1015 N NZ  . LYS A 1 138 ? -13.318 19.246  10.511  1.00 65.00 ? 309 LYS A NZ  1 
ATOM   1016 N N   . LEU A 1 139 ? -11.193 16.202  4.977   1.00 65.00 ? 310 LEU A N   1 
ATOM   1017 C CA  . LEU A 1 139 ? -9.897  15.985  4.351   1.00 65.00 ? 310 LEU A CA  1 
ATOM   1018 C C   . LEU A 1 139 ? -9.491  17.202  3.510   1.00 65.00 ? 310 LEU A C   1 
ATOM   1019 O O   . LEU A 1 139 ? -10.082 17.489  2.462   1.00 62.34 ? 310 LEU A O   1 
ATOM   1020 C CB  . LEU A 1 139 ? -9.916  14.698  3.512   1.00 62.34 ? 310 LEU A CB  1 
ATOM   1021 C CG  . LEU A 1 139 ? -8.774  13.702  3.765   1.00 62.34 ? 310 LEU A CG  1 
ATOM   1022 C CD1 . LEU A 1 139 ? -8.698  13.321  5.222   1.00 62.34 ? 310 LEU A CD1 1 
ATOM   1023 C CD2 . LEU A 1 139 ? -8.989  12.471  2.926   1.00 62.34 ? 310 LEU A CD2 1 
ATOM   1024 N N   . THR A 1 140 ? -8.490  17.926  4.006   1.00 65.00 ? 311 THR A N   1 
ATOM   1025 C CA  . THR A 1 140 ? -7.980  19.118  3.342   1.00 65.00 ? 311 THR A CA  1 
ATOM   1026 C C   . THR A 1 140 ? -6.961  18.670  2.297   1.00 65.00 ? 311 THR A C   1 
ATOM   1027 O O   . THR A 1 140 ? -6.242  17.695  2.513   1.00 65.00 ? 311 THR A O   1 
ATOM   1028 C CB  . THR A 1 140 ? -7.289  20.032  4.355   1.00 65.00 ? 311 THR A CB  1 
ATOM   1029 O OG1 . THR A 1 140 ? -6.096  19.399  4.828   1.00 65.00 ? 311 THR A OG1 1 
ATOM   1030 C CG2 . THR A 1 140 ? -8.198  20.268  5.541   1.00 65.00 ? 311 THR A CG2 1 
ATOM   1031 N N   . VAL A 1 141 ? -6.863  19.393  1.187   1.00 65.00 ? 312 VAL A N   1 
ATOM   1032 C CA  . VAL A 1 141 ? -5.917  19.007  0.142   1.00 65.00 ? 312 VAL A CA  1 
ATOM   1033 C C   . VAL A 1 141 ? -4.467  19.081  0.611   1.00 65.00 ? 312 VAL A C   1 
ATOM   1034 O O   . VAL A 1 141 ? -3.580  18.542  -0.045  1.00 65.00 ? 312 VAL A O   1 
ATOM   1035 C CB  . VAL A 1 141 ? -6.126  19.813  -1.174  1.00 65.00 ? 312 VAL A CB  1 
ATOM   1036 C CG1 . VAL A 1 141 ? -5.699  21.260  -0.996  1.00 65.00 ? 312 VAL A CG1 1 
ATOM   1037 C CG2 . VAL A 1 141 ? -5.379  19.147  -2.332  1.00 65.00 ? 312 VAL A CG2 1 
ATOM   1038 N N   . GLU A 1 142 ? -4.226  19.706  1.760   1.00 56.06 ? 313 GLU A N   1 
ATOM   1039 C CA  . GLU A 1 142 ? -2.872  19.758  2.276   1.00 56.06 ? 313 GLU A CA  1 
ATOM   1040 C C   . GLU A 1 142 ? -2.549  18.329  2.774   1.00 56.06 ? 313 GLU A C   1 
ATOM   1041 O O   . GLU A 1 142 ? -1.382  17.952  2.912   1.00 65.00 ? 313 GLU A O   1 
ATOM   1042 N N   . ASP A 1 143 ? -3.599  17.521  2.951   1.00 58.54 ? 314 ASP A N   1 
ATOM   1043 C CA  . ASP A 1 143 ? -3.477  16.128  3.394   1.00 58.54 ? 314 ASP A CA  1 
ATOM   1044 C C   . ASP A 1 143 ? -3.410  15.206  2.178   1.00 58.54 ? 314 ASP A C   1 
ATOM   1045 O O   . ASP A 1 143 ? -2.701  14.199  2.184   1.00 65.00 ? 314 ASP A O   1 
ATOM   1046 C CB  . ASP A 1 143 ? -4.699  15.704  4.227   1.00 65.00 ? 314 ASP A CB  1 
ATOM   1047 C CG  . ASP A 1 143 ? -4.981  16.628  5.407   1.00 65.00 ? 314 ASP A CG  1 
ATOM   1048 O OD1 . ASP A 1 143 ? -4.027  17.159  6.019   1.00 65.00 ? 314 ASP A OD1 1 
ATOM   1049 O OD2 . ASP A 1 143 ? -6.176  16.806  5.734   1.00 65.00 ? 314 ASP A OD2 1 
ATOM   1050 N N   . LEU A 1 144 ? -4.180  15.552  1.150   1.00 41.82 ? 315 LEU A N   1 
ATOM   1051 C CA  . LEU A 1 144 ? -4.277  14.768  -0.078  1.00 41.82 ? 315 LEU A CA  1 
ATOM   1052 C C   . LEU A 1 144 ? -3.179  14.977  -1.112  1.00 41.82 ? 315 LEU A C   1 
ATOM   1053 O O   . LEU A 1 144 ? -3.265  14.432  -2.216  1.00 55.18 ? 315 LEU A O   1 
ATOM   1054 C CB  . LEU A 1 144 ? -5.628  15.006  -0.773  1.00 55.18 ? 315 LEU A CB  1 
ATOM   1055 C CG  . LEU A 1 144 ? -6.936  14.443  -0.214  1.00 55.18 ? 315 LEU A CG  1 
ATOM   1056 C CD1 . LEU A 1 144 ? -6.778  12.967  0.074   1.00 55.18 ? 315 LEU A CD1 1 
ATOM   1057 C CD2 . LEU A 1 144 ? -7.348  15.183  1.031   1.00 55.18 ? 315 LEU A CD2 1 
ATOM   1058 N N   . THR A 1 145 ? -2.161  15.761  -0.794  1.00 42.65 ? 316 THR A N   1 
ATOM   1059 C CA  . THR A 1 145 ? -1.114  15.992  -1.783  1.00 42.65 ? 316 THR A CA  1 
ATOM   1060 C C   . THR A 1 145 ? 0.200   15.348  -1.442  1.00 42.65 ? 316 THR A C   1 
ATOM   1061 O O   . THR A 1 145 ? 0.530   15.156  -0.272  1.00 65.00 ? 316 THR A O   1 
ATOM   1062 C CB  . THR A 1 145 ? -0.861  17.493  -2.011  1.00 65.00 ? 316 THR A CB  1 
ATOM   1063 O OG1 . THR A 1 145 ? -0.598  18.136  -0.755  1.00 65.00 ? 316 THR A OG1 1 
ATOM   1064 C CG2 . THR A 1 145 ? -2.052  18.135  -2.698  1.00 65.00 ? 316 THR A CG2 1 
ATOM   1065 N N   . GLY A 1 146 ? 0.990   15.099  -2.473  1.00 58.43 ? 317 GLY A N   1 
ATOM   1066 C CA  . GLY A 1 146 ? 2.284   14.489  -2.261  1.00 58.43 ? 317 GLY A CA  1 
ATOM   1067 C C   . GLY A 1 146 ? 2.231   12.977  -2.278  1.00 58.43 ? 317 GLY A C   1 
ATOM   1068 O O   . GLY A 1 146 ? 1.411   12.382  -2.985  1.00 48.16 ? 317 GLY A O   1 
ATOM   1069 N N   . GLY A 1 147 ? 3.071   12.356  -1.459  1.00 47.91 ? 318 GLY A N   1 
ATOM   1070 C CA  . GLY A 1 147 ? 3.126   10.910  -1.421  1.00 47.91 ? 318 GLY A CA  1 
ATOM   1071 C C   . GLY A 1 147 ? 4.098   10.432  -2.485  1.00 47.91 ? 318 GLY A C   1 
ATOM   1072 O O   . GLY A 1 147 ? 4.099   10.942  -3.602  1.00 39.90 ? 318 GLY A O   1 
ATOM   1073 N N   . ASN A 1 148 ? 4.979   9.513   -2.108  1.00 27.61 ? 319 ASN A N   1 
ATOM   1074 C CA  . ASN A 1 148 ? 5.979   8.957   -3.019  1.00 27.61 ? 319 ASN A CA  1 
ATOM   1075 C C   . ASN A 1 148 ? 5.555   7.604   -3.559  1.00 27.61 ? 319 ASN A C   1 
ATOM   1076 O O   . ASN A 1 148 ? 5.921   7.210   -4.664  1.00 52.96 ? 319 ASN A O   1 
ATOM   1077 C CB  . ASN A 1 148 ? 7.291   8.759   -2.268  1.00 52.96 ? 319 ASN A CB  1 
ATOM   1078 C CG  . ASN A 1 148 ? 7.925   10.056  -1.824  1.00 52.96 ? 319 ASN A CG  1 
ATOM   1079 O OD1 . ASN A 1 148 ? 8.827   10.049  -0.992  1.00 52.96 ? 319 ASN A OD1 1 
ATOM   1080 N ND2 . ASN A 1 148 ? 7.496   11.172  -2.407  1.00 52.96 ? 319 ASN A ND2 1 
ATOM   1081 N N   . PHE A 1 149 ? 4.812   6.888   -2.728  1.00 16.16 ? 320 PHE A N   1 
ATOM   1082 C CA  . PHE A 1 149 ? 4.327   5.547   -3.008  1.00 16.16 ? 320 PHE A CA  1 
ATOM   1083 C C   . PHE A 1 149 ? 2.905   5.453   -2.442  1.00 16.16 ? 320 PHE A C   1 
ATOM   1084 O O   . PHE A 1 149 ? 2.508   6.253   -1.591  1.00 20.41 ? 320 PHE A O   1 
ATOM   1085 C CB  . PHE A 1 149 ? 5.255   4.562   -2.290  1.00 20.41 ? 320 PHE A CB  1 
ATOM   1086 C CG  . PHE A 1 149 ? 4.911   3.122   -2.491  1.00 20.41 ? 320 PHE A CG  1 
ATOM   1087 C CD1 . PHE A 1 149 ? 5.430   2.416   -3.572  1.00 20.41 ? 320 PHE A CD1 1 
ATOM   1088 C CD2 . PHE A 1 149 ? 4.088   2.453   -1.582  1.00 20.41 ? 320 PHE A CD2 1 
ATOM   1089 C CE1 . PHE A 1 149 ? 5.150   1.067   -3.737  1.00 20.41 ? 320 PHE A CE1 1 
ATOM   1090 C CE2 . PHE A 1 149 ? 3.804   1.104   -1.736  1.00 20.41 ? 320 PHE A CE2 1 
ATOM   1091 C CZ  . PHE A 1 149 ? 4.328   0.409   -2.821  1.00 20.41 ? 320 PHE A CZ  1 
ATOM   1092 N N   . THR A 1 150 ? 2.131   4.493   -2.926  1.00 22.75 ? 321 THR A N   1 
ATOM   1093 C CA  . THR A 1 150 ? 0.771   4.307   -2.431  1.00 22.75 ? 321 THR A CA  1 
ATOM   1094 C C   . THR A 1 150 ? 0.532   2.840   -2.049  1.00 22.75 ? 321 THR A C   1 
ATOM   1095 O O   . THR A 1 150 ? 1.080   1.938   -2.684  1.00 23.77 ? 321 THR A O   1 
ATOM   1096 C CB  . THR A 1 150 ? -0.258  4.737   -3.497  1.00 23.77 ? 321 THR A CB  1 
ATOM   1097 O OG1 . THR A 1 150 ? -0.147  6.145   -3.723  1.00 23.77 ? 321 THR A OG1 1 
ATOM   1098 C CG2 . THR A 1 150 ? -1.672  4.429   -3.054  1.00 23.77 ? 321 THR A CG2 1 
ATOM   1099 N N   . ILE A 1 151 ? -0.230  2.620   -0.978  1.00 19.86 ? 322 ILE A N   1 
ATOM   1100 C CA  . ILE A 1 151 ? -0.603  1.280   -0.499  1.00 19.86 ? 322 ILE A CA  1 
ATOM   1101 C C   . ILE A 1 151 ? -2.120  1.288   -0.518  1.00 19.86 ? 322 ILE A C   1 
ATOM   1102 O O   . ILE A 1 151 ? -2.745  2.136   0.112   1.00 11.19 ? 322 ILE A O   1 
ATOM   1103 C CB  . ILE A 1 151 ? -0.163  1.041   0.952   1.00 11.19 ? 322 ILE A CB  1 
ATOM   1104 C CG1 . ILE A 1 151 ? 1.342   1.201   1.078   1.00 11.19 ? 322 ILE A CG1 1 
ATOM   1105 C CG2 . ILE A 1 151 ? -0.542  -0.358  1.398   1.00 11.19 ? 322 ILE A CG2 1 
ATOM   1106 C CD1 . ILE A 1 151 ? 1.815   1.058   2.473   1.00 11.19 ? 322 ILE A CD1 1 
ATOM   1107 N N   . THR A 1 152 ? -2.720  0.356   -1.235  1.00 10.35 ? 323 THR A N   1 
ATOM   1108 C CA  . THR A 1 152 ? -4.160  0.337   -1.328  1.00 10.35 ? 323 THR A CA  1 
ATOM   1109 C C   . THR A 1 152 ? -4.685  -0.987  -0.795  1.00 10.35 ? 323 THR A C   1 
ATOM   1110 O O   . THR A 1 152 ? -4.168  -2.043  -1.136  1.00 32.62 ? 323 THR A O   1 
ATOM   1111 C CB  . THR A 1 152 ? -4.589  0.622   -2.787  1.00 32.62 ? 323 THR A CB  1 
ATOM   1112 O OG1 . THR A 1 152 ? -5.988  0.909   -2.852  1.00 32.62 ? 323 THR A OG1 1 
ATOM   1113 C CG2 . THR A 1 152 ? -4.273  -0.534  -3.677  1.00 32.62 ? 323 THR A CG2 1 
ATOM   1114 N N   . ASN A 1 153 ? -5.590  -0.916  0.173   1.00 45.38 ? 324 ASN A N   1 
ATOM   1115 C CA  . ASN A 1 153 ? -6.179  -2.122  0.745   1.00 45.38 ? 324 ASN A CA  1 
ATOM   1116 C C   . ASN A 1 153 ? -7.439  -2.445  -0.067  1.00 45.38 ? 324 ASN A C   1 
ATOM   1117 O O   . ASN A 1 153 ? -8.105  -1.542  -0.584  1.00 65.00 ? 324 ASN A O   1 
ATOM   1118 C CB  . ASN A 1 153 ? -6.525  -1.922  2.223   1.00 65.00 ? 324 ASN A CB  1 
ATOM   1119 C CG  . ASN A 1 153 ? -6.650  -3.233  2.977   1.00 65.00 ? 324 ASN A CG  1 
ATOM   1120 O OD1 . ASN A 1 153 ? -7.318  -4.170  2.528   1.00 65.00 ? 324 ASN A OD1 1 
ATOM   1121 N ND2 . ASN A 1 153 ? -5.985  -3.314  4.117   1.00 65.00 ? 324 ASN A ND2 1 
ATOM   1122 N N   . GLY A 1 154 ? -7.785  -3.726  -0.135  1.00 56.42 ? 325 GLY A N   1 
ATOM   1123 C CA  . GLY A 1 154 ? -8.933  -4.161  -0.909  1.00 56.42 ? 325 GLY A CA  1 
ATOM   1124 C C   . GLY A 1 154 ? -9.470  -5.449  -0.328  1.00 56.42 ? 325 GLY A C   1 
ATOM   1125 O O   . GLY A 1 154 ? -10.573 -5.882  -0.663  1.00 39.63 ? 325 GLY A O   1 
ATOM   1126 N N   . GLY A 1 155 ? -8.701  -6.057  0.571   1.00 62.49 ? 326 GLY A N   1 
ATOM   1127 C CA  . GLY A 1 155 ? -9.144  -7.285  1.196   1.00 62.49 ? 326 GLY A CA  1 
ATOM   1128 C C   . GLY A 1 155 ? -10.467 -7.052  1.888   1.00 62.49 ? 326 GLY A C   1 
ATOM   1129 O O   . GLY A 1 155 ? -11.314 -7.934  1.963   1.00 64.53 ? 326 GLY A O   1 
ATOM   1130 N N   . VAL A 1 156 ? -10.657 -5.818  2.328   1.00 53.93 ? 327 VAL A N   1 
ATOM   1131 C CA  . VAL A 1 156 ? -11.865 -5.404  3.017   1.00 53.93 ? 327 VAL A CA  1 
ATOM   1132 C C   . VAL A 1 156 ? -13.127 -5.793  2.256   1.00 53.93 ? 327 VAL A C   1 
ATOM   1133 O O   . VAL A 1 156 ? -14.185 -6.001  2.853   1.00 58.74 ? 327 VAL A O   1 
ATOM   1134 C CB  . VAL A 1 156 ? -11.859 -3.879  3.235   1.00 58.74 ? 327 VAL A CB  1 
ATOM   1135 C CG1 . VAL A 1 156 ? -10.694 -3.487  4.138   1.00 58.74 ? 327 VAL A CG1 1 
ATOM   1136 C CG2 . VAL A 1 156 ? -11.733 -3.161  1.905   1.00 58.74 ? 327 VAL A CG2 1 
ATOM   1137 N N   . PHE A 1 157 ? -13.008 -5.896  0.938   1.00 31.85 ? 328 PHE A N   1 
ATOM   1138 C CA  . PHE A 1 157 ? -14.150 -6.240  0.108   1.00 31.85 ? 328 PHE A CA  1 
ATOM   1139 C C   . PHE A 1 157 ? -14.215 -7.721  -0.252  1.00 31.85 ? 328 PHE A C   1 
ATOM   1140 O O   . PHE A 1 157 ? -15.239 -8.203  -0.733  1.00 65.00 ? 328 PHE A O   1 
ATOM   1141 C CB  . PHE A 1 157 ? -14.132 -5.410  -1.178  1.00 65.00 ? 328 PHE A CB  1 
ATOM   1142 C CG  . PHE A 1 157 ? -13.878 -3.946  -0.961  1.00 65.00 ? 328 PHE A CG  1 
ATOM   1143 C CD1 . PHE A 1 157 ? -12.840 -3.304  -1.630  1.00 65.00 ? 328 PHE A CD1 1 
ATOM   1144 C CD2 . PHE A 1 157 ? -14.669 -3.205  -0.089  1.00 65.00 ? 328 PHE A CD2 1 
ATOM   1145 C CE1 . PHE A 1 157 ? -12.599 -1.944  -1.447  1.00 65.00 ? 328 PHE A CE1 1 
ATOM   1146 C CE2 . PHE A 1 157 ? -14.435 -1.843  0.102   1.00 65.00 ? 328 PHE A CE2 1 
ATOM   1147 C CZ  . PHE A 1 157 ? -13.396 -1.214  -0.575  1.00 65.00 ? 328 PHE A CZ  1 
ATOM   1148 N N   . GLY A 1 158 ? -13.112 -8.428  -0.049  1.00 21.37 ? 329 GLY A N   1 
ATOM   1149 C CA  . GLY A 1 158 ? -13.050 -9.841  -0.386  1.00 21.37 ? 329 GLY A CA  1 
ATOM   1150 C C   . GLY A 1 158 ? -12.233 -10.040 -1.656  1.00 21.37 ? 329 GLY A C   1 
ATOM   1151 O O   . GLY A 1 158 ? -12.357 -11.046 -2.347  1.00 28.06 ? 329 GLY A O   1 
ATOM   1152 N N   . SER A 1 159 ? -11.375 -9.070  -1.952  1.00 12.41 ? 330 SER A N   1 
ATOM   1153 C CA  . SER A 1 159 ? -10.537 -9.098  -3.129  1.00 12.41 ? 330 SER A CA  1 
ATOM   1154 C C   . SER A 1 159 ? -9.435  -10.161 -3.056  1.00 12.41 ? 330 SER A C   1 
ATOM   1155 O O   . SER A 1 159 ? -8.508  -10.039 -2.252  1.00 36.42 ? 330 SER A O   1 
ATOM   1156 C CB  . SER A 1 159 ? -9.925  -7.710  -3.318  1.00 36.42 ? 330 SER A CB  1 
ATOM   1157 O OG  . SER A 1 159 ? -9.266  -7.595  -4.562  1.00 36.42 ? 330 SER A OG  1 
ATOM   1158 N N   . LEU A 1 160 ? -9.509  -11.174 -3.918  1.00 3.91  ? 331 LEU A N   1 
ATOM   1159 C CA  . LEU A 1 160 ? -8.488  -12.213 -3.931  1.00 3.91  ? 331 LEU A CA  1 
ATOM   1160 C C   . LEU A 1 160 ? -7.143  -11.705 -4.440  1.00 3.91  ? 331 LEU A C   1 
ATOM   1161 O O   . LEU A 1 160 ? -6.107  -11.891 -3.802  1.00 7.88  ? 331 LEU A O   1 
ATOM   1162 C CB  . LEU A 1 160 ? -8.900  -13.383 -4.819  1.00 7.88  ? 331 LEU A CB  1 
ATOM   1163 C CG  . LEU A 1 160 ? -7.879  -14.526 -4.767  1.00 7.88  ? 331 LEU A CG  1 
ATOM   1164 C CD1 . LEU A 1 160 ? -8.009  -15.177 -3.421  1.00 7.88  ? 331 LEU A CD1 1 
ATOM   1165 C CD2 . LEU A 1 160 ? -8.078  -15.563 -5.851  1.00 7.88  ? 331 LEU A CD2 1 
ATOM   1166 N N   . MET A 1 161 ? -7.167  -11.109 -5.628  1.00 16.96 ? 332 MET A N   1 
ATOM   1167 C CA  . MET A 1 161 ? -5.983  -10.593 -6.311  1.00 16.96 ? 332 MET A CA  1 
ATOM   1168 C C   . MET A 1 161 ? -6.465  -9.637  -7.403  1.00 16.96 ? 332 MET A C   1 
ATOM   1169 O O   . MET A 1 161 ? -7.542  -9.826  -7.952  1.00 32.98 ? 332 MET A O   1 
ATOM   1170 C CB  . MET A 1 161 ? -5.225  -11.751 -6.928  1.00 32.98 ? 332 MET A CB  1 
ATOM   1171 C CG  . MET A 1 161 ? -4.005  -11.334 -7.657  1.00 32.98 ? 332 MET A CG  1 
ATOM   1172 S SD  . MET A 1 161 ? -3.170  -12.740 -8.378  1.00 32.98 ? 332 MET A SD  1 
ATOM   1173 C CE  . MET A 1 161 ? -4.574  -13.714 -8.967  1.00 32.98 ? 332 MET A CE  1 
ATOM   1174 N N   . SER A 1 162 ? -5.668  -8.623  -7.730  1.00 14.64 ? 333 SER A N   1 
ATOM   1175 C CA  . SER A 1 162 ? -6.059  -7.634  -8.745  1.00 14.64 ? 333 SER A CA  1 
ATOM   1176 C C   . SER A 1 162 ? -4.900  -6.759  -9.224  1.00 14.64 ? 333 SER A C   1 
ATOM   1177 O O   . SER A 1 162 ? -3.796  -6.826  -8.681  1.00 37.01 ? 333 SER A O   1 
ATOM   1178 C CB  . SER A 1 162 ? -7.104  -6.720  -8.147  1.00 37.01 ? 333 SER A CB  1 
ATOM   1179 O OG  . SER A 1 162 ? -6.575  -6.152  -6.956  1.00 37.01 ? 333 SER A OG  1 
ATOM   1180 N N   . THR A 1 163 ? -5.179  -5.898  -10.201 1.00 14.85 ? 334 THR A N   1 
ATOM   1181 C CA  . THR A 1 163 ? -4.180  -4.972  -10.769 1.00 14.85 ? 334 THR A CA  1 
ATOM   1182 C C   . THR A 1 163 ? -4.454  -3.509  -10.376 1.00 14.85 ? 334 THR A C   1 
ATOM   1183 O O   . THR A 1 163 ? -5.384  -2.881  -10.888 1.00 20.65 ? 334 THR A O   1 
ATOM   1184 C CB  . THR A 1 163 ? -4.131  -5.061  -12.320 1.00 20.65 ? 334 THR A CB  1 
ATOM   1185 O OG1 . THR A 1 163 ? -5.455  -4.933  -12.840 1.00 20.65 ? 334 THR A OG1 1 
ATOM   1186 C CG2 . THR A 1 163 ? -3.554  -6.399  -12.790 1.00 20.65 ? 334 THR A CG2 1 
ATOM   1187 N N   . PRO A 1 164 ? -3.662  -2.955  -9.443  1.00 24.45 ? 335 PRO A N   1 
ATOM   1188 C CA  . PRO A 1 164 ? -3.859  -1.569  -9.013  1.00 24.45 ? 335 PRO A CA  1 
ATOM   1189 C C   . PRO A 1 164 ? -3.349  -0.644  -10.088 1.00 24.45 ? 335 PRO A C   1 
ATOM   1190 O O   . PRO A 1 164 ? -2.432  -0.999  -10.833 1.00 20.37 ? 335 PRO A O   1 
ATOM   1191 C CB  . PRO A 1 164 ? -2.969  -1.452  -7.776  1.00 20.37 ? 335 PRO A CB  1 
ATOM   1192 C CG  . PRO A 1 164 ? -2.713  -2.855  -7.366  1.00 20.37 ? 335 PRO A CG  1 
ATOM   1193 C CD  . PRO A 1 164 ? -2.573  -3.572  -8.673  1.00 20.37 ? 335 PRO A CD  1 
ATOM   1194 N N   . ILE A 1 165 ? -3.927  0.549   -10.144 1.00 21.36 ? 336 ILE A N   1 
ATOM   1195 C CA  . ILE A 1 165 ? -3.524  1.543   -11.124 1.00 21.36 ? 336 ILE A CA  1 
ATOM   1196 C C   . ILE A 1 165 ? -2.555  2.513   -10.437 1.00 21.36 ? 336 ILE A C   1 
ATOM   1197 O O   . ILE A 1 165 ? -2.722  2.834   -9.264  1.00 24.96 ? 336 ILE A O   1 
ATOM   1198 C CB  . ILE A 1 165 ? -4.765  2.243   -11.721 1.00 24.96 ? 336 ILE A CB  1 
ATOM   1199 C CG1 . ILE A 1 165 ? -4.378  3.032   -12.967 1.00 24.96 ? 336 ILE A CG1 1 
ATOM   1200 C CG2 . ILE A 1 165 ? -5.440  3.121   -10.687 1.00 24.96 ? 336 ILE A CG2 1 
ATOM   1201 C CD1 . ILE A 1 165 ? -5.576  3.538   -13.754 1.00 24.96 ? 336 ILE A CD1 1 
ATOM   1202 N N   . ILE A 1 166 ? -1.494  2.907   -11.137 1.00 24.66 ? 337 ILE A N   1 
ATOM   1203 C CA  . ILE A 1 166 ? -0.509  3.806   -10.546 1.00 24.66 ? 337 ILE A CA  1 
ATOM   1204 C C   . ILE A 1 166 ? -1.151  5.148   -10.313 1.00 24.66 ? 337 ILE A C   1 
ATOM   1205 O O   . ILE A 1 166 ? -2.109  5.501   -10.995 1.00 38.71 ? 337 ILE A O   1 
ATOM   1206 C CB  . ILE A 1 166 ? 0.697   4.075   -11.450 1.00 38.71 ? 337 ILE A CB  1 
ATOM   1207 C CG1 . ILE A 1 166 ? 1.004   2.893   -12.347 1.00 38.71 ? 337 ILE A CG1 1 
ATOM   1208 C CG2 . ILE A 1 166 ? 1.917   4.305   -10.610 1.00 38.71 ? 337 ILE A CG2 1 
ATOM   1209 C CD1 . ILE A 1 166 ? 2.171   3.167   -13.257 1.00 38.71 ? 337 ILE A CD1 1 
ATOM   1210 N N   . ASN A 1 167 ? -0.594  5.906   -9.373  1.00 31.44 ? 338 ASN A N   1 
ATOM   1211 C CA  . ASN A 1 167 ? -1.084  7.247   -9.037  1.00 31.44 ? 338 ASN A CA  1 
ATOM   1212 C C   . ASN A 1 167 ? 0.007   8.265   -9.388  1.00 31.44 ? 338 ASN A C   1 
ATOM   1213 O O   . ASN A 1 167 ? 0.816   8.630   -8.533  1.00 65.00 ? 338 ASN A O   1 
ATOM   1214 C CB  . ASN A 1 167 ? -1.420  7.305   -7.542  1.00 65.00 ? 338 ASN A CB  1 
ATOM   1215 C CG  . ASN A 1 167 ? -2.088  8.611   -7.120  1.00 65.00 ? 338 ASN A CG  1 
ATOM   1216 O OD1 . ASN A 1 167 ? -2.519  8.737   -5.969  1.00 65.00 ? 338 ASN A OD1 1 
ATOM   1217 N ND2 . ASN A 1 167 ? -2.149  9.593   -8.025  1.00 65.00 ? 338 ASN A ND2 1 
ATOM   1218 N N   . PRO A 1 168 ? 0.055   8.732   -10.652 1.00 47.53 ? 339 PRO A N   1 
ATOM   1219 C CA  . PRO A 1 168 ? 1.077   9.703   -11.048 1.00 47.53 ? 339 PRO A CA  1 
ATOM   1220 C C   . PRO A 1 168 ? 0.969   10.961  -10.209 1.00 47.53 ? 339 PRO A C   1 
ATOM   1221 O O   . PRO A 1 168 ? -0.122  11.351  -9.799  1.00 37.40 ? 339 PRO A O   1 
ATOM   1222 C CB  . PRO A 1 168 ? 0.753   9.977   -12.511 1.00 37.40 ? 339 PRO A CB  1 
ATOM   1223 C CG  . PRO A 1 168 ? 0.151   8.706   -12.959 1.00 37.40 ? 339 PRO A CG  1 
ATOM   1224 C CD  . PRO A 1 168 ? -0.792  8.406   -11.814 1.00 37.40 ? 339 PRO A CD  1 
ATOM   1225 N N   . PRO A 1 169 ? 2.088   11.638  -9.994  1.00 25.50 ? 340 PRO A N   1 
ATOM   1226 C CA  . PRO A 1 169 ? 3.452   11.352  -10.449 1.00 25.50 ? 340 PRO A CA  1 
ATOM   1227 C C   . PRO A 1 169 ? 4.212   10.192  -9.799  1.00 25.50 ? 340 PRO A C   1 
ATOM   1228 O O   . PRO A 1 169 ? 5.412   10.056  -10.033 1.00 31.78 ? 340 PRO A O   1 
ATOM   1229 C CB  . PRO A 1 169 ? 4.168   12.653  -10.147 1.00 31.78 ? 340 PRO A CB  1 
ATOM   1230 C CG  . PRO A 1 169 ? 3.515   13.060  -8.854  1.00 31.78 ? 340 PRO A CG  1 
ATOM   1231 C CD  . PRO A 1 169 ? 2.062   12.873  -9.188  1.00 31.78 ? 340 PRO A CD  1 
ATOM   1232 N N   . GLN A 1 170 ? 3.541   9.402   -8.959  1.00 9.47  ? 341 GLN A N   1 
ATOM   1233 C CA  . GLN A 1 170 ? 4.177   8.274   -8.280  1.00 9.47  ? 341 GLN A CA  1 
ATOM   1234 C C   . GLN A 1 170 ? 4.558   7.168   -9.287  1.00 9.47  ? 341 GLN A C   1 
ATOM   1235 O O   . GLN A 1 170 ? 3.958   7.065   -10.361 1.00 26.00 ? 341 GLN A O   1 
ATOM   1236 C CB  . GLN A 1 170 ? 3.252   7.747   -7.181  1.00 26.00 ? 341 GLN A CB  1 
ATOM   1237 C CG  . GLN A 1 170 ? 2.830   8.813   -6.187  1.00 26.00 ? 341 GLN A CG  1 
ATOM   1238 C CD  . GLN A 1 170 ? 2.030   8.274   -5.022  1.00 26.00 ? 341 GLN A CD  1 
ATOM   1239 O OE1 . GLN A 1 170 ? 2.166   7.120   -4.645  1.00 26.00 ? 341 GLN A OE1 1 
ATOM   1240 N NE2 . GLN A 1 170 ? 1.197   9.116   -4.440  1.00 26.00 ? 341 GLN A NE2 1 
ATOM   1241 N N   . SER A 1 171 ? 5.553   6.351   -8.938  1.00 32.06 ? 342 SER A N   1 
ATOM   1242 C CA  . SER A 1 171 ? 6.042   5.292   -9.816  1.00 32.06 ? 342 SER A CA  1 
ATOM   1243 C C   . SER A 1 171 ? 5.544   3.875   -9.600  1.00 32.06 ? 342 SER A C   1 
ATOM   1244 O O   . SER A 1 171 ? 5.760   3.014   -10.450 1.00 39.15 ? 342 SER A O   1 
ATOM   1245 C CB  . SER A 1 171 ? 7.560   5.277   -9.794  1.00 39.15 ? 342 SER A CB  1 
ATOM   1246 O OG  . SER A 1 171 ? 8.050   6.472   -10.352 1.00 39.15 ? 342 SER A OG  1 
ATOM   1247 N N   . ALA A 1 172 ? 4.926   3.608   -8.459  1.00 9.62  ? 343 ALA A N   1 
ATOM   1248 C CA  . ALA A 1 172 ? 4.423   2.272   -8.190  1.00 9.62  ? 343 ALA A CA  1 
ATOM   1249 C C   . ALA A 1 172 ? 3.292   2.330   -7.188  1.00 9.62  ? 343 ALA A C   1 
ATOM   1250 O O   . ALA A 1 172 ? 2.994   3.398   -6.635  1.00 18.34 ? 343 ALA A O   1 
ATOM   1251 C CB  . ALA A 1 172 ? 5.538   1.386   -7.676  1.00 18.34 ? 343 ALA A CB  1 
ATOM   1252 N N   . ILE A 1 173 ? 2.650   1.186   -6.971  1.00 15.35 ? 344 ILE A N   1 
ATOM   1253 C CA  . ILE A 1 173 ? 1.547   1.079   -6.029  1.00 15.35 ? 344 ILE A CA  1 
ATOM   1254 C C   . ILE A 1 173 ? 1.472   -0.376  -5.546  1.00 15.35 ? 344 ILE A C   1 
ATOM   1255 O O   . ILE A 1 173 ? 1.709   -1.311  -6.331  1.00 14.33 ? 344 ILE A O   1 
ATOM   1256 C CB  . ILE A 1 173 ? 0.218   1.536   -6.663  1.00 14.33 ? 344 ILE A CB  1 
ATOM   1257 C CG1 . ILE A 1 173 ? -0.906  1.449   -5.638  1.00 14.33 ? 344 ILE A CG1 1 
ATOM   1258 C CG2 . ILE A 1 173 ? -0.096  0.717   -7.880  1.00 14.33 ? 344 ILE A CG2 1 
ATOM   1259 C CD1 . ILE A 1 173 ? -2.228  2.033   -6.096  1.00 14.33 ? 344 ILE A CD1 1 
ATOM   1260 N N   . LEU A 1 174 ? 1.266   -0.557  -4.241  1.00 9.61  ? 345 LEU A N   1 
ATOM   1261 C CA  . LEU A 1 174 ? 1.179   -1.875  -3.622  1.00 9.61  ? 345 LEU A CA  1 
ATOM   1262 C C   . LEU A 1 174 ? -0.261  -2.121  -3.214  1.00 9.61  ? 345 LEU A C   1 
ATOM   1263 O O   . LEU A 1 174 ? -0.847  -1.327  -2.451  1.00 14.64 ? 345 LEU A O   1 
ATOM   1264 C CB  . LEU A 1 174 ? 2.064   -1.928  -2.381  1.00 14.64 ? 345 LEU A CB  1 
ATOM   1265 C CG  . LEU A 1 174 ? 2.016   -3.169  -1.492  1.00 14.64 ? 345 LEU A CG  1 
ATOM   1266 C CD1 . LEU A 1 174 ? 2.772   -4.312  -2.127  1.00 14.64 ? 345 LEU A CD1 1 
ATOM   1267 C CD2 . LEU A 1 174 ? 2.644   -2.848  -0.152  1.00 14.64 ? 345 LEU A CD2 1 
ATOM   1268 N N   . GLY A 1 175 ? -0.830  -3.212  -3.723  1.00 15.07 ? 346 GLY A N   1 
ATOM   1269 C CA  . GLY A 1 175 ? -2.205  -3.552  -3.415  1.00 15.07 ? 346 GLY A CA  1 
ATOM   1270 C C   . GLY A 1 175 ? -2.322  -4.789  -2.541  1.00 15.07 ? 346 GLY A C   1 
ATOM   1271 O O   . GLY A 1 175 ? -1.883  -5.876  -2.926  1.00 19.59 ? 346 GLY A O   1 
ATOM   1272 N N   . MET A 1 176 ? -2.898  -4.612  -1.354  1.00 14.01 ? 347 MET A N   1 
ATOM   1273 C CA  . MET A 1 176 ? -3.126  -5.688  -0.397  1.00 14.01 ? 347 MET A CA  1 
ATOM   1274 C C   . MET A 1 176 ? -4.416  -6.383  -0.829  1.00 14.01 ? 347 MET A C   1 
ATOM   1275 O O   . MET A 1 176 ? -5.212  -5.808  -1.582  1.00 29.88 ? 347 MET A O   1 
ATOM   1276 C CB  . MET A 1 176 ? -3.366  -5.077  0.974   1.00 29.88 ? 347 MET A CB  1 
ATOM   1277 C CG  . MET A 1 176 ? -2.469  -3.923  1.306   1.00 29.88 ? 347 MET A CG  1 
ATOM   1278 S SD  . MET A 1 176 ? -0.864  -4.557  1.693   1.00 29.88 ? 347 MET A SD  1 
ATOM   1279 C CE  . MET A 1 176 ? -0.150  -4.710  0.159   1.00 29.88 ? 347 MET A CE  1 
ATOM   1280 N N   . HIS A 1 177 ? -4.642  -7.606  -0.369  1.00 10.55 ? 348 HIS A N   1 
ATOM   1281 C CA  . HIS A 1 177 ? -5.874  -8.297  -0.719  1.00 10.55 ? 348 HIS A CA  1 
ATOM   1282 C C   . HIS A 1 177 ? -6.341  -9.079  0.477   1.00 10.55 ? 348 HIS A C   1 
ATOM   1283 O O   . HIS A 1 177 ? -5.752  -8.975  1.549   1.00 15.16 ? 348 HIS A O   1 
ATOM   1284 C CB  . HIS A 1 177 ? -5.692  -9.207  -1.923  1.00 15.16 ? 348 HIS A CB  1 
ATOM   1285 C CG  . HIS A 1 177 ? -5.274  -8.489  -3.161  1.00 15.16 ? 348 HIS A CG  1 
ATOM   1286 N ND1 . HIS A 1 177 ? -3.961  -8.128  -3.401  1.00 15.16 ? 348 HIS A ND1 1 
ATOM   1287 C CD2 . HIS A 1 177 ? -5.979  -8.051  -4.233  1.00 15.16 ? 348 HIS A CD2 1 
ATOM   1288 C CE1 . HIS A 1 177 ? -3.879  -7.503  -4.561  1.00 15.16 ? 348 HIS A CE1 1 
ATOM   1289 N NE2 . HIS A 1 177 ? -5.090  -7.442  -5.086  1.00 15.16 ? 348 HIS A NE2 1 
ATOM   1290 N N   . ALA A 1 178 ? -7.425  -9.822  0.302   1.00 9.60  ? 349 ALA A N   1 
ATOM   1291 C CA  . ALA A 1 178 ? -8.012  -10.614 1.370   1.00 9.60  ? 349 ALA A CA  1 
ATOM   1292 C C   . ALA A 1 178 ? -7.077  -11.702 1.823   1.00 9.60  ? 349 ALA A C   1 
ATOM   1293 O O   . ALA A 1 178 ? -6.335  -12.255 1.020   1.00 13.24 ? 349 ALA A O   1 
ATOM   1294 C CB  . ALA A 1 178 ? -9.314  -11.223 0.901   1.00 13.24 ? 349 ALA A CB  1 
ATOM   1295 N N   . ILE A 1 179 ? -7.093  -11.963 3.125   1.00 13.74 ? 350 ILE A N   1 
ATOM   1296 C CA  . ILE A 1 179 ? -6.272  -13.004 3.719   1.00 13.74 ? 350 ILE A CA  1 
ATOM   1297 C C   . ILE A 1 179 ? -7.151  -14.241 3.730   1.00 13.74 ? 350 ILE A C   1 
ATOM   1298 O O   . ILE A 1 179 ? -8.228  -14.231 4.317   1.00 4.46  ? 350 ILE A O   1 
ATOM   1299 C CB  . ILE A 1 179 ? -5.880  -12.660 5.154   1.00 4.46  ? 350 ILE A CB  1 
ATOM   1300 C CG1 . ILE A 1 179 ? -5.083  -11.362 5.188   1.00 4.46  ? 350 ILE A CG1 1 
ATOM   1301 C CG2 . ILE A 1 179 ? -5.046  -13.773 5.739   1.00 4.46  ? 350 ILE A CG2 1 
ATOM   1302 C CD1 . ILE A 1 179 ? -4.524  -11.047 6.537   1.00 4.46  ? 350 ILE A CD1 1 
ATOM   1303 N N   . LYS A 1 180 ? -6.727  -15.274 3.015   1.00 3.91  ? 351 LYS A N   1 
ATOM   1304 C CA  . LYS A 1 180 ? -7.468  -16.517 2.928   1.00 3.91  ? 351 LYS A CA  1 
ATOM   1305 C C   . LYS A 1 180 ? -6.587  -17.690 3.290   1.00 3.91  ? 351 LYS A C   1 
ATOM   1306 O O   . LYS A 1 180 ? -5.393  -17.697 3.001   1.00 34.44 ? 351 LYS A O   1 
ATOM   1307 C CB  . LYS A 1 180 ? -7.945  -16.757 1.508   1.00 34.44 ? 351 LYS A CB  1 
ATOM   1308 C CG  . LYS A 1 180 ? -9.167  -16.012 1.076   1.00 34.44 ? 351 LYS A CG  1 
ATOM   1309 C CD  . LYS A 1 180 ? -10.054 -16.943 0.241   1.00 34.44 ? 351 LYS A CD  1 
ATOM   1310 C CE  . LYS A 1 180 ? -9.242  -17.785 -0.746  1.00 34.44 ? 351 LYS A CE  1 
ATOM   1311 N NZ  . LYS A 1 180 ? -10.052 -18.854 -1.387  1.00 34.44 ? 351 LYS A NZ  1 
ATOM   1312 N N   . ASP A 1 181 ? -7.188  -18.687 3.929   1.00 12.53 ? 352 ASP A N   1 
ATOM   1313 C CA  . ASP A 1 181 ? -6.484  -19.903 4.293   1.00 12.53 ? 352 ASP A CA  1 
ATOM   1314 C C   . ASP A 1 181 ? -6.286  -20.623 2.977   1.00 12.53 ? 352 ASP A C   1 
ATOM   1315 O O   . ASP A 1 181 ? -7.216  -20.732 2.177   1.00 25.99 ? 352 ASP A O   1 
ATOM   1316 C CB  . ASP A 1 181 ? -7.313  -20.751 5.237   1.00 25.99 ? 352 ASP A CB  1 
ATOM   1317 C CG  . ASP A 1 181 ? -7.334  -20.204 6.638   1.00 25.99 ? 352 ASP A CG  1 
ATOM   1318 O OD1 . ASP A 1 181 ? -6.825  -19.083 6.867   1.00 25.99 ? 352 ASP A OD1 1 
ATOM   1319 O OD2 . ASP A 1 181 ? -7.864  -20.917 7.518   1.00 25.99 ? 352 ASP A OD2 1 
ATOM   1320 N N   . ARG A 1 182 ? -5.090  -21.156 2.783   1.00 3.00  ? 353 ARG A N   1 
ATOM   1321 C CA  . ARG A 1 182 ? -4.742  -21.792 1.537   1.00 3.00  ? 353 ARG A CA  1 
ATOM   1322 C C   . ARG A 1 182 ? -3.773  -22.904 1.872   1.00 3.00  ? 353 ARG A C   1 
ATOM   1323 O O   . ARG A 1 182 ? -2.968  -22.745 2.782   1.00 26.76 ? 353 ARG A O   1 
ATOM   1324 C CB  . ARG A 1 182 ? -4.039  -20.707 0.717   1.00 26.76 ? 353 ARG A CB  1 
ATOM   1325 C CG  . ARG A 1 182 ? -3.892  -20.933 -0.757  1.00 26.76 ? 353 ARG A CG  1 
ATOM   1326 C CD  . ARG A 1 182 ? -4.369  -19.709 -1.530  1.00 26.76 ? 353 ARG A CD  1 
ATOM   1327 N NE  . ARG A 1 182 ? -3.527  -18.537 -1.365  1.00 26.76 ? 353 ARG A NE  1 
ATOM   1328 C CZ  . ARG A 1 182 ? -2.258  -18.467 -1.760  1.00 26.76 ? 353 ARG A CZ  1 
ATOM   1329 N NH1 . ARG A 1 182 ? -1.683  -19.517 -2.329  1.00 26.76 ? 353 ARG A NH1 1 
ATOM   1330 N NH2 . ARG A 1 182 ? -1.591  -17.316 -1.667  1.00 26.76 ? 353 ARG A NH2 1 
ATOM   1331 N N   . PRO A 1 183 ? -3.903  -24.079 1.238   1.00 3.13  ? 354 PRO A N   1 
ATOM   1332 C CA  . PRO A 1 183 ? -2.967  -25.157 1.542   1.00 3.13  ? 354 PRO A CA  1 
ATOM   1333 C C   . PRO A 1 183 ? -1.621  -24.707 1.021   1.00 3.13  ? 354 PRO A C   1 
ATOM   1334 O O   . PRO A 1 183 ? -1.544  -24.067 -0.020  1.00 13.55 ? 354 PRO A O   1 
ATOM   1335 C CB  . PRO A 1 183 ? -3.502  -26.307 0.719   1.00 13.55 ? 354 PRO A CB  1 
ATOM   1336 C CG  . PRO A 1 183 ? -4.949  -26.045 0.706   1.00 13.55 ? 354 PRO A CG  1 
ATOM   1337 C CD  . PRO A 1 183 ? -5.002  -24.584 0.410   1.00 13.55 ? 354 PRO A CD  1 
ATOM   1338 N N   . MET A 1 184 ? -0.553  -24.992 1.744   1.00 16.83 ? 355 MET A N   1 
ATOM   1339 C CA  . MET A 1 184 ? 0.767   -24.569 1.304   1.00 16.83 ? 355 MET A CA  1 
ATOM   1340 C C   . MET A 1 184 ? 1.772   -25.634 1.641   1.00 16.83 ? 355 MET A C   1 
ATOM   1341 O O   . MET A 1 184 ? 1.571   -26.395 2.566   1.00 16.51 ? 355 MET A O   1 
ATOM   1342 C CB  . MET A 1 184 ? 1.138   -23.273 2.007   1.00 16.51 ? 355 MET A CB  1 
ATOM   1343 C CG  . MET A 1 184 ? 0.182   -22.164 1.704   1.00 16.51 ? 355 MET A CG  1 
ATOM   1344 S SD  . MET A 1 184 ? 0.933   -20.984 0.615   1.00 16.51 ? 355 MET A SD  1 
ATOM   1345 C CE  . MET A 1 184 ? 1.273   -21.947 -0.855  1.00 16.51 ? 355 MET A CE  1 
ATOM   1346 N N   . ALA A 1 185 ? 2.817   -25.747 0.842   1.00 11.08 ? 356 ALA A N   1 
ATOM   1347 C CA  . ALA A 1 185 ? 3.852   -26.721 1.109   1.00 11.08 ? 356 ALA A CA  1 
ATOM   1348 C C   . ALA A 1 185 ? 4.806   -26.033 2.063   1.00 11.08 ? 356 ALA A C   1 
ATOM   1349 O O   . ALA A 1 185 ? 5.286   -24.941 1.792   1.00 9.57  ? 356 ALA A O   1 
ATOM   1350 C CB  . ALA A 1 185 ? 4.560   -27.081 -0.153  1.00 9.57  ? 356 ALA A CB  1 
ATOM   1351 N N   . VAL A 1 186 ? 5.047   -26.666 3.199   1.00 27.20 ? 357 VAL A N   1 
ATOM   1352 C CA  . VAL A 1 186 ? 5.931   -26.138 4.215   1.00 27.20 ? 357 VAL A CA  1 
ATOM   1353 C C   . VAL A 1 186 ? 6.818   -27.285 4.663   1.00 27.20 ? 357 VAL A C   1 
ATOM   1354 O O   . VAL A 1 186 ? 6.368   -28.213 5.348   1.00 21.69 ? 357 VAL A O   1 
ATOM   1355 C CB  . VAL A 1 186 ? 5.138   -25.633 5.393   1.00 21.69 ? 357 VAL A CB  1 
ATOM   1356 C CG1 . VAL A 1 186 ? 6.074   -25.277 6.510   1.00 21.69 ? 357 VAL A CG1 1 
ATOM   1357 C CG2 . VAL A 1 186 ? 4.327   -24.440 4.984   1.00 21.69 ? 357 VAL A CG2 1 
ATOM   1358 N N   . ASN A 1 187 ? 8.072   -27.228 4.226   1.00 29.12 ? 358 ASN A N   1 
ATOM   1359 C CA  . ASN A 1 187 ? 9.074   -28.246 4.526   1.00 29.12 ? 358 ASN A CA  1 
ATOM   1360 C C   . ASN A 1 187 ? 8.601   -29.678 4.255   1.00 29.12 ? 358 ASN A C   1 
ATOM   1361 O O   . ASN A 1 187 ? 8.618   -30.536 5.141   1.00 65.00 ? 358 ASN A O   1 
ATOM   1362 C CB  . ASN A 1 187 ? 9.623   -28.084 5.949   1.00 65.00 ? 358 ASN A CB  1 
ATOM   1363 C CG  . ASN A 1 187 ? 10.533  -26.863 6.090   1.00 65.00 ? 358 ASN A CG  1 
ATOM   1364 O OD1 . ASN A 1 187 ? 11.061  -26.350 5.102   1.00 65.00 ? 358 ASN A OD1 1 
ATOM   1365 N ND2 . ASN A 1 187 ? 10.709  -26.388 7.318   1.00 65.00 ? 358 ASN A ND2 1 
ATOM   1366 N N   . GLY A 1 188 ? 8.138   -29.899 3.018   1.00 17.17 ? 359 GLY A N   1 
ATOM   1367 C CA  . GLY A 1 188 ? 7.691   -31.211 2.565   1.00 17.17 ? 359 GLY A CA  1 
ATOM   1368 C C   . GLY A 1 188 ? 6.310   -31.605 3.003   1.00 17.17 ? 359 GLY A C   1 
ATOM   1369 O O   . GLY A 1 188 ? 5.772   -32.607 2.543   1.00 36.78 ? 359 GLY A O   1 
ATOM   1370 N N   . GLN A 1 189 ? 5.730   -30.807 3.887   1.00 18.65 ? 360 GLN A N   1 
ATOM   1371 C CA  . GLN A 1 189 ? 4.397   -31.075 4.407   1.00 18.65 ? 360 GLN A CA  1 
ATOM   1372 C C   . GLN A 1 189 ? 3.433   -29.962 3.997   1.00 18.65 ? 360 GLN A C   1 
ATOM   1373 O O   . GLN A 1 189 ? 3.793   -28.792 3.978   1.00 65.00 ? 360 GLN A O   1 
ATOM   1374 C CB  . GLN A 1 189 ? 4.467   -31.176 5.931   1.00 65.00 ? 360 GLN A CB  1 
ATOM   1375 C CG  . GLN A 1 189 ? 5.330   -32.323 6.444   1.00 65.00 ? 360 GLN A CG  1 
ATOM   1376 C CD  . GLN A 1 189 ? 4.541   -33.600 6.656   1.00 65.00 ? 360 GLN A CD  1 
ATOM   1377 O OE1 . GLN A 1 189 ? 3.713   -33.676 7.565   1.00 65.00 ? 360 GLN A OE1 1 
ATOM   1378 N NE2 . GLN A 1 189 ? 4.807   -34.617 5.840   1.00 65.00 ? 360 GLN A NE2 1 
ATOM   1379 N N   . VAL A 1 190 ? 2.211   -30.346 3.654   1.00 11.75 ? 361 VAL A N   1 
ATOM   1380 C CA  . VAL A 1 190 ? 1.212   -29.372 3.251   1.00 11.75 ? 361 VAL A CA  1 
ATOM   1381 C C   . VAL A 1 190 ? 0.459   -28.894 4.468   1.00 11.75 ? 361 VAL A C   1 
ATOM   1382 O O   . VAL A 1 190 ? -0.081  -29.701 5.205   1.00 8.72  ? 361 VAL A O   1 
ATOM   1383 C CB  . VAL A 1 190 ? 0.226   -29.924 2.162   1.00 8.72  ? 361 VAL A CB  1 
ATOM   1384 C CG1 . VAL A 1 190 ? 0.218   -31.412 2.151   1.00 8.72  ? 361 VAL A CG1 1 
ATOM   1385 C CG2 . VAL A 1 190 ? -1.180  -29.396 2.384   1.00 8.72  ? 361 VAL A CG2 1 
ATOM   1386 N N   . GLU A 1 191 ? 0.497   -27.587 4.717   1.00 9.61  ? 362 GLU A N   1 
ATOM   1387 C CA  . GLU A 1 191 ? -0.214  -26.997 5.838   1.00 9.61  ? 362 GLU A CA  1 
ATOM   1388 C C   . GLU A 1 191 ? -0.975  -25.751 5.395   1.00 9.61  ? 362 GLU A C   1 
ATOM   1389 O O   . GLU A 1 191 ? -0.614  -25.082 4.427   1.00 58.43 ? 362 GLU A O   1 
ATOM   1390 C CB  . GLU A 1 191 ? 0.709   -26.725 7.033   1.00 58.43 ? 362 GLU A CB  1 
ATOM   1391 C CG  . GLU A 1 191 ? 1.620   -25.535 6.902   1.00 58.43 ? 362 GLU A CG  1 
ATOM   1392 C CD  . GLU A 1 191 ? 2.366   -25.236 8.195   1.00 58.43 ? 362 GLU A CD  1 
ATOM   1393 O OE1 . GLU A 1 191 ? 1.854   -24.433 9.015   1.00 58.43 ? 362 GLU A OE1 1 
ATOM   1394 O OE2 . GLU A 1 191 ? 3.466   -25.804 8.390   1.00 58.43 ? 362 GLU A OE2 1 
ATOM   1395 N N   . ILE A 1 192 ? -2.095  -25.528 6.066   1.00 10.11 ? 363 ILE A N   1 
ATOM   1396 C CA  . ILE A 1 192 ? -2.991  -24.425 5.801   1.00 10.11 ? 363 ILE A CA  1 
ATOM   1397 C C   . ILE A 1 192 ? -2.501  -23.145 6.468   1.00 10.11 ? 363 ILE A C   1 
ATOM   1398 O O   . ILE A 1 192 ? -2.363  -23.087 7.684   1.00 6.74  ? 363 ILE A O   1 
ATOM   1399 C CB  . ILE A 1 192 ? -4.391  -24.780 6.292   1.00 6.74  ? 363 ILE A CB  1 
ATOM   1400 C CG1 . ILE A 1 192 ? -4.946  -25.929 5.460   1.00 6.74  ? 363 ILE A CG1 1 
ATOM   1401 C CG2 . ILE A 1 192 ? -5.295  -23.603 6.177   1.00 6.74  ? 363 ILE A CG2 1 
ATOM   1402 C CD1 . ILE A 1 192 ? -6.337  -26.339 5.840   1.00 6.74  ? 363 ILE A CD1 1 
ATOM   1403 N N   . LEU A 1 193 ? -2.247  -22.117 5.668   1.00 12.92 ? 364 LEU A N   1 
ATOM   1404 C CA  . LEU A 1 193 ? -1.753  -20.860 6.201   1.00 12.92 ? 364 LEU A CA  1 
ATOM   1405 C C   . LEU A 1 193 ? -2.614  -19.701 5.701   1.00 12.92 ? 364 LEU A C   1 
ATOM   1406 O O   . LEU A 1 193 ? -3.300  -19.833 4.679   1.00 7.90  ? 364 LEU A O   1 
ATOM   1407 C CB  . LEU A 1 193 ? -0.313  -20.654 5.757   1.00 7.90  ? 364 LEU A CB  1 
ATOM   1408 C CG  . LEU A 1 193 ? 0.706   -21.593 6.366   1.00 7.90  ? 364 LEU A CG  1 
ATOM   1409 C CD1 . LEU A 1 193 ? 2.002   -21.553 5.600   1.00 7.90  ? 364 LEU A CD1 1 
ATOM   1410 C CD2 . LEU A 1 193 ? 0.908   -21.188 7.779   1.00 7.90  ? 364 LEU A CD2 1 
ATOM   1411 N N   . PRO A 1 194 ? -2.674  -18.595 6.470   1.00 4.41  ? 365 PRO A N   1 
ATOM   1412 C CA  . PRO A 1 194 ? -3.450  -17.406 6.122   1.00 4.41  ? 365 PRO A CA  1 
ATOM   1413 C C   . PRO A 1 194 ? -2.627  -16.687 5.076   1.00 4.41  ? 365 PRO A C   1 
ATOM   1414 O O   . PRO A 1 194 ? -1.722  -15.933 5.407   1.00 8.41  ? 365 PRO A O   1 
ATOM   1415 C CB  . PRO A 1 194 ? -3.463  -16.605 7.430   1.00 8.41  ? 365 PRO A CB  1 
ATOM   1416 C CG  . PRO A 1 194 ? -3.137  -17.601 8.465   1.00 8.41  ? 365 PRO A CG  1 
ATOM   1417 C CD  . PRO A 1 194 ? -2.111  -18.455 7.819   1.00 8.41  ? 365 PRO A CD  1 
ATOM   1418 N N   . MET A 1 195 ? -2.895  -16.958 3.814   1.00 10.19 ? 366 MET A N   1 
ATOM   1419 C CA  . MET A 1 195 ? -2.139  -16.343 2.739   1.00 10.19 ? 366 MET A CA  1 
ATOM   1420 C C   . MET A 1 195 ? -2.818  -15.132 2.115   1.00 10.19 ? 366 MET A C   1 
ATOM   1421 O O   . MET A 1 195 ? -4.048  -15.072 2.052   1.00 10.92 ? 366 MET A O   1 
ATOM   1422 C CB  . MET A 1 195 ? -1.914  -17.378 1.650   1.00 10.92 ? 366 MET A CB  1 
ATOM   1423 C CG  . MET A 1 195 ? -1.172  -18.572 2.109   1.00 10.92 ? 366 MET A CG  1 
ATOM   1424 S SD  . MET A 1 195 ? 0.459   -18.048 2.505   1.00 10.92 ? 366 MET A SD  1 
ATOM   1425 C CE  . MET A 1 195 ? 1.005   -17.516 0.912   1.00 10.92 ? 366 MET A CE  1 
ATOM   1426 N N   . MET A 1 196 ? -2.000  -14.176 1.665   1.00 8.97  ? 367 MET A N   1 
ATOM   1427 C CA  . MET A 1 196 ? -2.475  -12.974 0.972   1.00 8.97  ? 367 MET A CA  1 
ATOM   1428 C C   . MET A 1 196 ? -1.595  -12.671 -0.235  1.00 8.97  ? 367 MET A C   1 
ATOM   1429 O O   . MET A 1 196 ? -0.367  -12.750 -0.147  1.00 14.00 ? 367 MET A O   1 
ATOM   1430 C CB  . MET A 1 196 ? -2.492  -11.753 1.878   1.00 14.00 ? 367 MET A CB  1 
ATOM   1431 C CG  . MET A 1 196 ? -2.459  -10.456 1.093   1.00 14.00 ? 367 MET A CG  1 
ATOM   1432 S SD  . MET A 1 196 ? -2.860  -9.060  2.076   1.00 14.00 ? 367 MET A SD  1 
ATOM   1433 C CE  . MET A 1 196 ? -1.333  -8.923  2.975   1.00 14.00 ? 367 MET A CE  1 
ATOM   1434 N N   . TYR A 1 197 ? -2.226  -12.365 -1.366  1.00 7.17  ? 368 TYR A N   1 
ATOM   1435 C CA  . TYR A 1 197 ? -1.513  -12.034 -2.593  1.00 7.17  ? 368 TYR A CA  1 
ATOM   1436 C C   . TYR A 1 197 ? -1.139  -10.565 -2.558  1.00 7.17  ? 368 TYR A C   1 
ATOM   1437 O O   . TYR A 1 197 ? -1.882  -9.753  -2.008  1.00 7.37  ? 368 TYR A O   1 
ATOM   1438 C CB  . TYR A 1 197 ? -2.405  -12.268 -3.803  1.00 7.37  ? 368 TYR A CB  1 
ATOM   1439 C CG  . TYR A 1 197 ? -2.549  -13.701 -4.178  1.00 7.37  ? 368 TYR A CG  1 
ATOM   1440 C CD1 . TYR A 1 197 ? -3.792  -14.312 -4.183  1.00 7.37  ? 368 TYR A CD1 1 
ATOM   1441 C CD2 . TYR A 1 197 ? -1.444  -14.450 -4.534  1.00 7.37  ? 368 TYR A CD2 1 
ATOM   1442 C CE1 . TYR A 1 197 ? -3.942  -15.642 -4.534  1.00 7.37  ? 368 TYR A CE1 1 
ATOM   1443 C CE2 . TYR A 1 197 ? -1.574  -15.783 -4.883  1.00 7.37  ? 368 TYR A CE2 1 
ATOM   1444 C CZ  . TYR A 1 197 ? -2.829  -16.373 -4.889  1.00 7.37  ? 368 TYR A CZ  1 
ATOM   1445 O OH  . TYR A 1 197 ? -2.974  -17.679 -5.282  1.00 7.37  ? 368 TYR A OH  1 
ATOM   1446 N N   . LEU A 1 198 ? -0.003  -10.222 -3.148  1.00 10.13 ? 369 LEU A N   1 
ATOM   1447 C CA  . LEU A 1 198 ? 0.433   -8.843  -3.194  1.00 10.13 ? 369 LEU A CA  1 
ATOM   1448 C C   . LEU A 1 198 ? 0.602   -8.535  -4.656  1.00 10.13 ? 369 LEU A C   1 
ATOM   1449 O O   . LEU A 1 198 ? 1.134   -9.363  -5.393  1.00 14.76 ? 369 LEU A O   1 
ATOM   1450 C CB  . LEU A 1 198 ? 1.792   -8.667  -2.544  1.00 14.76 ? 369 LEU A CB  1 
ATOM   1451 C CG  . LEU A 1 198 ? 1.907   -9.052  -1.093  1.00 14.76 ? 369 LEU A CG  1 
ATOM   1452 C CD1 . LEU A 1 198 ? 3.305   -8.723  -0.602  1.00 14.76 ? 369 LEU A CD1 1 
ATOM   1453 C CD2 . LEU A 1 198 ? 0.846   -8.315  -0.324  1.00 14.76 ? 369 LEU A CD2 1 
ATOM   1454 N N   . ALA A 1 199 ? 0.152   -7.353  -5.062  1.00 14.85 ? 370 ALA A N   1 
ATOM   1455 C CA  . ALA A 1 199 ? 0.273   -6.891  -6.434  1.00 14.85 ? 370 ALA A CA  1 
ATOM   1456 C C   . ALA A 1 199 ? 1.040   -5.575  -6.400  1.00 14.85 ? 370 ALA A C   1 
ATOM   1457 O O   . ALA A 1 199 ? 0.683   -4.665  -5.646  1.00 25.73 ? 370 ALA A O   1 
ATOM   1458 C CB  . ALA A 1 199 ? -1.103  -6.669  -7.044  1.00 25.73 ? 370 ALA A CB  1 
ATOM   1459 N N   . LEU A 1 200 ? 2.153   -5.513  -7.116  1.00 15.01 ? 371 LEU A N   1 
ATOM   1460 C CA  . LEU A 1 200 ? 2.908   -4.284  -7.199  1.00 15.01 ? 371 LEU A CA  1 
ATOM   1461 C C   . LEU A 1 200 ? 2.808   -3.895  -8.655  1.00 15.01 ? 371 LEU A C   1 
ATOM   1462 O O   . LEU A 1 200 ? 3.254   -4.673  -9.510  1.00 13.10 ? 371 LEU A O   1 
ATOM   1463 C CB  . LEU A 1 200 ? 4.388   -4.490  -6.880  1.00 13.10 ? 371 LEU A CB  1 
ATOM   1464 C CG  . LEU A 1 200 ? 5.196   -3.199  -7.083  1.00 13.10 ? 371 LEU A CG  1 
ATOM   1465 C CD1 . LEU A 1 200 ? 4.773   -2.185  -6.044  1.00 13.10 ? 371 LEU A CD1 1 
ATOM   1466 C CD2 . LEU A 1 200 ? 6.683   -3.427  -6.991  1.00 13.10 ? 371 LEU A CD2 1 
ATOM   1467 N N   . SER A 1 201 ? 2.122   -2.786  -8.947  1.00 25.39 ? 372 SER A N   1 
ATOM   1468 C CA  . SER A 1 201 ? 2.015   -2.263  -10.314 1.00 25.39 ? 372 SER A CA  1 
ATOM   1469 C C   . SER A 1 201 ? 3.055   -1.161  -10.325 1.00 25.39 ? 372 SER A C   1 
ATOM   1470 O O   . SER A 1 201 ? 3.185   -0.445  -9.328  1.00 15.07 ? 372 SER A O   1 
ATOM   1471 C CB  . SER A 1 201 ? 0.646   -1.650  -10.565 1.00 15.07 ? 372 SER A CB  1 
ATOM   1472 O OG  . SER A 1 201 ? -0.300  -2.646  -10.886 1.00 15.07 ? 372 SER A OG  1 
ATOM   1473 N N   . TYR A 1 202 ? 3.757   -0.983  -11.439 1.00 15.31 ? 373 TYR A N   1 
ATOM   1474 C CA  . TYR A 1 202 ? 4.819   0.023   -11.501 1.00 15.31 ? 373 TYR A CA  1 
ATOM   1475 C C   . TYR A 1 202 ? 5.051   0.587   -12.901 1.00 15.31 ? 373 TYR A C   1 
ATOM   1476 O O   . TYR A 1 202 ? 4.679   -0.029  -13.903 1.00 12.13 ? 373 TYR A O   1 
ATOM   1477 C CB  . TYR A 1 202 ? 6.125   -0.587  -10.994 1.00 12.13 ? 373 TYR A CB  1 
ATOM   1478 C CG  . TYR A 1 202 ? 6.549   -1.762  -11.827 1.00 12.13 ? 373 TYR A CG  1 
ATOM   1479 C CD1 . TYR A 1 202 ? 5.839   -2.967  -11.795 1.00 12.13 ? 373 TYR A CD1 1 
ATOM   1480 C CD2 . TYR A 1 202 ? 7.615   -1.666  -12.685 1.00 12.13 ? 373 TYR A CD2 1 
ATOM   1481 C CE1 . TYR A 1 202 ? 6.184   -4.032  -12.609 1.00 12.13 ? 373 TYR A CE1 1 
ATOM   1482 C CE2 . TYR A 1 202 ? 7.971   -2.738  -13.504 1.00 12.13 ? 373 TYR A CE2 1 
ATOM   1483 C CZ  . TYR A 1 202 ? 7.251   -3.908  -13.460 1.00 12.13 ? 373 TYR A CZ  1 
ATOM   1484 O OH  . TYR A 1 202 ? 7.602   -4.937  -14.300 1.00 12.13 ? 373 TYR A OH  1 
ATOM   1485 N N   . ASP A 1 203 ? 5.671   1.766   -12.958 1.00 11.46 ? 374 ASP A N   1 
ATOM   1486 C CA  . ASP A 1 203 ? 5.962   2.411   -14.219 1.00 11.46 ? 374 ASP A CA  1 
ATOM   1487 C C   . ASP A 1 203 ? 7.264   1.839   -14.730 1.00 11.46 ? 374 ASP A C   1 
ATOM   1488 O O   . ASP A 1 203 ? 8.345   2.198   -14.271 1.00 41.32 ? 374 ASP A O   1 
ATOM   1489 C CB  . ASP A 1 203 ? 6.069   3.923   -14.044 1.00 41.32 ? 374 ASP A CB  1 
ATOM   1490 C CG  . ASP A 1 203 ? 6.207   4.668   -15.369 1.00 41.32 ? 374 ASP A CG  1 
ATOM   1491 O OD1 . ASP A 1 203 ? 6.657   5.833   -15.346 1.00 41.32 ? 374 ASP A OD1 1 
ATOM   1492 O OD2 . ASP A 1 203 ? 5.870   4.103   -16.430 1.00 41.32 ? 374 ASP A OD2 1 
ATOM   1493 N N   . HIS A 1 204 ? 7.148   0.956   -15.709 1.00 31.43 ? 375 HIS A N   1 
ATOM   1494 C CA  . HIS A 1 204 ? 8.296   0.298   -16.311 1.00 31.43 ? 375 HIS A CA  1 
ATOM   1495 C C   . HIS A 1 204 ? 9.260   1.256   -17.014 1.00 31.43 ? 375 HIS A C   1 
ATOM   1496 O O   . HIS A 1 204 ? 10.342  0.851   -17.438 1.00 32.17 ? 375 HIS A O   1 
ATOM   1497 C CB  . HIS A 1 204 ? 7.816   -0.786  -17.270 1.00 32.17 ? 375 HIS A CB  1 
ATOM   1498 C CG  . HIS A 1 204 ? 8.899   -1.690  -17.754 1.00 32.17 ? 375 HIS A CG  1 
ATOM   1499 N ND1 . HIS A 1 204 ? 10.068  -1.887  -17.047 1.00 32.17 ? 375 HIS A ND1 1 
ATOM   1500 C CD2 . HIS A 1 204 ? 8.987   -2.464  -18.854 1.00 32.17 ? 375 HIS A CD2 1 
ATOM   1501 C CE1 . HIS A 1 204 ? 10.829  -2.753  -17.701 1.00 32.17 ? 375 HIS A CE1 1 
ATOM   1502 N NE2 . HIS A 1 204 ? 10.194  -3.118  -18.796 1.00 32.17 ? 375 HIS A NE2 1 
ATOM   1503 N N   . ARG A 1 205 ? 8.852   2.513   -17.169 1.00 26.99 ? 376 ARG A N   1 
ATOM   1504 C CA  . ARG A 1 205 ? 9.702   3.529   -17.788 1.00 26.99 ? 376 ARG A CA  1 
ATOM   1505 C C   . ARG A 1 205 ? 10.848  3.834   -16.840 1.00 26.99 ? 376 ARG A C   1 
ATOM   1506 O O   . ARG A 1 205 ? 11.966  4.091   -17.264 1.00 32.52 ? 376 ARG A O   1 
ATOM   1507 C CB  . ARG A 1 205 ? 8.903   4.804   -18.067 1.00 32.52 ? 376 ARG A CB  1 
ATOM   1508 C CG  . ARG A 1 205 ? 8.027   4.683   -19.280 1.00 32.52 ? 376 ARG A CG  1 
ATOM   1509 C CD  . ARG A 1 205 ? 6.890   5.673   -19.262 1.00 32.52 ? 376 ARG A CD  1 
ATOM   1510 N NE  . ARG A 1 205 ? 7.337   7.058   -19.183 1.00 32.52 ? 376 ARG A NE  1 
ATOM   1511 C CZ  . ARG A 1 205 ? 6.893   7.937   -18.288 1.00 32.52 ? 376 ARG A CZ  1 
ATOM   1512 N NH1 . ARG A 1 205 ? 5.992   7.588   -17.383 1.00 32.52 ? 376 ARG A NH1 1 
ATOM   1513 N NH2 . ARG A 1 205 ? 7.352   9.177   -18.297 1.00 32.52 ? 376 ARG A NH2 1 
ATOM   1514 N N   . LEU A 1 206 ? 10.560  3.756   -15.547 1.00 48.01 ? 377 LEU A N   1 
ATOM   1515 C CA  . LEU A 1 206 ? 11.549  4.031   -14.513 1.00 48.01 ? 377 LEU A CA  1 
ATOM   1516 C C   . LEU A 1 206 ? 12.019  2.790   -13.747 1.00 48.01 ? 377 LEU A C   1 
ATOM   1517 O O   . LEU A 1 206 ? 13.216  2.632   -13.487 1.00 15.84 ? 377 LEU A O   1 
ATOM   1518 C CB  . LEU A 1 206 ? 10.992  5.081   -13.528 1.00 15.84 ? 377 LEU A CB  1 
ATOM   1519 C CG  . LEU A 1 206 ? 11.758  5.341   -12.227 1.00 15.84 ? 377 LEU A CG  1 
ATOM   1520 C CD1 . LEU A 1 206 ? 13.190  5.679   -12.528 1.00 15.84 ? 377 LEU A CD1 1 
ATOM   1521 C CD2 . LEU A 1 206 ? 11.109  6.458   -11.447 1.00 15.84 ? 377 LEU A CD2 1 
ATOM   1522 N N   . ILE A 1 207 ? 11.076  1.917   -13.402 1.00 24.13 ? 378 ILE A N   1 
ATOM   1523 C CA  . ILE A 1 207 ? 11.353  0.713   -12.623 1.00 24.13 ? 378 ILE A CA  1 
ATOM   1524 C C   . ILE A 1 207 ? 11.418  -0.549  -13.473 1.00 24.13 ? 378 ILE A C   1 
ATOM   1525 O O   . ILE A 1 207 ? 10.496  -0.835  -14.237 1.00 21.06 ? 378 ILE A O   1 
ATOM   1526 C CB  . ILE A 1 207 ? 10.270  0.541   -11.550 1.00 21.06 ? 378 ILE A CB  1 
ATOM   1527 C CG1 . ILE A 1 207 ? 10.204  1.803   -10.681 1.00 21.06 ? 378 ILE A CG1 1 
ATOM   1528 C CG2 . ILE A 1 207 ? 10.530  -0.705  -10.742 1.00 21.06 ? 378 ILE A CG2 1 
ATOM   1529 C CD1 . ILE A 1 207 ? 8.918   1.969   -9.899  1.00 21.06 ? 378 ILE A CD1 1 
ATOM   1530 N N   . ASP A 1 208 ? 12.492  -1.318  -13.333 1.00 24.72 ? 379 ASP A N   1 
ATOM   1531 C CA  . ASP A 1 208 ? 12.638  -2.539  -14.113 1.00 24.72 ? 379 ASP A CA  1 
ATOM   1532 C C   . ASP A 1 208 ? 12.313  -3.792  -13.321 1.00 24.72 ? 379 ASP A C   1 
ATOM   1533 O O   . ASP A 1 208 ? 12.169  -3.745  -12.101 1.00 65.00 ? 379 ASP A O   1 
ATOM   1534 C CB  . ASP A 1 208 ? 14.035  -2.639  -14.731 1.00 65.00 ? 379 ASP A CB  1 
ATOM   1535 C CG  . ASP A 1 208 ? 15.130  -2.763  -13.696 1.00 65.00 ? 379 ASP A CG  1 
ATOM   1536 O OD1 . ASP A 1 208 ? 15.081  -2.034  -12.684 1.00 65.00 ? 379 ASP A OD1 1 
ATOM   1537 O OD2 . ASP A 1 208 ? 16.051  -3.584  -13.909 1.00 65.00 ? 379 ASP A OD2 1 
ATOM   1538 N N   . GLY A 1 209 ? 12.221  -4.907  -14.045 1.00 27.56 ? 380 GLY A N   1 
ATOM   1539 C CA  . GLY A 1 209 ? 11.899  -6.196  -13.460 1.00 27.56 ? 380 GLY A CA  1 
ATOM   1540 C C   . GLY A 1 209 ? 12.618  -6.490  -12.165 1.00 27.56 ? 380 GLY A C   1 
ATOM   1541 O O   . GLY A 1 209 ? 11.991  -6.507  -11.111 1.00 45.62 ? 380 GLY A O   1 
ATOM   1542 N N   . ARG A 1 210 ? 13.934  -6.694  -12.253 1.00 16.78 ? 381 ARG A N   1 
ATOM   1543 C CA  . ARG A 1 210 ? 14.773  -6.990  -11.091 1.00 16.78 ? 381 ARG A CA  1 
ATOM   1544 C C   . ARG A 1 210 ? 14.293  -6.201  -9.865  1.00 16.78 ? 381 ARG A C   1 
ATOM   1545 O O   . ARG A 1 210 ? 13.954  -6.776  -8.829  1.00 38.29 ? 381 ARG A O   1 
ATOM   1546 C CB  . ARG A 1 210 ? 16.229  -6.629  -11.399 1.00 38.29 ? 381 ARG A CB  1 
ATOM   1547 C CG  . ARG A 1 210 ? 17.234  -7.041  -10.330 1.00 38.29 ? 381 ARG A CG  1 
ATOM   1548 N N   . GLU A 1 211 ? 14.186  -4.888  -10.028 1.00 11.48 ? 382 GLU A N   1 
ATOM   1549 C CA  . GLU A 1 211 ? 13.758  -4.018  -8.955  1.00 11.48 ? 382 GLU A CA  1 
ATOM   1550 C C   . GLU A 1 211 ? 12.327  -4.277  -8.515  1.00 11.48 ? 382 GLU A C   1 
ATOM   1551 O O   . GLU A 1 211 ? 12.077  -4.482  -7.338  1.00 40.02 ? 382 GLU A O   1 
ATOM   1552 C CB  . GLU A 1 211 ? 13.951  -2.557  -9.344  1.00 40.02 ? 382 GLU A CB  1 
ATOM   1553 N N   . SER A 1 212 ? 11.388  -4.292  -9.452  1.00 16.90 ? 383 SER A N   1 
ATOM   1554 C CA  . SER A 1 212 ? 9.994   -4.526  -9.092  1.00 16.90 ? 383 SER A CA  1 
ATOM   1555 C C   . SER A 1 212 ? 9.871   -5.842  -8.317  1.00 16.90 ? 383 SER A C   1 
ATOM   1556 O O   . SER A 1 212 ? 9.245   -5.886  -7.254  1.00 34.08 ? 383 SER A O   1 
ATOM   1557 C CB  . SER A 1 212 ? 9.116   -4.552  -10.339 1.00 34.08 ? 383 SER A CB  1 
ATOM   1558 O OG  . SER A 1 212 ? 9.614   -5.477  -11.283 1.00 34.08 ? 383 SER A OG  1 
ATOM   1559 N N   . VAL A 1 213 ? 10.516  -6.896  -8.822  1.00 19.63 ? 384 VAL A N   1 
ATOM   1560 C CA  . VAL A 1 213 ? 10.484  -8.203  -8.168  1.00 19.63 ? 384 VAL A CA  1 
ATOM   1561 C C   . VAL A 1 213 ? 11.114  -8.102  -6.796  1.00 19.63 ? 384 VAL A C   1 
ATOM   1562 O O   . VAL A 1 213 ? 10.457  -8.345  -5.797  1.00 10.34 ? 384 VAL A O   1 
ATOM   1563 C CB  . VAL A 1 213 ? 11.202  -9.290  -8.998  1.00 10.34 ? 384 VAL A CB  1 
ATOM   1564 C CG1 . VAL A 1 213 ? 11.310  -10.586 -8.208  1.00 10.34 ? 384 VAL A CG1 1 
ATOM   1565 C CG2 . VAL A 1 213 ? 10.439  -9.548  -10.255 1.00 10.34 ? 384 VAL A CG2 1 
ATOM   1566 N N   . GLY A 1 214 ? 12.370  -7.690  -6.746  1.00 15.30 ? 385 GLY A N   1 
ATOM   1567 C CA  . GLY A 1 214 ? 13.051  -7.557  -5.469  1.00 15.30 ? 385 GLY A CA  1 
ATOM   1568 C C   . GLY A 1 214 ? 12.306  -6.673  -4.477  1.00 15.30 ? 385 GLY A C   1 
ATOM   1569 O O   . GLY A 1 214 ? 12.279  -6.940  -3.278  1.00 12.72 ? 385 GLY A O   1 
ATOM   1570 N N   . PHE A 1 215 ? 11.683  -5.616  -4.977  1.00 9.86  ? 386 PHE A N   1 
ATOM   1571 C CA  . PHE A 1 215 ? 10.942  -4.729  -4.110  1.00 9.86  ? 386 PHE A CA  1 
ATOM   1572 C C   . PHE A 1 215 ? 9.843   -5.536  -3.454  1.00 9.86  ? 386 PHE A C   1 
ATOM   1573 O O   . PHE A 1 215 ? 9.690   -5.507  -2.240  1.00 11.68 ? 386 PHE A O   1 
ATOM   1574 C CB  . PHE A 1 215 ? 10.330  -3.577  -4.886  1.00 11.68 ? 386 PHE A CB  1 
ATOM   1575 C CG  . PHE A 1 215 ? 9.583   -2.615  -4.022  1.00 11.68 ? 386 PHE A CG  1 
ATOM   1576 C CD1 . PHE A 1 215 ? 8.205   -2.716  -3.876  1.00 11.68 ? 386 PHE A CD1 1 
ATOM   1577 C CD2 . PHE A 1 215 ? 10.254  -1.610  -3.353  1.00 11.68 ? 386 PHE A CD2 1 
ATOM   1578 C CE1 . PHE A 1 215 ? 7.508   -1.843  -3.072  1.00 11.68 ? 386 PHE A CE1 1 
ATOM   1579 C CE2 . PHE A 1 215 ? 9.563   -0.734  -2.543  1.00 11.68 ? 386 PHE A CE2 1 
ATOM   1580 C CZ  . PHE A 1 215 ? 8.178   -0.852  -2.407  1.00 11.68 ? 386 PHE A CZ  1 
ATOM   1581 N N   . LEU A 1 216 ? 9.113   -6.316  -4.236  1.00 10.95 ? 387 LEU A N   1 
ATOM   1582 C CA  . LEU A 1 216 ? 8.028   -7.107  -3.663  1.00 10.95 ? 387 LEU A CA  1 
ATOM   1583 C C   . LEU A 1 216 ? 8.529   -8.247  -2.748  1.00 10.95 ? 387 LEU A C   1 
ATOM   1584 O O   . LEU A 1 216 ? 7.929   -8.517  -1.700  1.00 10.80 ? 387 LEU A O   1 
ATOM   1585 C CB  . LEU A 1 216 ? 7.107   -7.619  -4.776  1.00 10.80 ? 387 LEU A CB  1 
ATOM   1586 C CG  . LEU A 1 216 ? 5.679   -7.988  -4.376  1.00 10.80 ? 387 LEU A CG  1 
ATOM   1587 C CD1 . LEU A 1 216 ? 5.173   -6.981  -3.367  1.00 10.80 ? 387 LEU A CD1 1 
ATOM   1588 C CD2 . LEU A 1 216 ? 4.746   -8.072  -5.597  1.00 10.80 ? 387 LEU A CD2 1 
ATOM   1589 N N   . VAL A 1 217 ? 9.657   -8.866  -3.096  1.00 3.63  ? 388 VAL A N   1 
ATOM   1590 C CA  . VAL A 1 217 ? 10.206  -9.957  -2.280  1.00 3.63  ? 388 VAL A CA  1 
ATOM   1591 C C   . VAL A 1 217 ? 10.536  -9.422  -0.907  1.00 3.63  ? 388 VAL A C   1 
ATOM   1592 O O   . VAL A 1 217 ? 10.198  -10.032 0.095   1.00 3.66  ? 388 VAL A O   1 
ATOM   1593 C CB  . VAL A 1 217 ? 11.499  -10.553 -2.865  1.00 3.66  ? 388 VAL A CB  1 
ATOM   1594 C CG1 . VAL A 1 217 ? 12.176  -11.387 -1.837  1.00 3.66  ? 388 VAL A CG1 1 
ATOM   1595 C CG2 . VAL A 1 217 ? 11.204  -11.397 -4.068  1.00 3.66  ? 388 VAL A CG2 1 
ATOM   1596 N N   . THR A 1 218 ? 11.214  -8.280  -0.878  1.00 11.69 ? 389 THR A N   1 
ATOM   1597 C CA  . THR A 1 218 ? 11.600  -7.639  0.355   1.00 11.69 ? 389 THR A CA  1 
ATOM   1598 C C   . THR A 1 218 ? 10.373  -7.441  1.222   1.00 11.69 ? 389 THR A C   1 
ATOM   1599 O O   . THR A 1 218 ? 10.372  -7.813  2.399   1.00 16.69 ? 389 THR A O   1 
ATOM   1600 C CB  . THR A 1 218 ? 12.267  -6.316  0.067   1.00 16.69 ? 389 THR A CB  1 
ATOM   1601 O OG1 . THR A 1 218 ? 13.497  -6.575  -0.615  1.00 16.69 ? 389 THR A OG1 1 
ATOM   1602 C CG2 . THR A 1 218 ? 12.560  -5.558  1.349   1.00 16.69 ? 389 THR A CG2 1 
ATOM   1603 N N   . ILE A 1 219 ? 9.306   -6.910  0.639   1.00 8.37  ? 390 ILE A N   1 
ATOM   1604 C CA  . ILE A 1 219 ? 8.107   -6.717  1.425   1.00 8.37  ? 390 ILE A CA  1 
ATOM   1605 C C   . ILE A 1 219 ? 7.676   -8.067  1.990   1.00 8.37  ? 390 ILE A C   1 
ATOM   1606 O O   . ILE A 1 219 ? 7.438   -8.205  3.190   1.00 5.77  ? 390 ILE A O   1 
ATOM   1607 C CB  . ILE A 1 219 ? 6.978   -6.069  0.616   1.00 5.77  ? 390 ILE A CB  1 
ATOM   1608 C CG1 . ILE A 1 219 ? 7.409   -4.682  0.154   1.00 5.77  ? 390 ILE A CG1 1 
ATOM   1609 C CG2 . ILE A 1 219 ? 5.704   -5.955  1.476   1.00 5.77  ? 390 ILE A CG2 1 
ATOM   1610 C CD1 . ILE A 1 219 ? 6.266   -3.846  -0.422  1.00 5.77  ? 390 ILE A CD1 1 
ATOM   1611 N N   . LYS A 1 220 ? 7.671   -9.083  1.141   1.00 12.72 ? 391 LYS A N   1 
ATOM   1612 C CA  . LYS A 1 220 ? 7.282   -10.413 1.578   1.00 12.72 ? 391 LYS A CA  1 
ATOM   1613 C C   . LYS A 1 220 ? 8.130   -10.872 2.755   1.00 12.72 ? 391 LYS A C   1 
ATOM   1614 O O   . LYS A 1 220 ? 7.603   -11.290 3.780   1.00 17.07 ? 391 LYS A O   1 
ATOM   1615 C CB  . LYS A 1 220 ? 7.426   -11.408 0.434   1.00 17.07 ? 391 LYS A CB  1 
ATOM   1616 C CG  . LYS A 1 220 ? 7.274   -12.848 0.832   1.00 17.07 ? 391 LYS A CG  1 
ATOM   1617 C CD  . LYS A 1 220 ? 7.687   -13.734 -0.315  1.00 17.07 ? 391 LYS A CD  1 
ATOM   1618 C CE  . LYS A 1 220 ? 7.689   -15.194 0.066   1.00 17.07 ? 391 LYS A CE  1 
ATOM   1619 N NZ  . LYS A 1 220 ? 6.319   -15.665 0.427   1.00 17.07 ? 391 LYS A NZ  1 
ATOM   1620 N N   . GLU A 1 221 ? 9.441   -10.733 2.637   1.00 4.27  ? 392 GLU A N   1 
ATOM   1621 C CA  . GLU A 1 221 ? 10.335  -11.172 3.686   1.00 4.27  ? 392 GLU A CA  1 
ATOM   1622 C C   . GLU A 1 221 ? 10.105  -10.494 5.030   1.00 4.27  ? 392 GLU A C   1 
ATOM   1623 O O   . GLU A 1 221 ? 9.936   -11.158 6.053   1.00 21.88 ? 392 GLU A O   1 
ATOM   1624 C CB  . GLU A 1 221 ? 11.782  -11.011 3.242   1.00 21.88 ? 392 GLU A CB  1 
ATOM   1625 C CG  . GLU A 1 221 ? 12.110  -11.751 1.974   1.00 21.88 ? 392 GLU A CG  1 
ATOM   1626 C CD  . GLU A 1 221 ? 13.565  -11.617 1.574   1.00 21.88 ? 392 GLU A CD  1 
ATOM   1627 O OE1 . GLU A 1 221 ? 14.164  -10.527 1.777   1.00 21.88 ? 392 GLU A OE1 1 
ATOM   1628 O OE2 . GLU A 1 221 ? 14.120  -12.603 1.034   1.00 21.88 ? 392 GLU A OE2 1 
ATOM   1629 N N   . LEU A 1 222 ? 10.065  -9.172  5.023   1.00 7.73  ? 393 LEU A N   1 
ATOM   1630 C CA  . LEU A 1 222 ? 9.875   -8.418  6.247   1.00 7.73  ? 393 LEU A CA  1 
ATOM   1631 C C   . LEU A 1 222 ? 8.491   -8.627  6.850   1.00 7.73  ? 393 LEU A C   1 
ATOM   1632 O O   . LEU A 1 222 ? 8.320   -8.442  8.047   1.00 17.42 ? 393 LEU A O   1 
ATOM   1633 C CB  . LEU A 1 222 ? 10.113  -6.937  5.996   1.00 17.42 ? 393 LEU A CB  1 
ATOM   1634 C CG  . LEU A 1 222 ? 11.421  -6.605  5.302   1.00 17.42 ? 393 LEU A CG  1 
ATOM   1635 C CD1 . LEU A 1 222 ? 11.457  -5.154  4.880   1.00 17.42 ? 393 LEU A CD1 1 
ATOM   1636 C CD2 . LEU A 1 222 ? 12.543  -6.935  6.245   1.00 17.42 ? 393 LEU A CD2 1 
ATOM   1637 N N   . LEU A 1 223 ? 7.486   -8.960  6.043   1.00 13.31 ? 394 LEU A N   1 
ATOM   1638 C CA  . LEU A 1 223 ? 6.151   -9.188  6.606   1.00 13.31 ? 394 LEU A CA  1 
ATOM   1639 C C   . LEU A 1 223 ? 6.072   -10.587 7.232   1.00 13.31 ? 394 LEU A C   1 
ATOM   1640 O O   . LEU A 1 223 ? 5.371   -10.798 8.230   1.00 11.21 ? 394 LEU A O   1 
ATOM   1641 C CB  . LEU A 1 223 ? 5.053   -9.002  5.554   1.00 11.21 ? 394 LEU A CB  1 
ATOM   1642 C CG  . LEU A 1 223 ? 4.770   -7.564  5.119   1.00 11.21 ? 394 LEU A CG  1 
ATOM   1643 C CD1 . LEU A 1 223 ? 3.801   -7.532  3.955   1.00 11.21 ? 394 LEU A CD1 1 
ATOM   1644 C CD2 . LEU A 1 223 ? 4.198   -6.802  6.274   1.00 11.21 ? 394 LEU A CD2 1 
ATOM   1645 N N   . GLU A 1 224 ? 6.819   -11.534 6.674   1.00 14.06 ? 395 GLU A N   1 
ATOM   1646 C CA  . GLU A 1 224 ? 6.808   -12.888 7.198   1.00 14.06 ? 395 GLU A CA  1 
ATOM   1647 C C   . GLU A 1 224 ? 7.640   -13.080 8.449   1.00 14.06 ? 395 GLU A C   1 
ATOM   1648 O O   . GLU A 1 224 ? 7.560   -14.129 9.086   1.00 18.43 ? 395 GLU A O   1 
ATOM   1649 C CB  . GLU A 1 224 ? 7.204   -13.887 6.129   1.00 18.43 ? 395 GLU A CB  1 
ATOM   1650 C CG  . GLU A 1 224 ? 6.105   -14.062 5.103   1.00 18.43 ? 395 GLU A CG  1 
ATOM   1651 C CD  . GLU A 1 224 ? 6.440   -15.075 4.027   1.00 18.43 ? 395 GLU A CD  1 
ATOM   1652 O OE1 . GLU A 1 224 ? 7.632   -15.489 3.905   1.00 18.43 ? 395 GLU A OE1 1 
ATOM   1653 O OE2 . GLU A 1 224 ? 5.489   -15.449 3.294   1.00 18.43 ? 395 GLU A OE2 1 
ATOM   1654 N N   . ASP A 1 225 ? 8.453   -12.086 8.791   1.00 12.54 ? 396 ASP A N   1 
ATOM   1655 C CA  . ASP A 1 225 ? 9.268   -12.129 10.003  1.00 12.54 ? 396 ASP A CA  1 
ATOM   1656 C C   . ASP A 1 225 ? 9.718   -10.702 10.306  1.00 12.54 ? 396 ASP A C   1 
ATOM   1657 O O   . ASP A 1 225 ? 10.849  -10.296 10.017  1.00 14.97 ? 396 ASP A O   1 
ATOM   1658 C CB  . ASP A 1 225 ? 10.477  -13.052 9.837   1.00 14.97 ? 396 ASP A CB  1 
ATOM   1659 C CG  . ASP A 1 225 ? 11.317  -13.159 11.112  1.00 14.97 ? 396 ASP A CG  1 
ATOM   1660 O OD1 . ASP A 1 225 ? 11.029  -12.462 12.116  1.00 14.97 ? 396 ASP A OD1 1 
ATOM   1661 O OD2 . ASP A 1 225 ? 12.271  -13.960 11.119  1.00 14.97 ? 396 ASP A OD2 1 
ATOM   1662 N N   . PRO A 1 226 ? 8.849   -9.944  10.960  1.00 4.03  ? 397 PRO A N   1 
ATOM   1663 C CA  . PRO A 1 226 ? 9.135   -8.560  11.303  1.00 4.03  ? 397 PRO A CA  1 
ATOM   1664 C C   . PRO A 1 226 ? 10.493  -8.389  11.965  1.00 4.03  ? 397 PRO A C   1 
ATOM   1665 O O   . PRO A 1 226 ? 11.126  -7.347  11.821  1.00 12.17 ? 397 PRO A O   1 
ATOM   1666 C CB  . PRO A 1 226 ? 7.990   -8.215  12.237  1.00 12.17 ? 397 PRO A CB  1 
ATOM   1667 C CG  . PRO A 1 226 ? 6.868   -9.050  11.686  1.00 12.17 ? 397 PRO A CG  1 
ATOM   1668 C CD  . PRO A 1 226 ? 7.547   -10.365 11.489  1.00 12.17 ? 397 PRO A CD  1 
ATOM   1669 N N   . THR A 1 227 ? 10.979  -9.422  12.642  1.00 7.26  ? 398 THR A N   1 
ATOM   1670 C CA  . THR A 1 227 ? 12.266  -9.319  13.305  1.00 7.26  ? 398 THR A CA  1 
ATOM   1671 C C   . THR A 1 227 ? 13.352  -8.925  12.333  1.00 7.26  ? 398 THR A C   1 
ATOM   1672 O O   . THR A 1 227 ? 14.331  -8.314  12.726  1.00 25.94 ? 398 THR A O   1 
ATOM   1673 C CB  . THR A 1 227 ? 12.659  -10.619 13.975  1.00 25.94 ? 398 THR A CB  1 
ATOM   1674 O OG1 . THR A 1 227 ? 11.618  -11.031 14.871  1.00 25.94 ? 398 THR A OG1 1 
ATOM   1675 C CG2 . THR A 1 227 ? 13.951  -10.439 14.734  1.00 25.94 ? 398 THR A CG2 1 
ATOM   1676 N N   . ARG A 1 228 ? 13.183  -9.261  11.060  1.00 27.16 ? 399 ARG A N   1 
ATOM   1677 C CA  . ARG A 1 228 ? 14.182  -8.915  10.059  1.00 27.16 ? 399 ARG A CA  1 
ATOM   1678 C C   . ARG A 1 228 ? 14.385  -7.399  9.960   1.00 27.16 ? 399 ARG A C   1 
ATOM   1679 O O   . ARG A 1 228 ? 15.463  -6.937  9.570   1.00 21.70 ? 399 ARG A O   1 
ATOM   1680 C CB  . ARG A 1 228 ? 13.812  -9.497  8.699   1.00 21.70 ? 399 ARG A CB  1 
ATOM   1681 C CG  . ARG A 1 228 ? 14.211  -10.946 8.475   1.00 21.70 ? 399 ARG A CG  1 
ATOM   1682 C CD  . ARG A 1 228 ? 13.396  -11.441 7.305   1.00 21.70 ? 399 ARG A CD  1 
ATOM   1683 N NE  . ARG A 1 228 ? 13.975  -12.526 6.517   1.00 21.70 ? 399 ARG A NE  1 
ATOM   1684 C CZ  . ARG A 1 228 ? 14.911  -12.352 5.595   1.00 21.70 ? 399 ARG A CZ  1 
ATOM   1685 N NH1 . ARG A 1 228 ? 15.390  -11.149 5.369   1.00 21.70 ? 399 ARG A NH1 1 
ATOM   1686 N NH2 . ARG A 1 228 ? 15.262  -13.349 4.802   1.00 21.70 ? 399 ARG A NH2 1 
ATOM   1687 N N   . LEU A 1 229 ? 13.375  -6.617  10.333  1.00 12.60 ? 400 LEU A N   1 
ATOM   1688 C CA  . LEU A 1 229 ? 13.514  -5.162  10.294  1.00 12.60 ? 400 LEU A CA  1 
ATOM   1689 C C   . LEU A 1 229 ? 14.637  -4.736  11.236  1.00 12.60 ? 400 LEU A C   1 
ATOM   1690 O O   . LEU A 1 229 ? 15.389  -3.808  10.964  1.00 26.11 ? 400 LEU A O   1 
ATOM   1691 C CB  . LEU A 1 229 ? 12.221  -4.484  10.743  1.00 26.11 ? 400 LEU A CB  1 
ATOM   1692 C CG  . LEU A 1 229 ? 11.059  -4.579  9.767   1.00 26.11 ? 400 LEU A CG  1 
ATOM   1693 C CD1 . LEU A 1 229 ? 9.770   -4.162  10.448  1.00 26.11 ? 400 LEU A CD1 1 
ATOM   1694 C CD2 . LEU A 1 229 ? 11.352  -3.729  8.546   1.00 26.11 ? 400 LEU A CD2 1 
ATOM   1695 N N   . LEU A 1 230 ? 14.747  -5.449  12.342  1.00 14.41 ? 401 LEU A N   1 
ATOM   1696 C CA  . LEU A 1 230 ? 15.717  -5.148  13.362  1.00 14.41 ? 401 LEU A CA  1 
ATOM   1697 C C   . LEU A 1 230 ? 17.127  -5.570  13.019  1.00 14.41 ? 401 LEU A C   1 
ATOM   1698 O O   . LEU A 1 230 ? 18.076  -4.843  13.282  1.00 38.99 ? 401 LEU A O   1 
ATOM   1699 C CB  . LEU A 1 230 ? 15.269  -5.826  14.651  1.00 38.99 ? 401 LEU A CB  1 
ATOM   1700 C CG  . LEU A 1 230 ? 16.147  -5.667  15.872  1.00 38.99 ? 401 LEU A CG  1 
ATOM   1701 C CD1 . LEU A 1 230 ? 16.223  -4.205  16.275  1.00 38.99 ? 401 LEU A CD1 1 
ATOM   1702 C CD2 . LEU A 1 230 ? 15.559  -6.505  16.992  1.00 38.99 ? 401 LEU A CD2 1 
ATOM   1703 N N   . LEU A 1 231 ? 17.258  -6.760  12.461  1.00 13.47 ? 402 LEU A N   1 
ATOM   1704 C CA  . LEU A 1 231 ? 18.574  -7.308  12.140  1.00 13.47 ? 402 LEU A CA  1 
ATOM   1705 C C   . LEU A 1 231 ? 19.123  -6.750  10.827  1.00 13.47 ? 402 LEU A C   1 
ATOM   1706 O O   . LEU A 1 231 ? 20.321  -6.829  10.555  1.00 28.10 ? 402 LEU A O   1 
ATOM   1707 C CB  . LEU A 1 231 ? 18.488  -8.831  12.031  1.00 28.10 ? 402 LEU A CB  1 
ATOM   1708 C CG  . LEU A 1 231 ? 17.896  -9.648  13.169  1.00 28.10 ? 402 LEU A CG  1 
ATOM   1709 C CD1 . LEU A 1 231 ? 17.729  -11.064 12.704  1.00 28.10 ? 402 LEU A CD1 1 
ATOM   1710 C CD2 . LEU A 1 231 ? 18.793  -9.615  14.363  1.00 28.10 ? 402 LEU A CD2 1 
ATOM   1711 N N   . ASP A 1 232 ? 18.195  -6.301  9.991   1.00 18.14 ? 403 ASP A N   1 
ATOM   1712 C CA  . ASP A 1 232 ? 18.490  -5.730  8.700   1.00 18.14 ? 403 ASP A CA  1 
ATOM   1713 C C   . ASP A 1 232 ? 19.110  -6.790  7.770   1.00 18.14 ? 403 ASP A C   1 
ATOM   1714 O O   . ASP A 1 232 ? 20.267  -6.655  7.337   1.00 63.26 ? 403 ASP A O   1 
ATOM   1715 C CB  . ASP A 1 232 ? 19.382  -4.488  8.878   1.00 63.26 ? 403 ASP A CB  1 
ATOM   1716 C CG  . ASP A 1 232 ? 19.469  -3.665  7.637   1.00 63.26 ? 403 ASP A CG  1 
ATOM   1717 O OD1 . ASP A 1 232 ? 18.811  -2.603  7.584   1.00 63.26 ? 403 ASP A OD1 1 
ATOM   1718 O OD2 . ASP A 1 232 ? 20.183  -4.112  6.696   1.00 63.26 ? 403 ASP A OD2 1 
ATOM   1719 N N   . VAL A 1 233 ? 18.390  -7.894  7.603   1.00 26.22 ? 404 VAL A N   1 
ATOM   1720 C CA  . VAL A 1 233 ? 18.786  -9.021  6.747   1.00 26.22 ? 404 VAL A CA  1 
ATOM   1721 C C   . VAL A 1 233 ? 17.559  -9.428  5.911   1.00 26.22 ? 404 VAL A C   1 
ATOM   1722 O O   . VAL A 1 233 ? 17.716  -10.022 4.819   1.00 40.50 ? 404 VAL A O   1 
ATOM   1723 C CB  . VAL A 1 233 ? 19.293  -10.268 7.545   1.00 40.50 ? 404 VAL A CB  1 
ATOM   1724 C CG1 . VAL A 1 233 ? 20.647  -10.033 8.108   1.00 40.50 ? 404 VAL A CG1 1 
ATOM   1725 C CG2 . VAL A 1 233 ? 18.334  -10.636 8.674   1.00 40.50 ? 404 VAL A CG2 1 
ATOM   1726 O OXT . VAL A 1 233 ? 16.455  -9.004  6.320   1.00 40.50 ? 404 VAL A OXT 1 
HETATM 1727 S S   . SO4 B 2 .   ? -2.718  1.122   -22.140 0.33 65.00 ? 421 SO4 A S   1 
HETATM 1728 O O1  . SO4 B 2 .   ? -1.772  0.819   -21.060 0.33 65.00 ? 421 SO4 A O1  1 
HETATM 1729 O O2  . SO4 B 2 .   ? -3.773  0.014   -22.207 0.33 65.00 ? 421 SO4 A O2  1 
HETATM 1730 O O3  . SO4 B 2 .   ? -3.512  2.432   -21.898 0.33 65.00 ? 421 SO4 A O3  1 
HETATM 1731 O O4  . SO4 B 2 .   ? -1.972  1.277   -23.470 0.33 65.00 ? 421 SO4 A O4  1 
HETATM 1732 O O   . HOH C 3 .   ? 4.097   -19.607 9.927   1.00 19.77 ? 405 HOH A O   1 
HETATM 1733 O O   . HOH C 3 .   ? -6.949  -19.375 -4.011  1.00 23.22 ? 406 HOH A O   1 
HETATM 1734 O O   . HOH C 3 .   ? 8.733   -12.430 14.023  1.00 39.35 ? 407 HOH A O   1 
HETATM 1735 O O   . HOH C 3 .   ? 9.483   -7.862  -20.055 1.00 33.06 ? 408 HOH A O   1 
HETATM 1736 O O   . HOH C 3 .   ? 13.146  -5.703  -17.235 1.00 26.72 ? 409 HOH A O   1 
HETATM 1737 O O   . HOH C 3 .   ? 4.313   -22.469 9.141   1.00 39.10 ? 410 HOH A O   1 
HETATM 1738 O O   . HOH C 3 .   ? 13.612  3.754   10.083  1.00 44.65 ? 411 HOH A O   1 
HETATM 1739 O O   . HOH C 3 .   ? -5.144  -12.803 -1.349  1.00 16.21 ? 412 HOH A O   1 
HETATM 1740 O O   . HOH C 3 .   ? 7.063   -11.624 -8.631  1.00 26.91 ? 413 HOH A O   1 
HETATM 1741 O O   . HOH C 3 .   ? 12.331  0.702   8.568   1.00 53.11 ? 414 HOH A O   1 
HETATM 1742 O O   . HOH C 3 .   ? 3.276   -24.164 -1.355  1.00 32.16 ? 415 HOH A O   1 
HETATM 1743 O O   . HOH C 3 .   ? -0.786  -19.323 -6.073  1.00 29.22 ? 416 HOH A O   1 
HETATM 1744 O O   . HOH C 3 .   ? -0.033  1.987   -18.899 1.00 45.39 ? 417 HOH A O   1 
HETATM 1745 O O   . HOH C 3 .   ? -15.819 5.898   -10.108 1.00 48.34 ? 418 HOH A O   1 
HETATM 1746 O O   . HOH C 3 .   ? -19.393 6.243   0.888   1.00 53.09 ? 419 HOH A O   1 
HETATM 1747 O O   . HOH C 3 .   ? -8.333  -8.248  15.492  1.00 47.59 ? 420 HOH A O   1 
# 
